data_2LEZ
#
_entry.id   2LEZ
#
_entity_poly.entity_id   1
_entity_poly.type   'polypeptide(L)'
_entity_poly.pdbx_seq_one_letter_code
;GAGTSAAMRQATSPKTILEYIINFFTCGGIRRRNETQYQELIETMAETLKSTMPDRGAPLPENIILDDMDGCRVEFNLPG
ENNEAGQVIVRVSKGDHSETREIPLASFEKICRALLFRCEFSLPQDSVILTAQGGMNLKGAVLTG
;
_entity_poly.pdbx_strand_id   A
#
# COMPACT_ATOMS: atom_id res chain seq x y z
N GLY A 1 20.36 -3.14 24.65
CA GLY A 1 19.61 -1.90 24.45
C GLY A 1 18.22 -2.15 23.88
N ALA A 2 17.35 -1.11 23.94
CA ALA A 2 16.00 -1.14 23.37
C ALA A 2 16.04 -0.73 21.88
N GLY A 3 16.36 -1.72 21.01
CA GLY A 3 16.44 -1.51 19.56
C GLY A 3 15.66 -2.55 18.78
N THR A 4 14.69 -3.21 19.45
CA THR A 4 13.81 -4.23 18.83
C THR A 4 12.40 -3.67 18.55
N SER A 5 12.30 -2.40 18.10
CA SER A 5 11.00 -1.75 17.81
C SER A 5 10.48 -2.21 16.44
N ALA A 6 11.34 -2.09 15.41
CA ALA A 6 11.06 -2.59 14.05
C ALA A 6 11.05 -4.14 14.04
N ALA A 7 11.93 -4.73 14.88
CA ALA A 7 12.03 -6.20 15.07
C ALA A 7 10.73 -6.78 15.69
N MET A 8 10.07 -5.98 16.55
CA MET A 8 8.77 -6.33 17.15
C MET A 8 7.66 -6.27 16.08
N ARG A 9 7.68 -5.18 15.30
CA ARG A 9 6.67 -4.91 14.24
C ARG A 9 6.69 -5.97 13.13
N GLN A 10 7.91 -6.42 12.77
CA GLN A 10 8.12 -7.33 11.62
C GLN A 10 7.60 -8.76 11.89
N ALA A 11 7.20 -9.08 13.14
CA ALA A 11 6.68 -10.43 13.54
C ALA A 11 5.59 -11.00 12.58
N THR A 12 4.89 -10.12 11.84
CA THR A 12 3.90 -10.49 10.82
C THR A 12 4.58 -11.02 9.51
N SER A 13 3.85 -11.82 8.71
CA SER A 13 4.35 -12.37 7.42
C SER A 13 4.11 -11.35 6.30
N PRO A 14 5.07 -11.20 5.32
CA PRO A 14 4.94 -10.26 4.15
C PRO A 14 3.75 -10.63 3.21
N LYS A 15 3.32 -11.90 3.29
CA LYS A 15 2.27 -12.46 2.43
C LYS A 15 0.92 -12.07 3.02
N THR A 16 0.84 -12.24 4.35
CA THR A 16 -0.27 -11.79 5.18
C THR A 16 -0.51 -10.27 5.02
N ILE A 17 0.59 -9.49 5.02
CA ILE A 17 0.55 -8.03 4.88
C ILE A 17 0.04 -7.67 3.49
N LEU A 18 0.56 -8.39 2.47
CA LEU A 18 0.14 -8.25 1.07
C LEU A 18 -1.38 -8.51 0.97
N GLU A 19 -1.87 -9.58 1.64
CA GLU A 19 -3.28 -9.98 1.59
C GLU A 19 -4.21 -8.90 2.15
N TYR A 20 -3.84 -8.28 3.31
CA TYR A 20 -4.71 -7.25 3.93
C TYR A 20 -4.69 -5.94 3.09
N ILE A 21 -3.56 -5.71 2.38
CA ILE A 21 -3.46 -4.62 1.38
C ILE A 21 -4.47 -4.85 0.24
N ILE A 22 -4.53 -6.11 -0.27
CA ILE A 22 -5.48 -6.53 -1.32
C ILE A 22 -6.93 -6.32 -0.83
N ASN A 23 -7.18 -6.79 0.42
CA ASN A 23 -8.48 -6.70 1.09
C ASN A 23 -8.91 -5.25 1.28
N PHE A 24 -7.92 -4.35 1.47
CA PHE A 24 -8.17 -2.90 1.58
C PHE A 24 -8.71 -2.33 0.26
N PHE A 25 -7.94 -2.52 -0.83
CA PHE A 25 -8.25 -1.95 -2.16
C PHE A 25 -9.51 -2.58 -2.79
N THR A 26 -9.92 -3.78 -2.30
CA THR A 26 -11.18 -4.41 -2.72
C THR A 26 -12.36 -3.93 -1.84
N CYS A 27 -12.25 -4.14 -0.50
CA CYS A 27 -13.25 -3.63 0.49
C CYS A 27 -12.57 -3.38 1.85
N GLY A 28 -12.29 -2.10 2.17
CA GLY A 28 -11.65 -1.70 3.43
C GLY A 28 -12.60 -0.93 4.32
N GLY A 29 -12.65 -1.27 5.63
CA GLY A 29 -13.52 -0.57 6.59
C GLY A 29 -14.44 -1.52 7.36
N ILE A 30 -13.86 -2.64 7.85
CA ILE A 30 -14.57 -3.59 8.73
C ILE A 30 -14.41 -3.12 10.20
N ARG A 31 -15.37 -3.46 11.07
CA ARG A 31 -15.42 -2.94 12.46
C ARG A 31 -15.17 -4.06 13.51
N ARG A 32 -14.25 -4.99 13.21
CA ARG A 32 -13.77 -6.01 14.18
C ARG A 32 -12.34 -5.64 14.66
N ARG A 33 -11.32 -5.99 13.83
CA ARG A 33 -9.88 -5.70 14.11
C ARG A 33 -9.21 -4.99 12.92
N ASN A 34 -10.05 -4.52 12.00
CA ASN A 34 -9.62 -4.00 10.68
C ASN A 34 -9.13 -2.54 10.80
N GLU A 35 -9.76 -1.81 11.74
CA GLU A 35 -9.71 -0.34 11.83
C GLU A 35 -8.28 0.17 12.01
N THR A 36 -7.58 -0.34 13.04
CA THR A 36 -6.23 0.10 13.43
C THR A 36 -5.17 -0.28 12.36
N GLN A 37 -5.18 -1.57 11.98
CA GLN A 37 -4.19 -2.16 11.04
C GLN A 37 -4.23 -1.45 9.67
N TYR A 38 -5.46 -1.24 9.19
CA TYR A 38 -5.70 -0.57 7.92
C TYR A 38 -5.49 0.94 8.04
N GLN A 39 -5.76 1.52 9.24
CA GLN A 39 -5.55 2.97 9.50
C GLN A 39 -4.08 3.36 9.27
N GLU A 40 -3.18 2.47 9.75
CA GLU A 40 -1.73 2.63 9.56
C GLU A 40 -1.38 2.65 8.06
N LEU A 41 -2.07 1.80 7.28
CA LEU A 41 -1.93 1.77 5.80
C LEU A 41 -2.40 3.13 5.20
N ILE A 42 -3.60 3.62 5.65
CA ILE A 42 -4.20 4.89 5.16
C ILE A 42 -3.21 6.04 5.31
N GLU A 43 -2.69 6.24 6.54
CA GLU A 43 -1.86 7.40 6.88
C GLU A 43 -0.48 7.31 6.20
N THR A 44 0.15 6.11 6.23
CA THR A 44 1.48 5.90 5.62
C THR A 44 1.45 6.21 4.11
N MET A 45 0.45 5.64 3.40
CA MET A 45 0.26 5.86 1.97
C MET A 45 -0.12 7.33 1.67
N ALA A 46 -1.14 7.85 2.38
CA ALA A 46 -1.66 9.23 2.17
C ALA A 46 -0.53 10.27 2.23
N GLU A 47 0.35 10.11 3.24
CA GLU A 47 1.47 11.01 3.49
C GLU A 47 2.56 10.89 2.40
N THR A 48 2.99 9.64 2.08
CA THR A 48 4.07 9.40 1.08
C THR A 48 3.63 9.84 -0.34
N LEU A 49 2.31 9.72 -0.60
CA LEU A 49 1.69 10.13 -1.87
C LEU A 49 1.67 11.66 -1.98
N LYS A 50 1.01 12.35 -1.03
CA LYS A 50 0.86 13.83 -1.05
C LYS A 50 2.25 14.53 -1.00
N SER A 51 3.25 13.83 -0.44
CA SER A 51 4.64 14.31 -0.33
C SER A 51 5.33 14.35 -1.72
N THR A 52 4.92 13.45 -2.63
CA THR A 52 5.42 13.40 -4.03
C THR A 52 4.35 13.91 -5.04
N MET A 53 3.21 14.38 -4.49
CA MET A 53 2.13 15.04 -5.27
C MET A 53 2.23 16.57 -5.10
N PRO A 54 1.75 17.40 -6.08
CA PRO A 54 1.58 18.85 -5.89
C PRO A 54 0.59 19.13 -4.73
N ASP A 55 -0.68 18.66 -4.86
CA ASP A 55 -1.67 18.69 -3.75
C ASP A 55 -2.53 17.42 -3.82
N ARG A 56 -3.49 17.40 -4.77
CA ARG A 56 -4.59 16.40 -4.85
C ARG A 56 -5.20 16.45 -6.27
N GLY A 57 -5.66 15.30 -6.79
CA GLY A 57 -6.39 15.22 -8.09
C GLY A 57 -5.49 15.08 -9.31
N ALA A 58 -4.24 15.55 -9.20
CA ALA A 58 -3.20 15.45 -10.24
C ALA A 58 -2.78 13.96 -10.48
N PRO A 59 -2.01 13.61 -11.58
CA PRO A 59 -1.56 12.22 -11.83
C PRO A 59 -0.70 11.65 -10.67
N LEU A 60 -1.30 10.70 -9.93
CA LEU A 60 -0.64 9.98 -8.81
C LEU A 60 0.60 9.16 -9.30
N PRO A 61 1.66 8.97 -8.43
CA PRO A 61 2.93 8.29 -8.82
C PRO A 61 2.70 6.81 -9.19
N GLU A 62 3.51 6.32 -10.16
CA GLU A 62 3.35 4.96 -10.71
C GLU A 62 4.02 3.92 -9.79
N ASN A 63 5.11 4.29 -9.11
CA ASN A 63 5.78 3.42 -8.13
C ASN A 63 5.63 4.05 -6.74
N ILE A 64 4.97 3.29 -5.83
CA ILE A 64 4.81 3.67 -4.42
C ILE A 64 5.69 2.73 -3.59
N ILE A 65 6.81 3.27 -3.08
CA ILE A 65 7.77 2.51 -2.27
C ILE A 65 7.38 2.63 -0.79
N LEU A 66 7.21 1.48 -0.14
CA LEU A 66 6.96 1.38 1.30
C LEU A 66 7.86 0.28 1.89
N ASP A 67 9.12 0.66 2.17
CA ASP A 67 10.17 -0.27 2.62
C ASP A 67 9.92 -0.79 4.06
N ASP A 68 9.20 0.01 4.85
CA ASP A 68 9.06 -0.20 6.32
C ASP A 68 7.69 -0.75 6.71
N MET A 69 6.97 -1.38 5.75
CA MET A 69 5.60 -1.89 6.00
C MET A 69 5.66 -3.23 6.73
N ASP A 70 5.63 -3.18 8.08
CA ASP A 70 5.72 -4.37 8.95
C ASP A 70 7.07 -5.08 8.74
N GLY A 71 8.13 -4.26 8.55
CA GLY A 71 9.48 -4.74 8.27
C GLY A 71 9.61 -5.40 6.90
N CYS A 72 8.64 -5.12 6.01
CA CYS A 72 8.57 -5.69 4.67
C CYS A 72 8.57 -4.55 3.64
N ARG A 73 9.39 -4.71 2.59
CA ARG A 73 9.48 -3.78 1.45
C ARG A 73 8.39 -4.14 0.44
N VAL A 74 7.42 -3.25 0.24
CA VAL A 74 6.37 -3.39 -0.80
C VAL A 74 6.46 -2.24 -1.81
N GLU A 75 6.42 -2.61 -3.09
CA GLU A 75 6.51 -1.71 -4.23
C GLU A 75 5.25 -1.87 -5.08
N PHE A 76 4.42 -0.82 -5.13
CA PHE A 76 3.20 -0.80 -5.94
C PHE A 76 3.54 -0.29 -7.35
N ASN A 77 3.38 -1.16 -8.35
CA ASN A 77 3.69 -0.86 -9.75
C ASN A 77 2.38 -0.66 -10.56
N LEU A 78 2.13 0.59 -10.95
CA LEU A 78 0.99 0.97 -11.79
C LEU A 78 1.35 0.78 -13.26
N PRO A 79 0.45 0.14 -14.08
CA PRO A 79 0.77 -0.21 -15.47
C PRO A 79 0.74 1.01 -16.42
N GLY A 80 1.53 0.91 -17.48
CA GLY A 80 1.62 1.93 -18.51
C GLY A 80 0.61 1.70 -19.63
N GLU A 81 0.60 2.61 -20.61
CA GLU A 81 -0.33 2.56 -21.75
C GLU A 81 -0.10 1.32 -22.65
N ASN A 82 1.16 0.83 -22.70
CA ASN A 82 1.51 -0.37 -23.49
C ASN A 82 1.26 -1.68 -22.74
N ASN A 83 0.87 -1.62 -21.44
CA ASN A 83 0.58 -2.81 -20.62
C ASN A 83 -0.82 -3.35 -20.97
N GLU A 84 -0.90 -4.66 -21.27
CA GLU A 84 -2.13 -5.32 -21.74
C GLU A 84 -3.04 -5.75 -20.57
N ALA A 85 -2.42 -6.04 -19.41
CA ALA A 85 -3.15 -6.48 -18.20
C ALA A 85 -4.03 -5.36 -17.62
N GLY A 86 -3.48 -4.13 -17.64
CA GLY A 86 -4.16 -2.95 -17.07
C GLY A 86 -4.44 -3.12 -15.58
N GLN A 87 -3.53 -3.81 -14.87
CA GLN A 87 -3.67 -4.12 -13.43
C GLN A 87 -2.41 -3.69 -12.68
N VAL A 88 -2.57 -3.47 -11.38
CA VAL A 88 -1.50 -3.06 -10.47
C VAL A 88 -0.75 -4.28 -9.94
N ILE A 89 0.57 -4.33 -10.18
CA ILE A 89 1.43 -5.43 -9.71
C ILE A 89 2.05 -4.99 -8.37
N VAL A 90 1.59 -5.62 -7.28
CA VAL A 90 2.10 -5.38 -5.92
C VAL A 90 3.24 -6.40 -5.63
N ARG A 91 4.39 -5.88 -5.18
CA ARG A 91 5.60 -6.67 -4.93
C ARG A 91 6.08 -6.46 -3.49
N VAL A 92 5.71 -7.38 -2.59
CA VAL A 92 6.18 -7.33 -1.18
C VAL A 92 7.32 -8.34 -1.01
N SER A 93 8.33 -7.98 -0.20
CA SER A 93 9.56 -8.75 -0.03
C SER A 93 10.11 -8.52 1.38
N LYS A 94 10.88 -9.49 1.89
CA LYS A 94 11.36 -9.47 3.27
C LYS A 94 12.57 -10.44 3.41
N GLY A 95 13.73 -9.99 2.89
CA GLY A 95 14.97 -10.76 2.93
C GLY A 95 14.92 -11.98 2.01
N ASP A 96 14.69 -13.16 2.60
CA ASP A 96 14.52 -14.44 1.87
C ASP A 96 13.11 -14.53 1.24
N HIS A 97 12.17 -13.78 1.84
CA HIS A 97 10.77 -13.74 1.41
C HIS A 97 10.59 -12.87 0.15
N SER A 98 9.67 -13.29 -0.71
CA SER A 98 9.21 -12.54 -1.88
C SER A 98 7.79 -13.01 -2.22
N GLU A 99 6.90 -12.06 -2.52
CA GLU A 99 5.49 -12.32 -2.82
C GLU A 99 5.02 -11.25 -3.81
N THR A 100 4.29 -11.69 -4.84
CA THR A 100 3.84 -10.83 -5.94
C THR A 100 2.40 -11.21 -6.31
N ARG A 101 1.56 -10.21 -6.53
CA ARG A 101 0.12 -10.39 -6.82
C ARG A 101 -0.39 -9.19 -7.63
N GLU A 102 -1.58 -9.32 -8.22
CA GLU A 102 -2.22 -8.23 -9.00
C GLU A 102 -3.57 -7.87 -8.40
N ILE A 103 -3.93 -6.60 -8.55
CA ILE A 103 -5.26 -6.05 -8.25
C ILE A 103 -5.74 -5.17 -9.42
N PRO A 104 -7.09 -5.04 -9.65
CA PRO A 104 -7.64 -4.11 -10.67
C PRO A 104 -7.14 -2.66 -10.47
N LEU A 105 -6.69 -2.04 -11.59
CA LEU A 105 -6.19 -0.65 -11.62
C LEU A 105 -7.27 0.33 -11.15
N ALA A 106 -8.54 0.02 -11.50
CA ALA A 106 -9.72 0.81 -11.13
C ALA A 106 -9.82 0.95 -9.60
N SER A 107 -9.66 -0.20 -8.89
CA SER A 107 -9.77 -0.26 -7.42
C SER A 107 -8.65 0.54 -6.75
N PHE A 108 -7.37 0.22 -7.08
CA PHE A 108 -6.19 0.86 -6.47
C PHE A 108 -6.24 2.37 -6.69
N GLU A 109 -6.46 2.77 -7.95
CA GLU A 109 -6.37 4.18 -8.35
C GLU A 109 -7.46 5.00 -7.68
N LYS A 110 -8.73 4.52 -7.70
CA LYS A 110 -9.89 5.25 -7.11
C LYS A 110 -9.69 5.45 -5.60
N ILE A 111 -9.11 4.42 -4.92
CA ILE A 111 -8.82 4.45 -3.48
C ILE A 111 -7.68 5.45 -3.19
N CYS A 112 -6.67 5.48 -4.07
CA CYS A 112 -5.50 6.38 -3.96
C CYS A 112 -5.90 7.85 -4.19
N ARG A 113 -6.88 8.07 -5.12
CA ARG A 113 -7.50 9.39 -5.36
C ARG A 113 -8.21 9.83 -4.07
N ALA A 114 -9.12 8.95 -3.61
CA ALA A 114 -9.97 9.15 -2.42
C ALA A 114 -9.13 9.30 -1.15
N LEU A 115 -7.90 8.74 -1.15
CA LEU A 115 -6.94 8.82 -0.04
C LEU A 115 -6.31 10.22 0.05
N LEU A 116 -5.93 10.75 -1.11
CA LEU A 116 -5.47 12.15 -1.25
C LEU A 116 -6.58 13.13 -0.81
N PHE A 117 -7.83 12.77 -1.15
CA PHE A 117 -9.03 13.57 -0.83
C PHE A 117 -9.43 13.37 0.65
N ARG A 118 -9.07 12.20 1.21
CA ARG A 118 -9.34 11.84 2.61
C ARG A 118 -8.43 12.67 3.54
N CYS A 119 -7.21 12.96 3.06
CA CYS A 119 -6.21 13.76 3.79
C CYS A 119 -6.70 15.20 4.07
N GLU A 120 -7.52 15.74 3.13
CA GLU A 120 -8.09 17.10 3.24
C GLU A 120 -9.18 17.14 4.34
N GLY A 1 20.79 2.08 22.28
CA GLY A 1 19.37 1.72 22.08
C GLY A 1 18.85 2.15 20.72
N ALA A 2 17.81 1.44 20.22
CA ALA A 2 17.11 1.79 18.97
C ALA A 2 15.77 2.47 19.32
N GLY A 3 15.76 3.82 19.28
CA GLY A 3 14.54 4.61 19.50
C GLY A 3 13.45 4.30 18.49
N THR A 4 13.87 4.05 17.23
CA THR A 4 13.01 3.50 16.17
C THR A 4 12.71 2.03 16.49
N SER A 5 11.59 1.78 17.17
CA SER A 5 11.18 0.44 17.59
C SER A 5 10.48 -0.28 16.42
N ALA A 6 11.31 -0.78 15.51
CA ALA A 6 10.90 -1.47 14.29
C ALA A 6 10.54 -2.94 14.59
N ALA A 7 11.03 -3.46 15.73
CA ALA A 7 10.85 -4.87 16.18
C ALA A 7 9.35 -5.28 16.20
N MET A 8 8.49 -4.36 16.69
CA MET A 8 7.02 -4.59 16.78
C MET A 8 6.38 -4.77 15.39
N ARG A 9 7.01 -4.15 14.38
CA ARG A 9 6.53 -4.18 13.00
C ARG A 9 7.02 -5.46 12.30
N GLN A 10 8.35 -5.67 12.33
CA GLN A 10 9.05 -6.74 11.57
C GLN A 10 8.65 -8.15 12.06
N ALA A 11 8.05 -8.21 13.26
CA ALA A 11 7.47 -9.44 13.82
C ALA A 11 6.37 -10.07 12.92
N THR A 12 5.68 -9.23 12.12
CA THR A 12 4.62 -9.66 11.19
C THR A 12 5.22 -10.07 9.81
N SER A 13 4.57 -11.03 9.12
CA SER A 13 5.07 -11.60 7.84
C SER A 13 4.51 -10.81 6.62
N PRO A 14 5.34 -10.60 5.53
CA PRO A 14 4.92 -9.89 4.29
C PRO A 14 3.75 -10.58 3.55
N LYS A 15 3.55 -11.89 3.83
CA LYS A 15 2.50 -12.71 3.23
C LYS A 15 1.12 -12.21 3.69
N THR A 16 0.91 -12.20 5.02
CA THR A 16 -0.37 -11.77 5.63
C THR A 16 -0.61 -10.26 5.43
N ILE A 17 0.50 -9.49 5.33
CA ILE A 17 0.45 -8.05 5.01
C ILE A 17 -0.14 -7.85 3.61
N LEU A 18 0.41 -8.61 2.63
CA LEU A 18 -0.07 -8.63 1.24
C LEU A 18 -1.56 -8.99 1.20
N GLU A 19 -1.95 -10.05 1.94
CA GLU A 19 -3.34 -10.51 2.00
C GLU A 19 -4.33 -9.40 2.40
N TYR A 20 -4.02 -8.63 3.49
CA TYR A 20 -4.92 -7.56 3.95
C TYR A 20 -4.84 -6.32 3.02
N ILE A 21 -3.71 -6.16 2.31
CA ILE A 21 -3.53 -5.11 1.27
C ILE A 21 -4.53 -5.36 0.12
N ILE A 22 -4.53 -6.60 -0.42
CA ILE A 22 -5.43 -7.00 -1.51
C ILE A 22 -6.90 -6.93 -1.03
N ASN A 23 -7.10 -7.38 0.22
CA ASN A 23 -8.40 -7.35 0.90
C ASN A 23 -8.90 -5.90 1.05
N PHE A 24 -7.96 -4.94 1.22
CA PHE A 24 -8.27 -3.50 1.36
C PHE A 24 -8.73 -2.89 0.02
N PHE A 25 -8.01 -3.21 -1.07
CA PHE A 25 -8.30 -2.62 -2.40
C PHE A 25 -9.58 -3.22 -3.03
N THR A 26 -9.93 -4.46 -2.65
CA THR A 26 -11.15 -5.13 -3.14
C THR A 26 -12.37 -4.88 -2.21
N CYS A 27 -12.12 -4.87 -0.88
CA CYS A 27 -13.18 -4.80 0.15
C CYS A 27 -12.66 -4.08 1.42
N GLY A 28 -13.40 -4.16 2.54
CA GLY A 28 -12.92 -3.63 3.84
C GLY A 28 -14.02 -2.92 4.61
N GLY A 29 -13.62 -2.07 5.57
CA GLY A 29 -14.56 -1.26 6.35
C GLY A 29 -15.26 -2.02 7.46
N ILE A 30 -14.63 -3.12 7.94
CA ILE A 30 -15.12 -3.84 9.12
C ILE A 30 -14.67 -3.07 10.39
N ARG A 31 -15.62 -2.46 11.10
CA ARG A 31 -15.34 -1.53 12.22
C ARG A 31 -15.02 -2.26 13.56
N ARG A 32 -14.67 -3.57 13.48
CA ARG A 32 -14.28 -4.35 14.66
C ARG A 32 -12.77 -4.21 14.93
N ARG A 33 -11.93 -5.02 14.24
CA ARG A 33 -10.43 -5.01 14.38
C ARG A 33 -9.75 -4.77 13.03
N ASN A 34 -10.55 -4.56 11.97
CA ASN A 34 -10.06 -4.35 10.58
C ASN A 34 -9.78 -2.85 10.34
N GLU A 35 -9.75 -2.06 11.43
CA GLU A 35 -9.54 -0.60 11.38
C GLU A 35 -8.06 -0.24 11.49
N THR A 36 -7.45 -0.59 12.65
CA THR A 36 -6.14 -0.06 13.08
C THR A 36 -4.98 -0.49 12.15
N GLN A 37 -4.92 -1.81 11.87
CA GLN A 37 -3.92 -2.43 10.96
C GLN A 37 -3.93 -1.75 9.58
N TYR A 38 -5.14 -1.37 9.15
CA TYR A 38 -5.38 -0.67 7.89
C TYR A 38 -5.06 0.82 8.03
N GLN A 39 -5.44 1.44 9.17
CA GLN A 39 -5.35 2.90 9.40
C GLN A 39 -3.91 3.38 9.20
N GLU A 40 -2.97 2.62 9.81
CA GLU A 40 -1.53 2.87 9.71
C GLU A 40 -1.08 2.87 8.24
N LEU A 41 -1.57 1.88 7.47
CA LEU A 41 -1.32 1.76 6.01
C LEU A 41 -1.87 3.00 5.26
N ILE A 42 -3.10 3.44 5.59
CA ILE A 42 -3.80 4.56 4.92
C ILE A 42 -3.00 5.86 5.03
N GLU A 43 -2.61 6.22 6.27
CA GLU A 43 -1.92 7.48 6.56
C GLU A 43 -0.44 7.44 6.08
N THR A 44 0.17 6.24 6.10
CA THR A 44 1.55 6.04 5.59
C THR A 44 1.58 6.11 4.04
N MET A 45 0.51 5.61 3.38
CA MET A 45 0.36 5.74 1.92
C MET A 45 0.16 7.21 1.57
N ALA A 46 -0.73 7.89 2.33
CA ALA A 46 -1.05 9.31 2.14
C ALA A 46 0.23 10.18 2.26
N GLU A 47 1.15 9.76 3.17
CA GLU A 47 2.47 10.38 3.33
C GLU A 47 3.34 10.20 2.07
N THR A 48 3.63 8.94 1.69
CA THR A 48 4.56 8.62 0.56
C THR A 48 4.03 9.15 -0.78
N LEU A 49 2.69 9.29 -0.88
CA LEU A 49 2.02 9.88 -2.03
C LEU A 49 2.26 11.39 -2.06
N LYS A 50 1.87 12.10 -0.97
CA LYS A 50 1.95 13.58 -0.90
C LYS A 50 3.40 14.09 -0.92
N SER A 51 4.36 13.18 -0.65
CA SER A 51 5.80 13.46 -0.74
C SER A 51 6.21 13.88 -2.18
N THR A 52 5.58 13.26 -3.18
CA THR A 52 5.84 13.52 -4.62
C THR A 52 4.65 14.27 -5.26
N MET A 53 3.44 14.02 -4.74
CA MET A 53 2.18 14.67 -5.20
C MET A 53 2.18 16.14 -4.73
N PRO A 54 1.91 17.13 -5.65
CA PRO A 54 1.73 18.54 -5.26
C PRO A 54 0.56 18.69 -4.26
N ASP A 55 -0.61 18.09 -4.58
CA ASP A 55 -1.76 18.02 -3.67
C ASP A 55 -2.62 16.77 -3.95
N ARG A 56 -3.45 16.81 -5.00
CA ARG A 56 -4.38 15.71 -5.34
C ARG A 56 -5.07 15.99 -6.68
N GLY A 57 -5.49 14.91 -7.37
CA GLY A 57 -6.12 15.02 -8.69
C GLY A 57 -5.13 15.01 -9.84
N ALA A 58 -3.85 15.32 -9.53
CA ALA A 58 -2.72 15.18 -10.47
C ALA A 58 -2.35 13.69 -10.66
N PRO A 59 -1.73 13.28 -11.82
CA PRO A 59 -1.22 11.91 -12.02
C PRO A 59 -0.23 11.48 -10.91
N LEU A 60 -0.73 10.64 -9.99
CA LEU A 60 0.04 10.07 -8.85
C LEU A 60 1.26 9.21 -9.32
N PRO A 61 2.26 8.89 -8.41
CA PRO A 61 3.45 8.07 -8.77
C PRO A 61 3.05 6.67 -9.26
N GLU A 62 3.75 6.17 -10.29
CA GLU A 62 3.48 4.85 -10.88
C GLU A 62 4.11 3.74 -10.04
N ASN A 63 4.94 4.12 -9.05
CA ASN A 63 5.49 3.17 -8.07
C ASN A 63 5.36 3.77 -6.67
N ILE A 64 4.60 3.08 -5.81
CA ILE A 64 4.32 3.53 -4.43
C ILE A 64 5.24 2.74 -3.48
N ILE A 65 6.20 3.43 -2.87
CA ILE A 65 7.21 2.83 -1.99
C ILE A 65 6.76 2.89 -0.54
N LEU A 66 6.53 1.70 0.04
CA LEU A 66 6.27 1.52 1.47
C LEU A 66 7.32 0.54 2.03
N ASP A 67 8.46 1.10 2.44
CA ASP A 67 9.66 0.32 2.83
C ASP A 67 9.51 -0.38 4.19
N ASP A 68 8.67 0.19 5.05
CA ASP A 68 8.59 -0.15 6.49
C ASP A 68 7.25 -0.82 6.85
N MET A 69 6.53 -1.39 5.86
CA MET A 69 5.17 -1.96 6.07
C MET A 69 5.23 -3.25 6.89
N ASP A 70 5.21 -3.09 8.23
CA ASP A 70 5.47 -4.19 9.18
C ASP A 70 6.83 -4.82 8.88
N GLY A 71 7.82 -3.94 8.63
CA GLY A 71 9.20 -4.33 8.31
C GLY A 71 9.38 -4.85 6.88
N CYS A 72 8.28 -4.89 6.10
CA CYS A 72 8.26 -5.41 4.73
C CYS A 72 8.33 -4.24 3.74
N ARG A 73 9.24 -4.34 2.77
CA ARG A 73 9.38 -3.36 1.69
C ARG A 73 8.46 -3.78 0.53
N VAL A 74 7.35 -3.05 0.36
CA VAL A 74 6.41 -3.26 -0.76
C VAL A 74 6.45 -2.07 -1.74
N GLU A 75 6.44 -2.41 -3.04
CA GLU A 75 6.43 -1.47 -4.15
C GLU A 75 5.22 -1.79 -5.04
N PHE A 76 4.26 -0.86 -5.10
CA PHE A 76 3.06 -1.01 -5.93
C PHE A 76 3.39 -0.53 -7.35
N ASN A 77 3.40 -1.49 -8.29
CA ASN A 77 3.77 -1.25 -9.70
C ASN A 77 2.51 -1.00 -10.52
N LEU A 78 2.28 0.26 -10.90
CA LEU A 78 1.12 0.65 -11.71
C LEU A 78 1.44 0.46 -13.19
N PRO A 79 0.43 0.05 -14.02
CA PRO A 79 0.61 -0.11 -15.46
C PRO A 79 0.59 1.26 -16.18
N GLY A 80 1.23 1.30 -17.34
CA GLY A 80 1.39 2.53 -18.11
C GLY A 80 0.56 2.52 -19.39
N GLU A 81 0.90 3.45 -20.30
CA GLU A 81 0.16 3.66 -21.57
C GLU A 81 0.28 2.45 -22.52
N ASN A 82 1.40 1.71 -22.42
CA ASN A 82 1.68 0.53 -23.26
C ASN A 82 0.97 -0.72 -22.70
N ASN A 83 0.46 -0.62 -21.46
CA ASN A 83 -0.20 -1.73 -20.77
C ASN A 83 -1.74 -1.62 -20.95
N GLU A 84 -2.28 -2.42 -21.88
CA GLU A 84 -3.73 -2.49 -22.15
C GLU A 84 -4.46 -3.33 -21.08
N ALA A 85 -3.68 -4.17 -20.36
CA ALA A 85 -4.18 -5.06 -19.29
C ALA A 85 -4.78 -4.25 -18.13
N GLY A 86 -4.12 -3.14 -17.79
CA GLY A 86 -4.59 -2.21 -16.75
C GLY A 86 -4.70 -2.85 -15.37
N GLN A 87 -3.60 -3.47 -14.89
CA GLN A 87 -3.56 -4.11 -13.56
C GLN A 87 -2.29 -3.72 -12.79
N VAL A 88 -2.46 -3.53 -11.47
CA VAL A 88 -1.39 -3.21 -10.52
C VAL A 88 -0.73 -4.49 -9.99
N ILE A 89 0.60 -4.52 -10.00
CA ILE A 89 1.39 -5.66 -9.48
C ILE A 89 2.02 -5.23 -8.14
N VAL A 90 1.55 -5.81 -7.04
CA VAL A 90 2.04 -5.48 -5.69
C VAL A 90 3.21 -6.43 -5.33
N ARG A 91 4.41 -5.84 -5.19
CA ARG A 91 5.63 -6.59 -4.85
C ARG A 91 5.95 -6.38 -3.36
N VAL A 92 5.48 -7.29 -2.49
CA VAL A 92 5.71 -7.21 -1.04
C VAL A 92 6.87 -8.16 -0.67
N SER A 93 8.05 -7.58 -0.45
CA SER A 93 9.31 -8.31 -0.24
C SER A 93 9.89 -7.96 1.14
N LYS A 94 10.87 -8.78 1.60
CA LYS A 94 11.46 -8.62 2.94
C LYS A 94 12.74 -9.49 3.03
N GLY A 95 13.83 -8.99 2.41
CA GLY A 95 15.14 -9.65 2.41
C GLY A 95 15.13 -10.94 1.58
N ASP A 96 14.75 -12.05 2.24
CA ASP A 96 14.66 -13.40 1.62
C ASP A 96 13.23 -13.64 1.10
N HIS A 97 12.24 -13.02 1.76
CA HIS A 97 10.81 -13.16 1.42
C HIS A 97 10.47 -12.32 0.20
N SER A 98 9.54 -12.82 -0.63
CA SER A 98 9.05 -12.13 -1.83
C SER A 98 7.68 -12.70 -2.22
N GLU A 99 6.63 -12.00 -1.79
CA GLU A 99 5.23 -12.31 -2.12
C GLU A 99 4.76 -11.27 -3.15
N THR A 100 4.06 -11.72 -4.19
CA THR A 100 3.62 -10.85 -5.29
C THR A 100 2.20 -11.24 -5.70
N ARG A 101 1.31 -10.24 -5.74
CA ARG A 101 -0.08 -10.41 -6.21
C ARG A 101 -0.40 -9.37 -7.27
N GLU A 102 -1.56 -9.53 -7.91
CA GLU A 102 -2.10 -8.58 -8.89
C GLU A 102 -3.51 -8.18 -8.45
N ILE A 103 -3.85 -6.92 -8.73
CA ILE A 103 -5.20 -6.34 -8.53
C ILE A 103 -5.54 -5.49 -9.77
N PRO A 104 -6.85 -5.24 -10.07
CA PRO A 104 -7.23 -4.31 -11.16
C PRO A 104 -6.76 -2.87 -10.84
N LEU A 105 -6.36 -2.11 -11.89
CA LEU A 105 -5.93 -0.71 -11.72
C LEU A 105 -7.08 0.12 -11.13
N ALA A 106 -8.31 -0.14 -11.61
CA ALA A 106 -9.54 0.57 -11.19
C ALA A 106 -9.70 0.66 -9.66
N SER A 107 -9.57 -0.50 -8.98
CA SER A 107 -9.72 -0.59 -7.50
C SER A 107 -8.66 0.26 -6.78
N PHE A 108 -7.37 0.00 -7.11
CA PHE A 108 -6.23 0.72 -6.52
C PHE A 108 -6.35 2.23 -6.78
N GLU A 109 -6.77 2.57 -8.00
CA GLU A 109 -6.83 3.95 -8.51
C GLU A 109 -7.81 4.77 -7.68
N LYS A 110 -9.06 4.31 -7.58
CA LYS A 110 -10.13 5.04 -6.87
C LYS A 110 -9.88 5.08 -5.34
N ILE A 111 -9.24 4.02 -4.80
CA ILE A 111 -8.83 3.98 -3.39
C ILE A 111 -7.70 5.01 -3.12
N CYS A 112 -6.69 5.03 -4.01
CA CYS A 112 -5.50 5.89 -3.87
C CYS A 112 -5.89 7.36 -4.04
N ARG A 113 -6.91 7.61 -4.89
CA ARG A 113 -7.54 8.92 -5.05
C ARG A 113 -8.23 9.31 -3.74
N ALA A 114 -9.00 8.37 -3.16
CA ALA A 114 -9.74 8.58 -1.89
C ALA A 114 -8.77 8.94 -0.74
N LEU A 115 -7.53 8.38 -0.78
CA LEU A 115 -6.46 8.69 0.18
C LEU A 115 -5.93 10.13 -0.03
N LEU A 116 -5.74 10.49 -1.32
CA LEU A 116 -5.31 11.84 -1.74
C LEU A 116 -6.37 12.92 -1.41
N PHE A 117 -7.66 12.52 -1.46
CA PHE A 117 -8.79 13.44 -1.21
C PHE A 117 -9.02 13.58 0.31
N ARG A 118 -8.70 12.50 1.06
CA ARG A 118 -8.68 12.50 2.54
C ARG A 118 -7.35 13.05 3.08
N CYS A 119 -6.36 13.27 2.20
CA CYS A 119 -5.06 13.85 2.60
C CYS A 119 -5.22 15.30 3.16
N GLU A 120 -6.37 15.94 2.85
CA GLU A 120 -6.72 17.27 3.43
C GLU A 120 -7.75 17.13 4.59
N GLY A 1 18.34 0.93 25.09
CA GLY A 1 18.48 0.34 23.74
C GLY A 1 17.86 1.22 22.67
N ALA A 2 16.82 0.71 21.98
CA ALA A 2 16.13 1.41 20.89
C ALA A 2 14.62 1.51 21.18
N GLY A 3 14.11 2.74 21.30
CA GLY A 3 12.70 2.99 21.66
C GLY A 3 11.74 2.90 20.47
N THR A 4 12.29 2.76 19.25
CA THR A 4 11.51 2.58 18.02
C THR A 4 10.63 1.32 18.08
N SER A 5 9.37 1.43 17.65
CA SER A 5 8.43 0.29 17.61
C SER A 5 8.48 -0.43 16.24
N ALA A 6 9.25 0.17 15.29
CA ALA A 6 9.45 -0.37 13.92
C ALA A 6 10.06 -1.78 13.95
N ALA A 7 11.08 -1.96 14.81
CA ALA A 7 11.83 -3.24 14.94
C ALA A 7 10.92 -4.40 15.37
N MET A 8 10.05 -4.15 16.35
CA MET A 8 9.05 -5.14 16.83
C MET A 8 8.01 -5.47 15.74
N ARG A 9 7.63 -4.44 14.99
CA ARG A 9 6.61 -4.55 13.92
C ARG A 9 7.11 -5.42 12.74
N GLN A 10 8.45 -5.46 12.55
CA GLN A 10 9.13 -6.28 11.51
C GLN A 10 8.91 -7.80 11.68
N ALA A 11 8.44 -8.22 12.87
CA ALA A 11 8.15 -9.65 13.17
C ALA A 11 7.03 -10.23 12.27
N THR A 12 6.21 -9.33 11.67
CA THR A 12 5.09 -9.73 10.80
C THR A 12 5.60 -10.24 9.42
N SER A 13 4.88 -11.21 8.83
CA SER A 13 5.23 -11.86 7.56
C SER A 13 4.65 -11.05 6.37
N PRO A 14 5.37 -10.99 5.18
CA PRO A 14 4.94 -10.18 4.01
C PRO A 14 3.72 -10.74 3.26
N LYS A 15 3.27 -11.95 3.66
CA LYS A 15 2.15 -12.65 3.02
C LYS A 15 0.85 -12.09 3.61
N THR A 16 0.84 -12.02 4.96
CA THR A 16 -0.16 -11.32 5.76
C THR A 16 -0.39 -9.88 5.23
N ILE A 17 0.75 -9.17 5.03
CA ILE A 17 0.75 -7.76 4.61
C ILE A 17 0.11 -7.62 3.24
N LEU A 18 0.54 -8.49 2.31
CA LEU A 18 0.03 -8.51 0.94
C LEU A 18 -1.49 -8.70 0.92
N GLU A 19 -1.98 -9.69 1.69
CA GLU A 19 -3.41 -10.05 1.73
C GLU A 19 -4.28 -8.86 2.18
N TYR A 20 -3.85 -8.17 3.26
CA TYR A 20 -4.66 -7.06 3.83
C TYR A 20 -4.54 -5.77 2.96
N ILE A 21 -3.44 -5.68 2.19
CA ILE A 21 -3.30 -4.66 1.12
C ILE A 21 -4.41 -4.87 0.06
N ILE A 22 -4.54 -6.14 -0.41
CA ILE A 22 -5.56 -6.55 -1.39
C ILE A 22 -6.95 -6.19 -0.85
N ASN A 23 -7.22 -6.60 0.41
CA ASN A 23 -8.51 -6.39 1.10
C ASN A 23 -8.93 -4.91 1.09
N PHE A 24 -8.00 -4.01 1.45
CA PHE A 24 -8.26 -2.56 1.49
C PHE A 24 -8.61 -2.01 0.08
N PHE A 25 -7.79 -2.37 -0.92
CA PHE A 25 -7.94 -1.87 -2.30
C PHE A 25 -9.02 -2.63 -3.10
N THR A 26 -9.67 -3.64 -2.48
CA THR A 26 -10.86 -4.31 -3.05
C THR A 26 -12.13 -3.93 -2.23
N CYS A 27 -12.30 -4.53 -1.03
CA CYS A 27 -13.47 -4.33 -0.16
C CYS A 27 -13.11 -4.59 1.31
N GLY A 28 -13.28 -3.56 2.17
CA GLY A 28 -13.09 -3.67 3.62
C GLY A 28 -14.37 -3.28 4.37
N GLY A 29 -14.23 -2.51 5.46
CA GLY A 29 -15.39 -2.04 6.25
C GLY A 29 -15.66 -2.89 7.47
N ILE A 30 -14.67 -3.71 7.88
CA ILE A 30 -14.72 -4.50 9.14
C ILE A 30 -14.15 -3.63 10.29
N ARG A 31 -14.98 -3.30 11.27
CA ARG A 31 -14.63 -2.36 12.37
C ARG A 31 -14.15 -3.10 13.63
N ARG A 32 -13.69 -4.36 13.48
CA ARG A 32 -13.20 -5.16 14.61
C ARG A 32 -11.69 -4.90 14.84
N ARG A 33 -10.86 -5.35 13.90
CA ARG A 33 -9.37 -5.23 13.94
C ARG A 33 -8.86 -4.40 12.75
N ASN A 34 -9.59 -4.49 11.63
CA ASN A 34 -9.17 -3.93 10.33
C ASN A 34 -9.00 -2.40 10.34
N GLU A 35 -9.56 -1.70 11.35
CA GLU A 35 -9.43 -0.22 11.43
C GLU A 35 -7.97 0.20 11.63
N THR A 36 -7.35 -0.22 12.75
CA THR A 36 -5.96 0.18 13.09
C THR A 36 -4.92 -0.43 12.13
N GLN A 37 -5.05 -1.76 11.85
CA GLN A 37 -4.06 -2.50 11.02
C GLN A 37 -3.98 -1.91 9.60
N TYR A 38 -5.14 -1.56 9.04
CA TYR A 38 -5.21 -0.92 7.70
C TYR A 38 -4.84 0.55 7.81
N GLN A 39 -5.10 1.20 8.97
CA GLN A 39 -4.80 2.64 9.19
C GLN A 39 -3.30 2.90 9.14
N GLU A 40 -2.49 1.86 9.45
CA GLU A 40 -1.02 1.85 9.20
C GLU A 40 -0.75 2.15 7.72
N LEU A 41 -1.44 1.38 6.85
CA LEU A 41 -1.38 1.52 5.39
C LEU A 41 -1.93 2.90 4.96
N ILE A 42 -3.05 3.36 5.60
CA ILE A 42 -3.71 4.64 5.26
C ILE A 42 -2.72 5.81 5.41
N GLU A 43 -2.08 5.91 6.58
CA GLU A 43 -1.15 7.03 6.88
C GLU A 43 0.12 6.94 6.01
N THR A 44 0.69 5.73 5.86
CA THR A 44 1.94 5.52 5.09
C THR A 44 1.75 5.90 3.59
N MET A 45 0.64 5.40 3.00
CA MET A 45 0.27 5.70 1.59
C MET A 45 -0.06 7.18 1.42
N ALA A 46 -1.04 7.69 2.22
CA ALA A 46 -1.53 9.09 2.14
C ALA A 46 -0.36 10.09 2.14
N GLU A 47 0.57 9.90 3.10
CA GLU A 47 1.77 10.73 3.24
C GLU A 47 2.68 10.63 2.00
N THR A 48 3.16 9.41 1.65
CA THR A 48 4.15 9.21 0.56
C THR A 48 3.64 9.75 -0.81
N LEU A 49 2.31 9.61 -1.02
CA LEU A 49 1.63 10.08 -2.23
C LEU A 49 1.62 11.62 -2.28
N LYS A 50 1.03 12.25 -1.24
CA LYS A 50 0.87 13.71 -1.15
C LYS A 50 2.24 14.44 -1.01
N SER A 51 3.29 13.69 -0.59
CA SER A 51 4.64 14.22 -0.43
C SER A 51 5.37 14.38 -1.79
N THR A 52 4.95 13.61 -2.81
CA THR A 52 5.52 13.74 -4.18
C THR A 52 4.56 14.51 -5.10
N MET A 53 3.28 14.61 -4.68
CA MET A 53 2.25 15.43 -5.36
C MET A 53 2.15 16.82 -4.69
N PRO A 54 1.59 17.86 -5.39
CA PRO A 54 1.26 19.15 -4.74
C PRO A 54 0.16 18.99 -3.67
N ASP A 55 -1.07 18.56 -4.09
CA ASP A 55 -2.18 18.20 -3.16
C ASP A 55 -3.10 17.13 -3.79
N ARG A 56 -3.99 17.59 -4.73
CA ARG A 56 -5.02 16.76 -5.41
C ARG A 56 -5.23 17.31 -6.83
N GLY A 57 -5.91 16.53 -7.70
CA GLY A 57 -6.13 16.91 -9.10
C GLY A 57 -4.94 16.60 -10.02
N ALA A 58 -3.75 16.56 -9.41
CA ALA A 58 -2.50 16.14 -10.06
C ALA A 58 -2.47 14.59 -10.17
N PRO A 59 -1.72 14.02 -11.17
CA PRO A 59 -1.54 12.56 -11.28
C PRO A 59 -0.64 12.01 -10.13
N LEU A 60 -0.98 10.83 -9.64
CA LEU A 60 -0.25 10.14 -8.54
C LEU A 60 0.94 9.31 -9.11
N PRO A 61 2.01 9.01 -8.28
CA PRO A 61 3.22 8.26 -8.76
C PRO A 61 2.88 6.83 -9.21
N GLU A 62 3.59 6.33 -10.23
CA GLU A 62 3.30 5.04 -10.88
C GLU A 62 3.93 3.88 -10.10
N ASN A 63 4.91 4.20 -9.23
CA ASN A 63 5.60 3.20 -8.41
C ASN A 63 5.70 3.75 -6.99
N ILE A 64 5.10 3.02 -6.02
CA ILE A 64 5.06 3.41 -4.60
C ILE A 64 5.90 2.42 -3.78
N ILE A 65 7.07 2.87 -3.29
CA ILE A 65 7.97 2.07 -2.44
C ILE A 65 7.62 2.31 -0.97
N LEU A 66 7.07 1.28 -0.32
CA LEU A 66 6.82 1.28 1.13
C LEU A 66 7.68 0.18 1.78
N ASP A 67 8.90 0.57 2.16
CA ASP A 67 9.93 -0.34 2.72
C ASP A 67 9.62 -0.76 4.17
N ASP A 68 8.72 0.00 4.83
CA ASP A 68 8.45 -0.13 6.28
C ASP A 68 6.96 -0.48 6.53
N MET A 69 6.33 -1.21 5.56
CA MET A 69 4.94 -1.69 5.70
C MET A 69 4.92 -2.91 6.63
N ASP A 70 4.89 -2.63 7.94
CA ASP A 70 5.05 -3.63 9.01
C ASP A 70 6.44 -4.31 8.90
N GLY A 71 7.43 -3.50 8.48
CA GLY A 71 8.80 -3.96 8.27
C GLY A 71 9.01 -4.69 6.95
N CYS A 72 7.92 -4.84 6.16
CA CYS A 72 7.92 -5.50 4.86
C CYS A 72 8.06 -4.45 3.75
N ARG A 73 8.95 -4.74 2.78
CA ARG A 73 9.24 -3.83 1.66
C ARG A 73 8.30 -4.19 0.49
N VAL A 74 7.19 -3.46 0.37
CA VAL A 74 6.25 -3.60 -0.77
C VAL A 74 6.49 -2.53 -1.83
N GLU A 75 6.35 -2.95 -3.09
CA GLU A 75 6.46 -2.11 -4.27
C GLU A 75 5.14 -2.21 -5.06
N PHE A 76 4.36 -1.12 -5.03
CA PHE A 76 3.11 -1.00 -5.80
C PHE A 76 3.46 -0.57 -7.23
N ASN A 77 3.17 -1.43 -8.20
CA ASN A 77 3.49 -1.20 -9.63
C ASN A 77 2.23 -0.94 -10.42
N LEU A 78 1.94 0.35 -10.64
CA LEU A 78 0.89 0.80 -11.56
C LEU A 78 1.35 0.53 -13.00
N PRO A 79 0.45 -0.05 -13.88
CA PRO A 79 0.83 -0.43 -15.24
C PRO A 79 1.03 0.81 -16.15
N GLY A 80 1.87 0.63 -17.15
CA GLY A 80 2.26 1.69 -18.07
C GLY A 80 1.50 1.66 -19.37
N GLU A 81 2.00 2.45 -20.34
CA GLU A 81 1.40 2.64 -21.68
C GLU A 81 1.37 1.32 -22.50
N ASN A 82 2.43 0.50 -22.34
CA ASN A 82 2.58 -0.78 -23.07
C ASN A 82 1.90 -1.94 -22.33
N ASN A 83 1.51 -1.72 -21.05
CA ASN A 83 0.93 -2.78 -20.21
C ASN A 83 -0.55 -2.98 -20.59
N GLU A 84 -0.86 -4.21 -21.02
CA GLU A 84 -2.21 -4.63 -21.39
C GLU A 84 -2.91 -5.33 -20.20
N ALA A 85 -2.18 -5.48 -19.08
CA ALA A 85 -2.70 -6.08 -17.83
C ALA A 85 -3.85 -5.25 -17.24
N GLY A 86 -3.68 -3.91 -17.29
CA GLY A 86 -4.66 -2.96 -16.72
C GLY A 86 -4.89 -3.16 -15.22
N GLN A 87 -3.84 -3.62 -14.50
CA GLN A 87 -3.92 -3.99 -13.07
C GLN A 87 -2.62 -3.62 -12.34
N VAL A 88 -2.75 -3.42 -11.04
CA VAL A 88 -1.65 -3.02 -10.14
C VAL A 88 -0.96 -4.26 -9.56
N ILE A 89 0.34 -4.40 -9.86
CA ILE A 89 1.15 -5.54 -9.38
C ILE A 89 1.79 -5.13 -8.03
N VAL A 90 1.26 -5.64 -6.92
CA VAL A 90 1.81 -5.40 -5.59
C VAL A 90 2.81 -6.53 -5.23
N ARG A 91 4.05 -6.15 -4.91
CA ARG A 91 5.12 -7.11 -4.59
C ARG A 91 5.68 -6.79 -3.20
N VAL A 92 5.28 -7.59 -2.20
CA VAL A 92 5.74 -7.39 -0.82
C VAL A 92 6.88 -8.39 -0.55
N SER A 93 8.10 -7.86 -0.63
CA SER A 93 9.36 -8.60 -0.43
C SER A 93 9.89 -8.34 0.99
N LYS A 94 10.73 -9.26 1.48
CA LYS A 94 11.29 -9.20 2.84
C LYS A 94 12.43 -10.24 2.97
N GLY A 95 13.65 -9.83 2.53
CA GLY A 95 14.83 -10.70 2.54
C GLY A 95 14.75 -11.83 1.51
N ASP A 96 14.57 -13.07 2.00
CA ASP A 96 14.44 -14.28 1.14
C ASP A 96 13.00 -14.42 0.61
N HIS A 97 12.07 -13.65 1.19
CA HIS A 97 10.65 -13.66 0.80
C HIS A 97 10.37 -12.62 -0.30
N SER A 98 9.43 -12.97 -1.20
CA SER A 98 8.88 -12.06 -2.22
C SER A 98 7.48 -12.57 -2.63
N GLU A 99 6.45 -11.97 -2.05
CA GLU A 99 5.04 -12.25 -2.36
C GLU A 99 4.59 -11.27 -3.45
N THR A 100 3.90 -11.77 -4.48
CA THR A 100 3.50 -10.95 -5.63
C THR A 100 2.08 -11.35 -6.08
N ARG A 101 1.16 -10.36 -6.10
CA ARG A 101 -0.26 -10.53 -6.47
C ARG A 101 -0.74 -9.23 -7.14
N GLU A 102 -1.91 -9.28 -7.82
CA GLU A 102 -2.49 -8.12 -8.51
C GLU A 102 -3.85 -7.73 -7.90
N ILE A 103 -4.20 -6.46 -8.12
CA ILE A 103 -5.51 -5.86 -7.81
C ILE A 103 -5.95 -5.02 -9.03
N PRO A 104 -7.28 -4.83 -9.28
CA PRO A 104 -7.77 -4.01 -10.42
C PRO A 104 -7.31 -2.55 -10.31
N LEU A 105 -6.77 -2.02 -11.43
CA LEU A 105 -6.24 -0.64 -11.51
C LEU A 105 -7.31 0.39 -11.12
N ALA A 106 -8.55 0.17 -11.59
CA ALA A 106 -9.69 1.06 -11.34
C ALA A 106 -9.94 1.24 -9.82
N SER A 107 -10.05 0.10 -9.10
CA SER A 107 -10.31 0.07 -7.65
C SER A 107 -9.16 0.71 -6.85
N PHE A 108 -7.91 0.26 -7.12
CA PHE A 108 -6.70 0.79 -6.42
C PHE A 108 -6.59 2.30 -6.62
N GLU A 109 -6.71 2.74 -7.89
CA GLU A 109 -6.55 4.14 -8.31
C GLU A 109 -7.53 5.03 -7.56
N LYS A 110 -8.82 4.65 -7.59
CA LYS A 110 -9.87 5.48 -6.98
C LYS A 110 -9.75 5.49 -5.44
N ILE A 111 -9.25 4.39 -4.83
CA ILE A 111 -9.00 4.31 -3.36
C ILE A 111 -7.81 5.21 -2.99
N CYS A 112 -6.76 5.16 -3.82
CA CYS A 112 -5.48 5.88 -3.61
C CYS A 112 -5.71 7.39 -3.72
N ARG A 113 -6.49 7.77 -4.74
CA ARG A 113 -6.85 9.18 -5.00
C ARG A 113 -7.98 9.65 -4.04
N ALA A 114 -8.81 8.70 -3.56
CA ALA A 114 -9.82 9.00 -2.50
C ALA A 114 -9.12 9.20 -1.15
N LEU A 115 -7.95 8.56 -0.98
CA LEU A 115 -7.11 8.75 0.21
C LEU A 115 -6.51 10.17 0.19
N LEU A 116 -6.03 10.55 -1.02
CA LEU A 116 -5.55 11.91 -1.33
C LEU A 116 -6.64 12.97 -1.11
N PHE A 117 -7.89 12.64 -1.46
CA PHE A 117 -9.04 13.53 -1.23
C PHE A 117 -9.37 13.64 0.27
N ARG A 118 -9.70 12.49 0.88
CA ARG A 118 -10.28 12.39 2.24
C ARG A 118 -9.29 12.77 3.36
N CYS A 119 -7.99 12.89 3.04
CA CYS A 119 -6.98 13.46 3.99
C CYS A 119 -7.23 14.97 4.22
N GLU A 120 -8.14 15.55 3.43
CA GLU A 120 -8.66 16.92 3.61
C GLU A 120 -10.20 16.86 3.54
N GLY A 1 9.72 -1.65 29.16
CA GLY A 1 8.26 -1.49 28.86
C GLY A 1 7.83 -2.26 27.62
N ALA A 2 6.63 -1.94 27.10
CA ALA A 2 6.10 -2.58 25.87
C ALA A 2 6.61 -1.83 24.61
N GLY A 3 7.93 -1.99 24.35
CA GLY A 3 8.57 -1.43 23.15
C GLY A 3 8.60 -2.44 22.02
N THR A 4 8.60 -3.74 22.38
CA THR A 4 8.60 -4.87 21.44
C THR A 4 7.17 -5.16 20.88
N SER A 5 6.25 -4.18 21.01
CA SER A 5 4.90 -4.24 20.44
C SER A 5 4.96 -3.85 18.94
N ALA A 6 5.84 -2.87 18.63
CA ALA A 6 6.19 -2.49 17.25
C ALA A 6 6.95 -3.64 16.57
N ALA A 7 7.84 -4.29 17.35
CA ALA A 7 8.63 -5.46 16.92
C ALA A 7 7.73 -6.68 16.64
N MET A 8 6.60 -6.75 17.37
CA MET A 8 5.60 -7.82 17.22
C MET A 8 4.81 -7.64 15.91
N ARG A 9 4.55 -6.38 15.54
CA ARG A 9 3.81 -6.03 14.30
C ARG A 9 4.67 -6.30 13.05
N GLN A 10 5.93 -5.84 13.10
CA GLN A 10 6.88 -5.99 11.99
C GLN A 10 7.37 -7.44 11.84
N ALA A 11 7.15 -8.28 12.88
CA ALA A 11 7.43 -9.73 12.85
C ALA A 11 6.53 -10.50 11.86
N THR A 12 5.38 -9.89 11.50
CA THR A 12 4.36 -10.52 10.62
C THR A 12 4.91 -10.72 9.17
N SER A 13 4.46 -11.81 8.50
CA SER A 13 4.99 -12.23 7.19
C SER A 13 4.42 -11.35 6.06
N PRO A 14 5.26 -11.01 5.01
CA PRO A 14 4.84 -10.17 3.85
C PRO A 14 3.70 -10.80 3.02
N LYS A 15 3.50 -12.14 3.17
CA LYS A 15 2.47 -12.88 2.44
C LYS A 15 1.07 -12.46 2.93
N THR A 16 0.85 -12.57 4.25
CA THR A 16 -0.45 -12.22 4.87
C THR A 16 -0.67 -10.67 4.86
N ILE A 17 0.44 -9.90 4.88
CA ILE A 17 0.39 -8.44 4.75
C ILE A 17 -0.10 -8.07 3.35
N LEU A 18 0.45 -8.76 2.33
CA LEU A 18 0.02 -8.63 0.93
C LEU A 18 -1.48 -8.92 0.80
N GLU A 19 -1.93 -10.02 1.45
CA GLU A 19 -3.34 -10.42 1.44
C GLU A 19 -4.27 -9.31 1.97
N TYR A 20 -3.91 -8.68 3.13
CA TYR A 20 -4.77 -7.63 3.74
C TYR A 20 -4.70 -6.31 2.91
N ILE A 21 -3.59 -6.12 2.17
CA ILE A 21 -3.45 -5.03 1.18
C ILE A 21 -4.49 -5.23 0.05
N ILE A 22 -4.59 -6.47 -0.46
CA ILE A 22 -5.56 -6.84 -1.52
C ILE A 22 -7.00 -6.62 -1.00
N ASN A 23 -7.25 -7.12 0.23
CA ASN A 23 -8.55 -7.02 0.93
C ASN A 23 -8.98 -5.56 1.12
N PHE A 24 -7.99 -4.69 1.36
CA PHE A 24 -8.22 -3.23 1.49
C PHE A 24 -8.71 -2.63 0.15
N PHE A 25 -7.95 -2.90 -0.93
CA PHE A 25 -8.23 -2.34 -2.26
C PHE A 25 -9.46 -2.99 -2.93
N THR A 26 -9.93 -4.15 -2.41
CA THR A 26 -11.17 -4.81 -2.91
C THR A 26 -12.39 -4.41 -2.05
N CYS A 27 -12.43 -4.84 -0.77
CA CYS A 27 -13.59 -4.62 0.14
C CYS A 27 -13.12 -4.42 1.61
N GLY A 28 -13.16 -3.17 2.10
CA GLY A 28 -12.80 -2.84 3.49
C GLY A 28 -14.01 -2.29 4.27
N GLY A 29 -13.77 -1.87 5.54
CA GLY A 29 -14.82 -1.26 6.38
C GLY A 29 -15.24 -2.11 7.57
N ILE A 30 -14.41 -3.12 7.94
CA ILE A 30 -14.65 -3.98 9.11
C ILE A 30 -14.27 -3.21 10.40
N ARG A 31 -15.25 -3.09 11.32
CA ARG A 31 -15.18 -2.19 12.49
C ARG A 31 -14.55 -2.84 13.74
N ARG A 32 -14.14 -4.12 13.63
CA ARG A 32 -13.69 -4.92 14.79
C ARG A 32 -12.25 -4.54 15.22
N ARG A 33 -11.24 -5.11 14.54
CA ARG A 33 -9.80 -4.88 14.83
C ARG A 33 -9.08 -4.38 13.57
N ASN A 34 -9.73 -4.57 12.41
CA ASN A 34 -9.18 -4.26 11.09
C ASN A 34 -8.95 -2.76 10.89
N GLU A 35 -9.77 -1.90 11.55
CA GLU A 35 -9.71 -0.44 11.35
C GLU A 35 -8.31 0.12 11.61
N THR A 36 -7.66 -0.27 12.72
CA THR A 36 -6.34 0.26 13.11
C THR A 36 -5.21 -0.30 12.19
N GLN A 37 -5.25 -1.64 11.97
CA GLN A 37 -4.29 -2.36 11.11
C GLN A 37 -4.25 -1.76 9.69
N TYR A 38 -5.45 -1.50 9.16
CA TYR A 38 -5.62 -0.91 7.84
C TYR A 38 -5.33 0.60 7.91
N GLN A 39 -5.67 1.26 9.05
CA GLN A 39 -5.50 2.74 9.21
C GLN A 39 -4.05 3.15 8.99
N GLU A 40 -3.12 2.28 9.46
CA GLU A 40 -1.68 2.46 9.24
C GLU A 40 -1.37 2.50 7.74
N LEU A 41 -1.97 1.57 6.98
CA LEU A 41 -1.85 1.50 5.50
C LEU A 41 -2.42 2.81 4.86
N ILE A 42 -3.64 3.25 5.33
CA ILE A 42 -4.32 4.47 4.82
C ILE A 42 -3.39 5.69 4.92
N GLU A 43 -2.91 5.95 6.14
CA GLU A 43 -2.15 7.18 6.45
C GLU A 43 -0.73 7.12 5.88
N THR A 44 -0.13 5.91 5.83
CA THR A 44 1.21 5.73 5.25
C THR A 44 1.20 6.07 3.74
N MET A 45 0.29 5.42 2.97
CA MET A 45 0.00 5.76 1.56
C MET A 45 -0.33 7.26 1.38
N ALA A 46 -1.32 7.76 2.14
CA ALA A 46 -1.81 9.16 2.06
C ALA A 46 -0.65 10.19 2.10
N GLU A 47 0.20 10.06 3.12
CA GLU A 47 1.31 11.01 3.38
C GLU A 47 2.46 10.80 2.37
N THR A 48 2.87 9.53 2.20
CA THR A 48 3.92 9.11 1.23
C THR A 48 3.64 9.61 -0.19
N LEU A 49 2.39 9.43 -0.62
CA LEU A 49 1.92 9.85 -1.94
C LEU A 49 1.89 11.39 -2.03
N LYS A 50 1.33 12.06 -0.99
CA LYS A 50 1.20 13.55 -0.97
C LYS A 50 2.60 14.23 -1.08
N SER A 51 3.64 13.52 -0.57
CA SER A 51 5.04 13.97 -0.63
C SER A 51 5.58 13.94 -2.08
N THR A 52 5.16 12.93 -2.86
CA THR A 52 5.64 12.75 -4.26
C THR A 52 4.60 13.27 -5.28
N MET A 53 3.42 13.68 -4.79
CA MET A 53 2.36 14.30 -5.61
C MET A 53 2.66 15.80 -5.80
N PRO A 54 2.31 16.40 -7.00
CA PRO A 54 2.36 17.86 -7.22
C PRO A 54 1.48 18.59 -6.19
N ASP A 55 0.24 18.08 -6.01
CA ASP A 55 -0.65 18.50 -4.91
C ASP A 55 -1.56 17.33 -4.55
N ARG A 56 -2.64 17.11 -5.36
CA ARG A 56 -3.70 16.08 -5.15
C ARG A 56 -4.62 16.04 -6.39
N GLY A 57 -5.22 14.85 -6.65
CA GLY A 57 -6.18 14.68 -7.76
C GLY A 57 -5.52 14.29 -9.09
N ALA A 58 -4.24 14.67 -9.25
CA ALA A 58 -3.44 14.36 -10.45
C ALA A 58 -3.06 12.85 -10.49
N PRO A 59 -2.67 12.28 -11.70
CA PRO A 59 -2.16 10.89 -11.80
C PRO A 59 -0.95 10.63 -10.86
N LEU A 60 -1.20 9.85 -9.79
CA LEU A 60 -0.18 9.44 -8.80
C LEU A 60 0.97 8.62 -9.46
N PRO A 61 2.23 8.64 -8.89
CA PRO A 61 3.44 8.05 -9.54
C PRO A 61 3.30 6.54 -9.81
N GLU A 62 4.16 6.03 -10.72
CA GLU A 62 4.09 4.64 -11.19
C GLU A 62 4.64 3.67 -10.14
N ASN A 63 5.58 4.16 -9.31
CA ASN A 63 6.25 3.35 -8.28
C ASN A 63 6.03 3.99 -6.90
N ILE A 64 5.38 3.25 -6.00
CA ILE A 64 5.11 3.67 -4.61
C ILE A 64 5.91 2.75 -3.67
N ILE A 65 6.93 3.33 -3.00
CA ILE A 65 7.76 2.60 -2.03
C ILE A 65 7.16 2.74 -0.63
N LEU A 66 6.74 1.60 -0.07
CA LEU A 66 6.31 1.50 1.34
C LEU A 66 7.13 0.43 2.06
N ASP A 67 8.34 0.78 2.51
CA ASP A 67 9.15 -0.15 3.34
C ASP A 67 8.63 -0.21 4.79
N ASP A 68 7.66 0.67 5.08
CA ASP A 68 7.02 0.79 6.40
C ASP A 68 5.79 -0.13 6.56
N MET A 69 5.57 -1.09 5.62
CA MET A 69 4.34 -1.93 5.64
C MET A 69 4.54 -3.15 6.55
N ASP A 70 4.44 -2.92 7.88
CA ASP A 70 4.56 -3.98 8.89
C ASP A 70 5.93 -4.69 8.78
N GLY A 71 6.99 -3.87 8.61
CA GLY A 71 8.37 -4.35 8.45
C GLY A 71 8.67 -4.92 7.07
N CYS A 72 7.71 -4.80 6.13
CA CYS A 72 7.84 -5.33 4.75
C CYS A 72 8.03 -4.18 3.76
N ARG A 73 8.96 -4.40 2.80
CA ARG A 73 9.29 -3.48 1.72
C ARG A 73 8.37 -3.76 0.51
N VAL A 74 7.33 -2.96 0.38
CA VAL A 74 6.36 -3.04 -0.72
C VAL A 74 6.73 -2.04 -1.83
N GLU A 75 6.44 -2.40 -3.08
CA GLU A 75 6.59 -1.54 -4.24
C GLU A 75 5.38 -1.73 -5.15
N PHE A 76 4.49 -0.71 -5.19
CA PHE A 76 3.33 -0.70 -6.09
C PHE A 76 3.78 -0.21 -7.46
N ASN A 77 3.73 -1.09 -8.47
CA ASN A 77 4.05 -0.76 -9.86
C ASN A 77 2.76 -0.60 -10.66
N LEU A 78 2.67 0.49 -11.42
CA LEU A 78 1.54 0.74 -12.33
C LEU A 78 1.94 0.29 -13.73
N PRO A 79 0.99 -0.34 -14.50
CA PRO A 79 1.22 -0.66 -15.92
C PRO A 79 1.08 0.60 -16.77
N GLY A 80 1.73 0.57 -17.92
CA GLY A 80 1.72 1.69 -18.85
C GLY A 80 0.51 1.71 -19.75
N GLU A 81 0.34 2.81 -20.49
CA GLU A 81 -0.73 2.99 -21.50
C GLU A 81 -0.62 1.96 -22.64
N ASN A 82 0.61 1.51 -22.92
CA ASN A 82 0.91 0.52 -23.98
C ASN A 82 0.84 -0.93 -23.45
N ASN A 83 0.52 -1.12 -22.15
CA ASN A 83 0.40 -2.46 -21.53
C ASN A 83 -1.02 -3.03 -21.77
N GLU A 84 -1.14 -4.37 -21.65
CA GLU A 84 -2.38 -5.12 -21.93
C GLU A 84 -3.23 -5.33 -20.66
N ALA A 85 -2.56 -5.70 -19.55
CA ALA A 85 -3.21 -6.23 -18.34
C ALA A 85 -4.04 -5.18 -17.58
N GLY A 86 -3.51 -3.94 -17.48
CA GLY A 86 -4.20 -2.83 -16.82
C GLY A 86 -4.48 -3.05 -15.33
N GLN A 87 -3.53 -3.68 -14.61
CA GLN A 87 -3.66 -3.93 -13.15
C GLN A 87 -2.36 -3.56 -12.42
N VAL A 88 -2.53 -3.06 -11.19
CA VAL A 88 -1.42 -2.62 -10.32
C VAL A 88 -0.72 -3.82 -9.68
N ILE A 89 0.60 -3.94 -9.91
CA ILE A 89 1.42 -5.03 -9.37
C ILE A 89 1.89 -4.66 -7.96
N VAL A 90 1.40 -5.39 -6.94
CA VAL A 90 1.87 -5.23 -5.55
C VAL A 90 3.03 -6.21 -5.28
N ARG A 91 4.24 -5.66 -5.15
CA ARG A 91 5.45 -6.43 -4.86
C ARG A 91 5.80 -6.24 -3.38
N VAL A 92 5.30 -7.16 -2.54
CA VAL A 92 5.48 -7.10 -1.08
C VAL A 92 6.61 -8.07 -0.69
N SER A 93 7.78 -7.49 -0.44
CA SER A 93 9.02 -8.25 -0.13
C SER A 93 9.45 -7.97 1.32
N LYS A 94 10.41 -8.77 1.82
CA LYS A 94 10.92 -8.62 3.19
C LYS A 94 12.22 -9.43 3.36
N GLY A 95 13.36 -8.78 3.05
CA GLY A 95 14.69 -9.38 3.18
C GLY A 95 14.92 -10.50 2.18
N ASP A 96 14.69 -11.75 2.62
CA ASP A 96 14.84 -12.97 1.78
C ASP A 96 13.51 -13.27 1.03
N HIS A 97 12.41 -12.77 1.61
CA HIS A 97 11.05 -12.94 1.07
C HIS A 97 10.81 -12.00 -0.12
N SER A 98 9.93 -12.45 -1.02
CA SER A 98 9.51 -11.71 -2.20
C SER A 98 8.16 -12.27 -2.67
N GLU A 99 7.07 -11.58 -2.28
CA GLU A 99 5.69 -11.99 -2.61
C GLU A 99 5.18 -11.03 -3.69
N THR A 100 4.50 -11.56 -4.72
CA THR A 100 3.99 -10.72 -5.82
C THR A 100 2.56 -11.11 -6.17
N ARG A 101 1.71 -10.09 -6.38
CA ARG A 101 0.30 -10.25 -6.77
C ARG A 101 -0.16 -8.96 -7.47
N GLU A 102 -1.38 -8.95 -8.02
CA GLU A 102 -1.97 -7.75 -8.64
C GLU A 102 -3.34 -7.43 -8.05
N ILE A 103 -3.75 -6.18 -8.26
CA ILE A 103 -5.08 -5.64 -7.96
C ILE A 103 -5.57 -4.85 -9.18
N PRO A 104 -6.92 -4.76 -9.42
CA PRO A 104 -7.47 -3.89 -10.49
C PRO A 104 -7.03 -2.41 -10.31
N LEU A 105 -6.65 -1.77 -11.43
CA LEU A 105 -6.06 -0.42 -11.45
C LEU A 105 -7.04 0.60 -10.86
N ALA A 106 -8.33 0.47 -11.25
CA ALA A 106 -9.39 1.43 -10.86
C ALA A 106 -9.60 1.43 -9.34
N SER A 107 -9.52 0.24 -8.72
CA SER A 107 -9.59 0.09 -7.27
C SER A 107 -8.46 0.86 -6.56
N PHE A 108 -7.21 0.56 -6.96
CA PHE A 108 -6.01 1.19 -6.38
C PHE A 108 -6.07 2.72 -6.50
N GLU A 109 -6.44 3.19 -7.69
CA GLU A 109 -6.46 4.60 -8.06
C GLU A 109 -7.47 5.39 -7.19
N LYS A 110 -8.74 4.94 -7.18
CA LYS A 110 -9.84 5.63 -6.47
C LYS A 110 -9.57 5.66 -4.95
N ILE A 111 -9.02 4.54 -4.42
CA ILE A 111 -8.70 4.39 -3.00
C ILE A 111 -7.56 5.36 -2.60
N CYS A 112 -6.45 5.30 -3.34
CA CYS A 112 -5.22 6.04 -3.00
C CYS A 112 -5.41 7.57 -3.13
N ARG A 113 -6.27 7.99 -4.09
CA ARG A 113 -6.68 9.40 -4.22
C ARG A 113 -7.59 9.79 -3.05
N ALA A 114 -8.52 8.88 -2.69
CA ALA A 114 -9.43 9.07 -1.54
C ALA A 114 -8.64 9.21 -0.23
N LEU A 115 -7.45 8.57 -0.18
CA LEU A 115 -6.48 8.69 0.93
C LEU A 115 -5.81 10.08 0.91
N LEU A 116 -5.40 10.52 -0.31
CA LEU A 116 -4.85 11.88 -0.55
C LEU A 116 -5.83 13.00 -0.11
N PHE A 117 -7.14 12.70 -0.19
CA PHE A 117 -8.20 13.64 0.21
C PHE A 117 -8.54 13.45 1.71
N ARG A 118 -8.47 12.20 2.21
CA ARG A 118 -8.89 11.86 3.60
C ARG A 118 -7.82 12.27 4.63
N CYS A 119 -6.59 12.54 4.16
CA CYS A 119 -5.52 13.11 5.01
C CYS A 119 -5.82 14.59 5.32
N GLU A 120 -6.57 15.26 4.42
CA GLU A 120 -6.99 16.66 4.58
C GLU A 120 -8.34 16.71 5.30
N GLY A 1 24.79 0.42 15.50
CA GLY A 1 24.47 1.69 14.82
C GLY A 1 23.09 2.21 15.21
N ALA A 2 22.05 1.60 14.62
CA ALA A 2 20.65 1.97 14.86
C ALA A 2 19.97 0.90 15.75
N GLY A 3 19.31 1.35 16.83
CA GLY A 3 18.60 0.46 17.76
C GLY A 3 17.21 1.00 18.09
N THR A 4 16.58 1.62 17.09
CA THR A 4 15.23 2.23 17.20
C THR A 4 14.11 1.14 17.29
N SER A 5 12.82 1.55 17.24
CA SER A 5 11.66 0.65 17.43
C SER A 5 11.32 -0.15 16.15
N ALA A 6 12.29 -0.23 15.20
CA ALA A 6 12.16 -0.95 13.93
C ALA A 6 11.87 -2.45 14.15
N ALA A 7 12.45 -3.04 15.22
CA ALA A 7 12.31 -4.49 15.53
C ALA A 7 10.84 -4.90 15.82
N MET A 8 10.07 -3.98 16.46
CA MET A 8 8.61 -4.16 16.68
C MET A 8 7.88 -4.29 15.33
N ARG A 9 8.25 -3.40 14.41
CA ARG A 9 7.65 -3.31 13.06
C ARG A 9 7.98 -4.58 12.24
N GLN A 10 9.28 -4.95 12.24
CA GLN A 10 9.86 -6.06 11.46
C GLN A 10 9.26 -7.43 11.83
N ALA A 11 8.73 -7.54 13.07
CA ALA A 11 8.14 -8.77 13.62
C ALA A 11 7.13 -9.47 12.68
N THR A 12 6.33 -8.68 11.92
CA THR A 12 5.25 -9.23 11.06
C THR A 12 5.82 -9.70 9.67
N SER A 13 5.18 -10.73 9.08
CA SER A 13 5.64 -11.37 7.83
C SER A 13 4.95 -10.74 6.59
N PRO A 14 5.66 -10.63 5.42
CA PRO A 14 5.19 -9.83 4.24
C PRO A 14 3.97 -10.42 3.51
N LYS A 15 3.71 -11.73 3.70
CA LYS A 15 2.59 -12.44 3.05
C LYS A 15 1.25 -11.92 3.59
N THR A 16 1.09 -11.94 4.93
CA THR A 16 -0.15 -11.46 5.60
C THR A 16 -0.36 -9.96 5.34
N ILE A 17 0.76 -9.22 5.19
CA ILE A 17 0.75 -7.79 4.88
C ILE A 17 0.16 -7.59 3.49
N LEU A 18 0.65 -8.39 2.52
CA LEU A 18 0.15 -8.41 1.15
C LEU A 18 -1.34 -8.73 1.13
N GLU A 19 -1.77 -9.72 1.94
CA GLU A 19 -3.16 -10.22 1.98
C GLU A 19 -4.15 -9.11 2.39
N TYR A 20 -3.82 -8.36 3.48
CA TYR A 20 -4.71 -7.28 3.97
C TYR A 20 -4.60 -6.02 3.07
N ILE A 21 -3.47 -5.88 2.34
CA ILE A 21 -3.31 -4.86 1.27
C ILE A 21 -4.33 -5.13 0.14
N ILE A 22 -4.36 -6.40 -0.34
CA ILE A 22 -5.29 -6.85 -1.39
C ILE A 22 -6.73 -6.62 -0.93
N ASN A 23 -7.04 -7.12 0.29
CA ASN A 23 -8.37 -7.02 0.91
C ASN A 23 -8.81 -5.55 1.10
N PHE A 24 -7.84 -4.67 1.37
CA PHE A 24 -8.09 -3.22 1.52
C PHE A 24 -8.56 -2.60 0.19
N PHE A 25 -7.83 -2.88 -0.89
CA PHE A 25 -8.12 -2.29 -2.21
C PHE A 25 -9.34 -2.95 -2.90
N THR A 26 -9.59 -4.25 -2.63
CA THR A 26 -10.67 -5.02 -3.30
C THR A 26 -11.96 -5.01 -2.44
N CYS A 27 -11.87 -5.49 -1.20
CA CYS A 27 -13.03 -5.56 -0.28
C CYS A 27 -13.10 -4.27 0.57
N GLY A 28 -14.16 -4.14 1.37
CA GLY A 28 -14.37 -2.97 2.21
C GLY A 28 -15.69 -3.00 2.95
N GLY A 29 -15.89 -2.03 3.84
CA GLY A 29 -17.07 -1.98 4.71
C GLY A 29 -16.97 -2.95 5.88
N ILE A 30 -15.77 -3.52 6.11
CA ILE A 30 -15.52 -4.43 7.23
C ILE A 30 -15.17 -3.60 8.47
N ARG A 31 -16.20 -3.07 9.13
CA ARG A 31 -16.08 -2.11 10.24
C ARG A 31 -15.85 -2.81 11.62
N ARG A 32 -15.11 -3.94 11.62
CA ARG A 32 -14.91 -4.75 12.85
C ARG A 32 -13.43 -4.77 13.33
N ARG A 33 -12.49 -5.15 12.44
CA ARG A 33 -11.04 -5.33 12.83
C ARG A 33 -10.11 -4.47 11.98
N ASN A 34 -10.60 -4.02 10.82
CA ASN A 34 -9.76 -3.41 9.78
C ASN A 34 -9.19 -2.05 10.24
N GLU A 35 -9.99 -1.34 11.03
CA GLU A 35 -9.85 0.10 11.29
C GLU A 35 -8.45 0.50 11.80
N THR A 36 -7.88 -0.29 12.71
CA THR A 36 -6.58 0.01 13.34
C THR A 36 -5.38 -0.32 12.40
N GLN A 37 -5.26 -1.61 12.01
CA GLN A 37 -4.12 -2.12 11.19
C GLN A 37 -4.08 -1.43 9.83
N TYR A 38 -5.27 -1.22 9.26
CA TYR A 38 -5.43 -0.56 7.96
C TYR A 38 -5.22 0.96 8.10
N GLN A 39 -5.55 1.57 9.28
CA GLN A 39 -5.28 3.01 9.55
C GLN A 39 -3.79 3.31 9.38
N GLU A 40 -2.95 2.39 9.93
CA GLU A 40 -1.49 2.46 9.76
C GLU A 40 -1.12 2.47 8.25
N LEU A 41 -1.77 1.59 7.46
CA LEU A 41 -1.59 1.55 6.00
C LEU A 41 -2.04 2.89 5.36
N ILE A 42 -3.19 3.46 5.84
CA ILE A 42 -3.78 4.70 5.28
C ILE A 42 -2.74 5.83 5.36
N GLU A 43 -2.23 6.09 6.57
CA GLU A 43 -1.35 7.24 6.84
C GLU A 43 0.04 7.07 6.21
N THR A 44 0.56 5.82 6.22
CA THR A 44 1.87 5.50 5.58
C THR A 44 1.83 5.80 4.05
N MET A 45 0.82 5.22 3.38
CA MET A 45 0.57 5.42 1.93
C MET A 45 0.26 6.89 1.63
N ALA A 46 -0.64 7.49 2.43
CA ALA A 46 -1.15 8.86 2.22
C ALA A 46 -0.01 9.88 2.22
N GLU A 47 0.87 9.77 3.24
CA GLU A 47 1.97 10.70 3.46
C GLU A 47 3.07 10.55 2.41
N THR A 48 3.44 9.29 2.05
CA THR A 48 4.48 9.05 1.02
C THR A 48 4.02 9.55 -0.37
N LEU A 49 2.70 9.45 -0.62
CA LEU A 49 2.08 9.90 -1.87
C LEU A 49 2.07 11.43 -1.94
N LYS A 50 1.42 12.08 -0.96
CA LYS A 50 1.29 13.57 -0.91
C LYS A 50 2.66 14.26 -0.79
N SER A 51 3.69 13.49 -0.35
CA SER A 51 5.09 13.94 -0.32
C SER A 51 5.63 14.17 -1.75
N THR A 52 5.34 13.23 -2.66
CA THR A 52 5.79 13.29 -4.08
C THR A 52 4.72 13.92 -4.99
N MET A 53 3.54 14.24 -4.40
CA MET A 53 2.44 14.97 -5.08
C MET A 53 2.56 16.49 -4.81
N PRO A 54 2.07 17.39 -5.74
CA PRO A 54 1.92 18.83 -5.46
C PRO A 54 0.91 19.07 -4.30
N ASP A 55 -0.30 18.51 -4.46
CA ASP A 55 -1.30 18.41 -3.38
C ASP A 55 -2.00 17.04 -3.50
N ARG A 56 -2.90 16.95 -4.50
CA ARG A 56 -3.81 15.82 -4.70
C ARG A 56 -4.62 16.00 -5.98
N GLY A 57 -5.09 14.88 -6.58
CA GLY A 57 -5.92 14.92 -7.79
C GLY A 57 -5.12 14.94 -9.09
N ALA A 58 -3.87 15.43 -9.00
CA ALA A 58 -2.89 15.42 -10.12
C ALA A 58 -2.41 13.96 -10.41
N PRO A 59 -1.66 13.69 -11.55
CA PRO A 59 -1.11 12.35 -11.82
C PRO A 59 -0.19 11.83 -10.68
N LEU A 60 -0.73 10.86 -9.91
CA LEU A 60 -0.01 10.15 -8.82
C LEU A 60 1.19 9.32 -9.37
N PRO A 61 2.24 9.00 -8.53
CA PRO A 61 3.43 8.22 -8.98
C PRO A 61 3.06 6.78 -9.39
N GLU A 62 3.72 6.26 -10.43
CA GLU A 62 3.47 4.91 -10.98
C GLU A 62 4.16 3.83 -10.13
N ASN A 63 5.15 4.21 -9.31
CA ASN A 63 5.81 3.29 -8.35
C ASN A 63 5.73 3.89 -6.95
N ILE A 64 5.07 3.16 -6.03
CA ILE A 64 4.91 3.55 -4.63
C ILE A 64 5.80 2.65 -3.76
N ILE A 65 6.91 3.21 -3.25
CA ILE A 65 7.87 2.48 -2.42
C ILE A 65 7.49 2.64 -0.94
N LEU A 66 7.31 1.50 -0.27
CA LEU A 66 7.13 1.43 1.19
C LEU A 66 8.07 0.33 1.73
N ASP A 67 9.30 0.74 2.09
CA ASP A 67 10.32 -0.19 2.62
C ASP A 67 10.04 -0.54 4.09
N ASP A 68 9.19 0.28 4.72
CA ASP A 68 8.94 0.28 6.18
C ASP A 68 7.78 -0.66 6.60
N MET A 69 7.03 -1.21 5.62
CA MET A 69 5.69 -1.79 5.88
C MET A 69 5.81 -3.11 6.63
N ASP A 70 5.81 -3.01 7.97
CA ASP A 70 6.00 -4.14 8.89
C ASP A 70 7.35 -4.81 8.65
N GLY A 71 8.36 -3.94 8.41
CA GLY A 71 9.72 -4.35 8.08
C GLY A 71 9.83 -5.01 6.71
N CYS A 72 8.80 -4.82 5.87
CA CYS A 72 8.71 -5.42 4.55
C CYS A 72 8.73 -4.31 3.48
N ARG A 73 9.53 -4.54 2.44
CA ARG A 73 9.73 -3.63 1.32
C ARG A 73 8.72 -3.99 0.20
N VAL A 74 7.58 -3.28 0.19
CA VAL A 74 6.55 -3.40 -0.85
C VAL A 74 6.69 -2.28 -1.90
N GLU A 75 6.52 -2.66 -3.18
CA GLU A 75 6.52 -1.77 -4.33
C GLU A 75 5.19 -1.95 -5.09
N PHE A 76 4.37 -0.88 -5.14
CA PHE A 76 3.10 -0.87 -5.89
C PHE A 76 3.38 -0.41 -7.33
N ASN A 77 3.10 -1.29 -8.29
CA ASN A 77 3.43 -1.11 -9.72
C ASN A 77 2.16 -0.80 -10.52
N LEU A 78 1.98 0.48 -10.88
CA LEU A 78 0.87 0.94 -11.72
C LEU A 78 1.18 0.68 -13.21
N PRO A 79 0.23 0.09 -13.99
CA PRO A 79 0.44 -0.20 -15.41
C PRO A 79 0.31 1.05 -16.29
N GLY A 80 0.83 0.94 -17.49
CA GLY A 80 0.70 1.96 -18.51
C GLY A 80 -0.54 1.77 -19.37
N GLU A 81 -0.83 2.77 -20.19
CA GLU A 81 -1.97 2.78 -21.13
C GLU A 81 -1.88 1.65 -22.20
N ASN A 82 -0.64 1.22 -22.53
CA ASN A 82 -0.38 0.14 -23.51
C ASN A 82 -0.18 -1.24 -22.83
N ASN A 83 -0.47 -1.33 -21.51
CA ASN A 83 -0.35 -2.60 -20.76
C ASN A 83 -1.65 -3.41 -20.85
N GLU A 84 -1.53 -4.66 -21.32
CA GLU A 84 -2.67 -5.57 -21.52
C GLU A 84 -3.27 -6.05 -20.19
N ALA A 85 -2.41 -6.19 -19.16
CA ALA A 85 -2.84 -6.63 -17.82
C ALA A 85 -3.81 -5.62 -17.18
N GLY A 86 -3.48 -4.32 -17.36
CA GLY A 86 -4.30 -3.21 -16.86
C GLY A 86 -4.57 -3.27 -15.35
N GLN A 87 -3.66 -3.90 -14.59
CA GLN A 87 -3.79 -4.11 -13.13
C GLN A 87 -2.52 -3.69 -12.41
N VAL A 88 -2.69 -3.39 -11.11
CA VAL A 88 -1.61 -2.97 -10.22
C VAL A 88 -0.95 -4.20 -9.59
N ILE A 89 0.37 -4.31 -9.72
CA ILE A 89 1.15 -5.42 -9.16
C ILE A 89 1.76 -4.98 -7.82
N VAL A 90 1.28 -5.56 -6.71
CA VAL A 90 1.85 -5.31 -5.38
C VAL A 90 2.93 -6.38 -5.11
N ARG A 91 4.15 -5.91 -4.81
CA ARG A 91 5.30 -6.80 -4.61
C ARG A 91 5.90 -6.56 -3.22
N VAL A 92 5.47 -7.39 -2.25
CA VAL A 92 5.85 -7.23 -0.83
C VAL A 92 6.96 -8.23 -0.50
N SER A 93 8.20 -7.71 -0.42
CA SER A 93 9.41 -8.48 -0.17
C SER A 93 9.93 -8.21 1.26
N LYS A 94 10.91 -9.00 1.71
CA LYS A 94 11.49 -8.89 3.06
C LYS A 94 12.79 -9.72 3.14
N GLY A 95 13.88 -9.15 2.58
CA GLY A 95 15.20 -9.81 2.56
C GLY A 95 15.23 -11.04 1.65
N ASP A 96 14.94 -12.21 2.24
CA ASP A 96 14.88 -13.51 1.53
C ASP A 96 13.47 -13.72 0.93
N HIS A 97 12.45 -13.12 1.58
CA HIS A 97 11.05 -13.22 1.16
C HIS A 97 10.75 -12.29 -0.02
N SER A 98 9.78 -12.71 -0.85
CA SER A 98 9.25 -11.94 -1.98
C SER A 98 7.93 -12.57 -2.43
N GLU A 99 6.82 -11.99 -1.97
CA GLU A 99 5.46 -12.41 -2.33
C GLU A 99 4.87 -11.32 -3.23
N THR A 100 4.19 -11.74 -4.30
CA THR A 100 3.67 -10.84 -5.34
C THR A 100 2.26 -11.26 -5.75
N ARG A 101 1.36 -10.27 -5.92
CA ARG A 101 -0.05 -10.50 -6.28
C ARG A 101 -0.59 -9.24 -6.98
N GLU A 102 -1.72 -9.39 -7.68
CA GLU A 102 -2.35 -8.29 -8.46
C GLU A 102 -3.60 -7.76 -7.74
N ILE A 103 -4.02 -6.56 -8.16
CA ILE A 103 -5.31 -5.93 -7.82
C ILE A 103 -5.80 -5.13 -9.05
N PRO A 104 -7.14 -5.06 -9.31
CA PRO A 104 -7.70 -4.21 -10.41
C PRO A 104 -7.29 -2.73 -10.27
N LEU A 105 -6.99 -2.09 -11.42
CA LEU A 105 -6.48 -0.70 -11.48
C LEU A 105 -7.51 0.30 -10.94
N ALA A 106 -8.80 0.06 -11.24
CA ALA A 106 -9.91 0.94 -10.80
C ALA A 106 -9.98 1.00 -9.27
N SER A 107 -9.72 -0.14 -8.63
CA SER A 107 -9.76 -0.27 -7.15
C SER A 107 -8.64 0.56 -6.50
N PHE A 108 -7.38 0.31 -6.91
CA PHE A 108 -6.22 1.01 -6.34
C PHE A 108 -6.35 2.51 -6.56
N GLU A 109 -6.74 2.90 -7.79
CA GLU A 109 -6.82 4.31 -8.19
C GLU A 109 -7.86 5.05 -7.33
N LYS A 110 -9.12 4.56 -7.30
CA LYS A 110 -10.23 5.23 -6.58
C LYS A 110 -9.87 5.40 -5.08
N ILE A 111 -9.22 4.36 -4.51
CA ILE A 111 -8.78 4.37 -3.11
C ILE A 111 -7.65 5.40 -2.90
N CYS A 112 -6.71 5.47 -3.86
CA CYS A 112 -5.52 6.36 -3.77
C CYS A 112 -5.92 7.83 -3.89
N ARG A 113 -6.89 8.15 -4.79
CA ARG A 113 -7.39 9.53 -4.98
C ARG A 113 -8.12 9.98 -3.72
N ALA A 114 -8.99 9.08 -3.21
CA ALA A 114 -9.74 9.28 -1.97
C ALA A 114 -8.79 9.47 -0.78
N LEU A 115 -7.68 8.71 -0.78
CA LEU A 115 -6.65 8.71 0.27
C LEU A 115 -5.94 10.08 0.37
N LEU A 116 -5.55 10.61 -0.81
CA LEU A 116 -4.90 11.92 -0.95
C LEU A 116 -5.81 13.05 -0.41
N PHE A 117 -7.11 12.92 -0.71
CA PHE A 117 -8.13 13.90 -0.26
C PHE A 117 -8.42 13.74 1.25
N ARG A 118 -8.42 12.47 1.72
CA ARG A 118 -8.82 12.09 3.10
C ARG A 118 -7.67 12.30 4.10
N CYS A 119 -6.43 12.38 3.59
CA CYS A 119 -5.22 12.56 4.41
C CYS A 119 -5.20 13.93 5.13
N GLU A 120 -6.09 14.84 4.68
CA GLU A 120 -6.31 16.15 5.30
C GLU A 120 -6.80 15.96 6.75
N GLY A 1 17.99 -2.52 21.39
CA GLY A 1 16.99 -2.70 20.31
C GLY A 1 15.82 -1.75 20.42
N ALA A 2 14.98 -1.72 19.37
CA ALA A 2 13.77 -0.87 19.32
C ALA A 2 12.65 -1.48 20.20
N GLY A 3 12.28 -0.77 21.28
CA GLY A 3 11.20 -1.18 22.18
C GLY A 3 9.87 -0.50 21.86
N THR A 4 9.62 -0.30 20.56
CA THR A 4 8.43 0.41 20.06
C THR A 4 7.31 -0.58 19.63
N SER A 5 6.10 -0.03 19.37
CA SER A 5 4.96 -0.82 18.88
C SER A 5 5.08 -1.05 17.36
N ALA A 6 5.89 -0.19 16.70
CA ALA A 6 6.30 -0.37 15.31
C ALA A 6 7.21 -1.60 15.17
N ALA A 7 8.07 -1.82 16.20
CA ALA A 7 8.94 -3.00 16.31
C ALA A 7 8.13 -4.29 16.53
N MET A 8 6.95 -4.14 17.16
CA MET A 8 6.00 -5.26 17.37
C MET A 8 5.24 -5.59 16.07
N ARG A 9 5.01 -4.56 15.23
CA ARG A 9 4.22 -4.70 13.97
C ARG A 9 5.05 -5.40 12.87
N GLN A 10 6.36 -5.11 12.84
CA GLN A 10 7.30 -5.67 11.82
C GLN A 10 7.60 -7.16 12.04
N ALA A 11 7.24 -7.67 13.22
CA ALA A 11 7.33 -9.11 13.56
C ALA A 11 6.46 -10.02 12.63
N THR A 12 5.44 -9.43 11.95
CA THR A 12 4.50 -10.17 11.08
C THR A 12 5.16 -10.56 9.72
N SER A 13 4.57 -11.55 9.00
CA SER A 13 5.14 -12.08 7.73
C SER A 13 4.54 -11.31 6.52
N PRO A 14 5.34 -11.02 5.45
CA PRO A 14 4.92 -10.15 4.29
C PRO A 14 3.75 -10.73 3.48
N LYS A 15 3.58 -12.05 3.53
CA LYS A 15 2.60 -12.77 2.70
C LYS A 15 1.17 -12.47 3.18
N THR A 16 0.93 -12.65 4.49
CA THR A 16 -0.40 -12.39 5.11
C THR A 16 -0.74 -10.87 5.06
N ILE A 17 0.32 -10.03 5.12
CA ILE A 17 0.20 -8.57 5.04
C ILE A 17 -0.27 -8.17 3.64
N LEU A 18 0.38 -8.78 2.64
CA LEU A 18 0.04 -8.61 1.21
C LEU A 18 -1.44 -8.99 1.02
N GLU A 19 -1.88 -10.09 1.64
CA GLU A 19 -3.27 -10.58 1.49
C GLU A 19 -4.29 -9.58 2.05
N TYR A 20 -3.99 -8.95 3.23
CA TYR A 20 -4.93 -7.94 3.81
C TYR A 20 -4.93 -6.65 2.97
N ILE A 21 -3.79 -6.38 2.28
CA ILE A 21 -3.66 -5.27 1.31
C ILE A 21 -4.62 -5.50 0.12
N ILE A 22 -4.63 -6.74 -0.43
CA ILE A 22 -5.51 -7.12 -1.55
C ILE A 22 -6.99 -7.00 -1.12
N ASN A 23 -7.28 -7.53 0.09
CA ASN A 23 -8.62 -7.48 0.73
C ASN A 23 -9.10 -6.02 0.87
N PHE A 24 -8.14 -5.11 1.13
CA PHE A 24 -8.42 -3.66 1.27
C PHE A 24 -8.82 -3.02 -0.08
N PHE A 25 -8.06 -3.32 -1.15
CA PHE A 25 -8.31 -2.71 -2.48
C PHE A 25 -9.53 -3.32 -3.18
N THR A 26 -9.93 -4.55 -2.78
CA THR A 26 -11.09 -5.24 -3.39
C THR A 26 -12.38 -5.05 -2.56
N CYS A 27 -12.26 -4.93 -1.22
CA CYS A 27 -13.42 -4.80 -0.29
C CYS A 27 -13.00 -4.07 1.00
N GLY A 28 -13.87 -4.09 2.03
CA GLY A 28 -13.54 -3.55 3.36
C GLY A 28 -14.80 -3.37 4.21
N GLY A 29 -14.67 -2.56 5.29
CA GLY A 29 -15.82 -2.19 6.13
C GLY A 29 -15.84 -2.89 7.49
N ILE A 30 -14.79 -3.68 7.79
CA ILE A 30 -14.63 -4.32 9.11
C ILE A 30 -13.98 -3.29 10.08
N ARG A 31 -14.77 -2.30 10.53
CA ARG A 31 -14.26 -1.20 11.38
C ARG A 31 -13.83 -1.67 12.79
N ARG A 32 -14.08 -2.95 13.12
CA ARG A 32 -13.57 -3.58 14.34
C ARG A 32 -12.04 -3.77 14.28
N ARG A 33 -11.55 -4.28 13.13
CA ARG A 33 -10.13 -4.66 12.94
C ARG A 33 -9.36 -3.64 12.09
N ASN A 34 -10.00 -3.19 10.99
CA ASN A 34 -9.34 -2.44 9.90
C ASN A 34 -8.84 -1.07 10.34
N GLU A 35 -9.59 -0.38 11.23
CA GLU A 35 -9.38 1.06 11.50
C GLU A 35 -7.94 1.43 11.87
N THR A 36 -7.29 0.70 12.79
CA THR A 36 -5.86 0.96 13.14
C THR A 36 -4.88 0.29 12.14
N GLN A 37 -5.02 -1.04 11.99
CA GLN A 37 -4.07 -1.89 11.23
C GLN A 37 -3.89 -1.39 9.78
N TYR A 38 -5.02 -1.05 9.16
CA TYR A 38 -5.05 -0.54 7.79
C TYR A 38 -4.67 0.94 7.76
N GLN A 39 -5.03 1.74 8.81
CA GLN A 39 -4.67 3.19 8.87
C GLN A 39 -3.16 3.39 8.75
N GLU A 40 -2.36 2.41 9.25
CA GLU A 40 -0.90 2.35 8.99
C GLU A 40 -0.61 2.45 7.47
N LEU A 41 -1.30 1.62 6.68
CA LEU A 41 -1.23 1.62 5.20
C LEU A 41 -1.72 2.97 4.64
N ILE A 42 -2.96 3.40 5.05
CA ILE A 42 -3.64 4.62 4.52
C ILE A 42 -2.74 5.86 4.67
N GLU A 43 -2.22 6.06 5.90
CA GLU A 43 -1.41 7.24 6.23
C GLU A 43 -0.06 7.20 5.51
N THR A 44 0.64 6.04 5.54
CA THR A 44 1.98 5.90 4.93
C THR A 44 1.92 6.05 3.39
N MET A 45 0.79 5.59 2.79
CA MET A 45 0.51 5.84 1.36
C MET A 45 0.32 7.32 1.14
N ALA A 46 -0.67 7.92 1.82
CA ALA A 46 -1.01 9.36 1.72
C ALA A 46 0.23 10.27 1.89
N GLU A 47 1.18 9.83 2.74
CA GLU A 47 2.48 10.49 2.95
C GLU A 47 3.32 10.43 1.67
N THR A 48 3.68 9.20 1.22
CA THR A 48 4.61 9.00 0.07
C THR A 48 4.00 9.51 -1.27
N LEU A 49 2.65 9.53 -1.35
CA LEU A 49 1.91 10.09 -2.49
C LEU A 49 2.10 11.61 -2.52
N LYS A 50 1.70 12.27 -1.40
CA LYS A 50 1.74 13.76 -1.29
C LYS A 50 3.19 14.29 -1.27
N SER A 51 4.17 13.39 -0.99
CA SER A 51 5.60 13.71 -1.01
C SER A 51 6.08 14.02 -2.44
N THR A 52 5.51 13.32 -3.44
CA THR A 52 5.86 13.52 -4.87
C THR A 52 4.82 14.40 -5.58
N MET A 53 3.58 14.41 -5.06
CA MET A 53 2.49 15.30 -5.53
C MET A 53 2.71 16.72 -4.95
N PRO A 54 2.25 17.81 -5.65
CA PRO A 54 2.26 19.17 -5.07
C PRO A 54 1.43 19.23 -3.76
N ASP A 55 0.15 18.84 -3.84
CA ASP A 55 -0.70 18.68 -2.64
C ASP A 55 -1.80 17.62 -2.88
N ARG A 56 -2.86 17.97 -3.65
CA ARG A 56 -4.06 17.12 -3.86
C ARG A 56 -4.59 17.28 -5.29
N GLY A 57 -5.29 16.24 -5.78
CA GLY A 57 -5.96 16.27 -7.10
C GLY A 57 -5.02 15.97 -8.28
N ALA A 58 -3.72 16.28 -8.10
CA ALA A 58 -2.65 16.02 -9.08
C ALA A 58 -2.49 14.50 -9.35
N PRO A 59 -1.94 14.09 -10.56
CA PRO A 59 -1.76 12.65 -10.92
C PRO A 59 -0.99 11.86 -9.82
N LEU A 60 -1.52 10.68 -9.47
CA LEU A 60 -0.88 9.74 -8.53
C LEU A 60 0.40 9.12 -9.16
N PRO A 61 1.48 8.88 -8.35
CA PRO A 61 2.73 8.25 -8.86
C PRO A 61 2.50 6.80 -9.34
N GLU A 62 3.39 6.33 -10.22
CA GLU A 62 3.37 4.94 -10.75
C GLU A 62 4.09 4.00 -9.76
N ASN A 63 5.07 4.53 -9.02
CA ASN A 63 5.77 3.78 -7.96
C ASN A 63 5.40 4.35 -6.59
N ILE A 64 4.76 3.52 -5.74
CA ILE A 64 4.33 3.88 -4.38
C ILE A 64 5.14 3.03 -3.39
N ILE A 65 6.13 3.68 -2.73
CA ILE A 65 7.09 3.00 -1.85
C ILE A 65 6.58 3.00 -0.41
N LEU A 66 6.28 1.80 0.09
CA LEU A 66 5.91 1.56 1.50
C LEU A 66 6.91 0.54 2.11
N ASP A 67 8.15 0.99 2.32
CA ASP A 67 9.26 0.14 2.79
C ASP A 67 9.07 -0.37 4.24
N ASP A 68 8.09 0.21 4.96
CA ASP A 68 7.88 0.00 6.40
C ASP A 68 6.61 -0.85 6.70
N MET A 69 5.91 -1.34 5.64
CA MET A 69 4.56 -1.96 5.82
C MET A 69 4.65 -3.31 6.54
N ASP A 70 4.55 -3.24 7.89
CA ASP A 70 4.74 -4.38 8.79
C ASP A 70 6.16 -4.96 8.61
N GLY A 71 7.13 -4.03 8.44
CA GLY A 71 8.55 -4.36 8.21
C GLY A 71 8.84 -4.80 6.78
N CYS A 72 7.79 -4.90 5.95
CA CYS A 72 7.89 -5.38 4.57
C CYS A 72 8.05 -4.20 3.61
N ARG A 73 9.02 -4.32 2.70
CA ARG A 73 9.23 -3.37 1.61
C ARG A 73 8.19 -3.65 0.50
N VAL A 74 7.11 -2.88 0.52
CA VAL A 74 6.06 -2.93 -0.48
C VAL A 74 6.30 -1.85 -1.55
N GLU A 75 6.00 -2.18 -2.81
CA GLU A 75 5.96 -1.21 -3.91
C GLU A 75 4.73 -1.50 -4.77
N PHE A 76 3.84 -0.51 -4.89
CA PHE A 76 2.74 -0.56 -5.87
C PHE A 76 3.29 -0.01 -7.19
N ASN A 77 3.35 -0.88 -8.20
CA ASN A 77 3.94 -0.57 -9.49
C ASN A 77 2.82 -0.63 -10.56
N LEU A 78 2.35 0.56 -10.97
CA LEU A 78 1.23 0.71 -11.91
C LEU A 78 1.65 0.30 -13.34
N PRO A 79 0.69 -0.26 -14.14
CA PRO A 79 0.98 -0.70 -15.53
C PRO A 79 1.20 0.51 -16.47
N GLY A 80 1.77 0.23 -17.64
CA GLY A 80 1.97 1.23 -18.67
C GLY A 80 0.71 1.44 -19.50
N GLU A 81 0.71 2.50 -20.33
CA GLU A 81 -0.39 2.79 -21.27
C GLU A 81 -0.58 1.62 -22.27
N ASN A 82 0.54 0.98 -22.63
CA ASN A 82 0.59 -0.15 -23.58
C ASN A 82 0.05 -1.46 -22.95
N ASN A 83 0.02 -1.52 -21.59
CA ASN A 83 -0.43 -2.71 -20.85
C ASN A 83 -1.97 -2.77 -20.88
N GLU A 84 -2.49 -3.53 -21.86
CA GLU A 84 -3.94 -3.73 -22.05
C GLU A 84 -4.54 -4.59 -20.91
N ALA A 85 -3.66 -5.18 -20.07
CA ALA A 85 -4.03 -5.92 -18.86
C ALA A 85 -4.70 -4.99 -17.83
N GLY A 86 -4.12 -3.77 -17.69
CA GLY A 86 -4.62 -2.75 -16.77
C GLY A 86 -4.71 -3.24 -15.32
N GLN A 87 -3.60 -3.79 -14.79
CA GLN A 87 -3.53 -4.29 -13.39
C GLN A 87 -2.23 -3.86 -12.71
N VAL A 88 -2.38 -3.50 -11.43
CA VAL A 88 -1.27 -3.04 -10.56
C VAL A 88 -0.51 -4.25 -9.99
N ILE A 89 0.81 -4.11 -9.93
CA ILE A 89 1.72 -5.14 -9.42
C ILE A 89 2.15 -4.75 -7.99
N VAL A 90 1.75 -5.54 -6.98
CA VAL A 90 2.19 -5.33 -5.59
C VAL A 90 3.46 -6.19 -5.34
N ARG A 91 4.53 -5.52 -4.90
CA ARG A 91 5.86 -6.12 -4.69
C ARG A 91 6.22 -6.02 -3.20
N VAL A 92 5.92 -7.08 -2.45
CA VAL A 92 6.10 -7.13 -0.99
C VAL A 92 7.25 -8.11 -0.65
N SER A 93 8.38 -7.54 -0.19
CA SER A 93 9.62 -8.32 0.12
C SER A 93 10.07 -8.05 1.56
N LYS A 94 10.73 -9.05 2.19
CA LYS A 94 11.15 -8.99 3.60
C LYS A 94 12.26 -10.04 3.84
N GLY A 95 13.53 -9.61 3.64
CA GLY A 95 14.71 -10.46 3.85
C GLY A 95 14.82 -11.59 2.81
N ASP A 96 14.34 -12.79 3.19
CA ASP A 96 14.35 -13.99 2.30
C ASP A 96 13.01 -14.12 1.56
N HIS A 97 11.96 -13.51 2.14
CA HIS A 97 10.60 -13.57 1.60
C HIS A 97 10.44 -12.58 0.44
N SER A 98 9.80 -13.02 -0.64
CA SER A 98 9.58 -12.22 -1.85
C SER A 98 8.25 -12.66 -2.51
N GLU A 99 7.20 -11.86 -2.29
CA GLU A 99 5.84 -12.12 -2.79
C GLU A 99 5.44 -11.01 -3.75
N THR A 100 5.02 -11.41 -4.95
CA THR A 100 4.51 -10.50 -5.97
C THR A 100 3.12 -10.99 -6.41
N ARG A 101 2.12 -10.10 -6.37
CA ARG A 101 0.70 -10.45 -6.66
C ARG A 101 0.04 -9.24 -7.38
N GLU A 102 -1.22 -9.41 -7.85
CA GLU A 102 -1.92 -8.38 -8.63
C GLU A 102 -3.21 -7.90 -7.94
N ILE A 103 -3.56 -6.65 -8.26
CA ILE A 103 -4.89 -6.05 -8.05
C ILE A 103 -5.28 -5.30 -9.35
N PRO A 104 -6.59 -5.09 -9.64
CA PRO A 104 -7.02 -4.22 -10.77
C PRO A 104 -6.50 -2.77 -10.63
N LEU A 105 -6.26 -2.12 -11.79
CA LEU A 105 -5.89 -0.70 -11.84
C LEU A 105 -7.06 0.17 -11.33
N ALA A 106 -8.30 -0.33 -11.55
CA ALA A 106 -9.53 0.34 -11.13
C ALA A 106 -9.61 0.39 -9.60
N SER A 107 -9.34 -0.77 -8.97
CA SER A 107 -9.34 -0.93 -7.51
C SER A 107 -8.34 0.03 -6.84
N PHE A 108 -7.09 -0.02 -7.31
CA PHE A 108 -6.01 0.78 -6.75
C PHE A 108 -6.30 2.27 -6.92
N GLU A 109 -6.64 2.68 -8.15
CA GLU A 109 -6.80 4.09 -8.52
C GLU A 109 -7.86 4.77 -7.66
N LYS A 110 -9.05 4.12 -7.56
CA LYS A 110 -10.20 4.68 -6.81
C LYS A 110 -9.85 4.81 -5.32
N ILE A 111 -9.12 3.79 -4.78
CA ILE A 111 -8.70 3.80 -3.36
C ILE A 111 -7.62 4.88 -3.12
N CYS A 112 -6.65 5.01 -4.04
CA CYS A 112 -5.49 5.93 -3.88
C CYS A 112 -5.96 7.39 -3.86
N ARG A 113 -6.87 7.73 -4.81
CA ARG A 113 -7.57 9.02 -4.85
C ARG A 113 -8.32 9.24 -3.52
N ALA A 114 -9.09 8.20 -3.10
CA ALA A 114 -9.87 8.23 -1.85
C ALA A 114 -8.98 8.46 -0.61
N LEU A 115 -7.73 7.94 -0.63
CA LEU A 115 -6.77 8.13 0.48
C LEU A 115 -6.35 9.59 0.56
N LEU A 116 -6.14 10.20 -0.61
CA LEU A 116 -5.79 11.62 -0.75
C LEU A 116 -7.00 12.55 -0.43
N PHE A 117 -8.22 11.99 -0.47
CA PHE A 117 -9.45 12.73 -0.09
C PHE A 117 -9.78 12.52 1.42
N ARG A 118 -9.34 11.38 1.98
CA ARG A 118 -9.63 10.96 3.37
C ARG A 118 -8.42 11.17 4.29
N CYS A 119 -7.27 11.60 3.72
CA CYS A 119 -6.05 11.94 4.49
C CYS A 119 -6.29 13.06 5.54
N GLU A 120 -7.33 13.88 5.30
CA GLU A 120 -7.78 14.94 6.23
C GLU A 120 -8.49 14.32 7.45
N GLY A 1 7.29 1.00 25.38
CA GLY A 1 6.49 1.64 24.31
C GLY A 1 5.19 0.92 24.02
N ALA A 2 4.31 1.59 23.26
CA ALA A 2 2.98 1.08 22.90
C ALA A 2 3.07 -0.16 22.00
N GLY A 3 2.37 -1.24 22.39
CA GLY A 3 2.36 -2.51 21.63
C GLY A 3 1.61 -2.41 20.30
N THR A 4 0.77 -1.36 20.17
CA THR A 4 -0.01 -1.08 18.95
C THR A 4 0.85 -0.42 17.83
N SER A 5 2.13 -0.12 18.15
CA SER A 5 3.06 0.52 17.20
C SER A 5 3.62 -0.53 16.23
N ALA A 6 4.21 -0.04 15.10
CA ALA A 6 4.80 -0.92 14.06
C ALA A 6 5.90 -1.81 14.64
N ALA A 7 6.66 -1.29 15.62
CA ALA A 7 7.79 -1.98 16.27
C ALA A 7 7.45 -3.42 16.71
N MET A 8 6.21 -3.63 17.17
CA MET A 8 5.70 -4.96 17.56
C MET A 8 4.93 -5.64 16.41
N ARG A 9 4.34 -4.80 15.52
CA ARG A 9 3.60 -5.30 14.34
C ARG A 9 4.55 -6.03 13.36
N GLN A 10 5.88 -5.73 13.43
CA GLN A 10 6.94 -6.35 12.56
C GLN A 10 6.94 -7.89 12.66
N ALA A 11 6.28 -8.43 13.70
CA ALA A 11 6.09 -9.88 13.93
C ALA A 11 5.34 -10.60 12.77
N THR A 12 4.61 -9.84 11.94
CA THR A 12 3.73 -10.36 10.87
C THR A 12 4.53 -10.81 9.60
N SER A 13 3.92 -11.69 8.77
CA SER A 13 4.51 -12.17 7.50
C SER A 13 4.12 -11.23 6.33
N PRO A 14 5.04 -11.02 5.33
CA PRO A 14 4.77 -10.15 4.14
C PRO A 14 3.61 -10.66 3.27
N LYS A 15 3.28 -11.97 3.39
CA LYS A 15 2.21 -12.60 2.59
C LYS A 15 0.84 -12.12 3.08
N THR A 16 0.60 -12.22 4.40
CA THR A 16 -0.68 -11.78 5.01
C THR A 16 -0.76 -10.24 5.10
N ILE A 17 0.41 -9.55 5.06
CA ILE A 17 0.48 -8.09 4.84
C ILE A 17 -0.06 -7.78 3.44
N LEU A 18 0.44 -8.53 2.46
CA LEU A 18 -0.02 -8.45 1.06
C LEU A 18 -1.53 -8.74 0.98
N GLU A 19 -2.02 -9.73 1.78
CA GLU A 19 -3.44 -10.12 1.81
C GLU A 19 -4.33 -8.95 2.24
N TYR A 20 -4.00 -8.29 3.39
CA TYR A 20 -4.83 -7.18 3.93
C TYR A 20 -4.77 -5.95 2.98
N ILE A 21 -3.63 -5.80 2.27
CA ILE A 21 -3.46 -4.82 1.19
C ILE A 21 -4.51 -5.06 0.07
N ILE A 22 -4.57 -6.31 -0.43
CA ILE A 22 -5.52 -6.72 -1.51
C ILE A 22 -6.97 -6.52 -1.02
N ASN A 23 -7.21 -6.90 0.25
CA ASN A 23 -8.55 -6.81 0.89
C ASN A 23 -9.02 -5.35 0.98
N PHE A 24 -8.07 -4.43 1.21
CA PHE A 24 -8.35 -2.98 1.28
C PHE A 24 -8.69 -2.40 -0.11
N PHE A 25 -7.95 -2.83 -1.13
CA PHE A 25 -8.15 -2.35 -2.51
C PHE A 25 -9.46 -2.89 -3.13
N THR A 26 -9.89 -4.10 -2.71
CA THR A 26 -11.14 -4.71 -3.20
C THR A 26 -12.32 -4.36 -2.26
N CYS A 27 -12.29 -4.88 -1.02
CA CYS A 27 -13.33 -4.65 0.02
C CYS A 27 -12.86 -3.52 0.97
N GLY A 28 -13.55 -3.35 2.13
CA GLY A 28 -13.09 -2.39 3.15
C GLY A 28 -14.16 -2.06 4.18
N GLY A 29 -13.77 -1.23 5.17
CA GLY A 29 -14.69 -0.77 6.22
C GLY A 29 -14.92 -1.78 7.33
N ILE A 30 -13.87 -2.56 7.66
CA ILE A 30 -13.92 -3.51 8.79
C ILE A 30 -13.71 -2.72 10.09
N ARG A 31 -14.83 -2.33 10.72
CA ARG A 31 -14.84 -1.47 11.92
C ARG A 31 -14.59 -2.27 13.22
N ARG A 32 -14.24 -3.56 13.11
CA ARG A 32 -14.08 -4.45 14.27
C ARG A 32 -12.67 -4.33 14.89
N ARG A 33 -11.68 -5.05 14.34
CA ARG A 33 -10.28 -5.05 14.88
C ARG A 33 -9.30 -4.53 13.81
N ASN A 34 -9.61 -4.82 12.52
CA ASN A 34 -8.73 -4.50 11.36
C ASN A 34 -8.52 -2.99 11.13
N GLU A 35 -9.18 -2.13 11.93
CA GLU A 35 -9.08 -0.66 11.81
C GLU A 35 -7.62 -0.18 11.82
N THR A 36 -6.86 -0.59 12.88
CA THR A 36 -5.46 -0.15 13.09
C THR A 36 -4.50 -0.80 12.08
N GLN A 37 -4.73 -2.12 11.79
CA GLN A 37 -3.94 -2.92 10.83
C GLN A 37 -3.92 -2.25 9.45
N TYR A 38 -5.12 -1.85 9.02
CA TYR A 38 -5.32 -1.16 7.75
C TYR A 38 -4.84 0.29 7.86
N GLN A 39 -5.11 0.94 9.02
CA GLN A 39 -4.83 2.38 9.23
C GLN A 39 -3.37 2.73 8.96
N GLU A 40 -2.46 1.79 9.30
CA GLU A 40 -1.02 1.96 9.00
C GLU A 40 -0.78 2.05 7.47
N LEU A 41 -1.44 1.16 6.70
CA LEU A 41 -1.40 1.20 5.22
C LEU A 41 -1.99 2.53 4.70
N ILE A 42 -3.20 2.91 5.19
CA ILE A 42 -3.94 4.13 4.76
C ILE A 42 -3.07 5.39 4.96
N GLU A 43 -2.50 5.54 6.17
CA GLU A 43 -1.78 6.75 6.56
C GLU A 43 -0.46 6.88 5.77
N THR A 44 0.30 5.77 5.66
CA THR A 44 1.62 5.76 5.02
C THR A 44 1.49 5.94 3.49
N MET A 45 0.43 5.32 2.89
CA MET A 45 0.10 5.49 1.47
C MET A 45 -0.26 6.94 1.18
N ALA A 46 -1.29 7.47 1.88
CA ALA A 46 -1.79 8.85 1.71
C ALA A 46 -0.64 9.88 1.79
N GLU A 47 0.28 9.66 2.76
CA GLU A 47 1.47 10.50 2.94
C GLU A 47 2.40 10.46 1.71
N THR A 48 2.86 9.26 1.32
CA THR A 48 3.87 9.12 0.22
C THR A 48 3.29 9.54 -1.15
N LEU A 49 1.95 9.44 -1.29
CA LEU A 49 1.22 9.89 -2.49
C LEU A 49 1.30 11.43 -2.58
N LYS A 50 0.73 12.10 -1.54
CA LYS A 50 0.65 13.57 -1.46
C LYS A 50 2.05 14.22 -1.32
N SER A 51 3.06 13.42 -0.89
CA SER A 51 4.43 13.89 -0.69
C SER A 51 5.16 14.13 -2.03
N THR A 52 4.69 13.47 -3.10
CA THR A 52 5.26 13.67 -4.46
C THR A 52 4.30 14.51 -5.33
N MET A 53 3.14 14.84 -4.77
CA MET A 53 2.12 15.72 -5.39
C MET A 53 2.10 17.10 -4.68
N PRO A 54 1.55 18.19 -5.33
CA PRO A 54 1.32 19.48 -4.65
C PRO A 54 0.36 19.33 -3.46
N ASP A 55 -0.90 18.91 -3.76
CA ASP A 55 -1.96 18.71 -2.74
C ASP A 55 -2.83 17.49 -3.12
N ARG A 56 -3.70 17.68 -4.14
CA ARG A 56 -4.67 16.65 -4.59
C ARG A 56 -5.18 17.02 -5.99
N GLY A 57 -5.54 16.00 -6.79
CA GLY A 57 -6.04 16.21 -8.17
C GLY A 57 -4.92 16.13 -9.22
N ALA A 58 -3.68 16.44 -8.78
CA ALA A 58 -2.45 16.28 -9.59
C ALA A 58 -2.20 14.78 -9.90
N PRO A 59 -1.44 14.42 -10.99
CA PRO A 59 -1.13 13.00 -11.32
C PRO A 59 -0.41 12.28 -10.14
N LEU A 60 -1.00 11.14 -9.72
CA LEU A 60 -0.44 10.26 -8.65
C LEU A 60 0.87 9.55 -9.12
N PRO A 61 1.77 9.09 -8.17
CA PRO A 61 3.01 8.34 -8.52
C PRO A 61 2.68 6.95 -9.07
N GLU A 62 3.49 6.48 -10.05
CA GLU A 62 3.32 5.16 -10.67
C GLU A 62 3.98 4.07 -9.85
N ASN A 63 4.91 4.44 -8.95
CA ASN A 63 5.63 3.50 -8.09
C ASN A 63 5.65 4.03 -6.66
N ILE A 64 5.07 3.25 -5.73
CA ILE A 64 4.98 3.62 -4.31
C ILE A 64 5.91 2.69 -3.51
N ILE A 65 6.98 3.26 -2.95
CA ILE A 65 7.95 2.52 -2.13
C ILE A 65 7.59 2.68 -0.65
N LEU A 66 7.32 1.54 0.01
CA LEU A 66 7.11 1.45 1.47
C LEU A 66 8.08 0.38 1.98
N ASP A 67 9.36 0.76 2.06
CA ASP A 67 10.47 -0.19 2.24
C ASP A 67 10.67 -0.62 3.71
N ASP A 68 9.94 0.00 4.63
CA ASP A 68 10.00 -0.32 6.08
C ASP A 68 8.63 -0.75 6.64
N MET A 69 7.65 -1.06 5.76
CA MET A 69 6.26 -1.29 6.22
C MET A 69 6.13 -2.76 6.68
N ASP A 70 6.03 -2.96 8.03
CA ASP A 70 6.13 -4.28 8.70
C ASP A 70 7.58 -4.84 8.54
N GLY A 71 8.54 -3.94 8.30
CA GLY A 71 9.90 -4.34 7.93
C GLY A 71 10.00 -4.91 6.51
N CYS A 72 8.85 -4.94 5.80
CA CYS A 72 8.74 -5.44 4.44
C CYS A 72 9.02 -4.30 3.45
N ARG A 73 9.85 -4.59 2.44
CA ARG A 73 10.05 -3.74 1.29
C ARG A 73 8.92 -4.05 0.28
N VAL A 74 7.80 -3.30 0.40
CA VAL A 74 6.66 -3.41 -0.52
C VAL A 74 6.69 -2.26 -1.55
N GLU A 75 6.48 -2.65 -2.82
CA GLU A 75 6.52 -1.76 -3.97
C GLU A 75 5.21 -1.92 -4.78
N PHE A 76 4.42 -0.84 -4.87
CA PHE A 76 3.19 -0.80 -5.66
C PHE A 76 3.53 -0.32 -7.08
N ASN A 77 3.35 -1.21 -8.06
CA ASN A 77 3.71 -0.99 -9.47
C ASN A 77 2.46 -0.77 -10.30
N LEU A 78 2.14 0.50 -10.58
CA LEU A 78 1.08 0.87 -11.52
C LEU A 78 1.53 0.51 -12.94
N PRO A 79 0.62 -0.07 -13.79
CA PRO A 79 0.98 -0.49 -15.15
C PRO A 79 1.25 0.70 -16.06
N GLY A 80 2.03 0.43 -17.10
CA GLY A 80 2.36 1.43 -18.10
C GLY A 80 1.18 1.73 -19.01
N GLU A 81 1.28 2.83 -19.76
CA GLU A 81 0.23 3.29 -20.71
C GLU A 81 0.01 2.29 -21.86
N ASN A 82 0.96 1.33 -22.04
CA ASN A 82 0.90 0.29 -23.10
C ASN A 82 0.66 -1.12 -22.50
N ASN A 83 0.39 -1.22 -21.18
CA ASN A 83 0.10 -2.53 -20.51
C ASN A 83 -1.38 -2.89 -20.73
N GLU A 84 -1.61 -3.93 -21.54
CA GLU A 84 -2.95 -4.32 -22.02
C GLU A 84 -3.75 -5.12 -20.98
N ALA A 85 -3.07 -5.56 -19.90
CA ALA A 85 -3.72 -6.24 -18.76
C ALA A 85 -4.49 -5.23 -17.89
N GLY A 86 -3.88 -4.04 -17.71
CA GLY A 86 -4.48 -2.95 -16.95
C GLY A 86 -4.68 -3.29 -15.47
N GLN A 87 -3.66 -3.93 -14.87
CA GLN A 87 -3.68 -4.31 -13.44
C GLN A 87 -2.41 -3.80 -12.74
N VAL A 88 -2.58 -3.48 -11.45
CA VAL A 88 -1.49 -3.03 -10.56
C VAL A 88 -0.86 -4.24 -9.87
N ILE A 89 0.48 -4.22 -9.73
CA ILE A 89 1.25 -5.35 -9.17
C ILE A 89 1.82 -4.92 -7.80
N VAL A 90 1.37 -5.57 -6.71
CA VAL A 90 1.94 -5.37 -5.37
C VAL A 90 3.05 -6.43 -5.14
N ARG A 91 4.24 -5.95 -4.76
CA ARG A 91 5.42 -6.79 -4.47
C ARG A 91 5.86 -6.56 -3.02
N VAL A 92 5.38 -7.40 -2.09
CA VAL A 92 5.71 -7.28 -0.66
C VAL A 92 6.80 -8.31 -0.31
N SER A 93 8.04 -7.84 -0.16
CA SER A 93 9.22 -8.68 0.06
C SER A 93 9.79 -8.44 1.47
N LYS A 94 10.37 -9.47 2.10
CA LYS A 94 10.90 -9.36 3.47
C LYS A 94 12.00 -10.42 3.70
N GLY A 95 13.26 -10.00 3.50
CA GLY A 95 14.42 -10.88 3.71
C GLY A 95 14.46 -12.05 2.72
N ASP A 96 14.19 -13.27 3.23
CA ASP A 96 14.16 -14.51 2.42
C ASP A 96 12.83 -14.61 1.63
N HIS A 97 11.81 -13.87 2.10
CA HIS A 97 10.48 -13.82 1.47
C HIS A 97 10.45 -12.80 0.33
N SER A 98 9.59 -13.06 -0.65
CA SER A 98 9.36 -12.20 -1.81
C SER A 98 7.99 -12.59 -2.41
N GLU A 99 6.96 -11.81 -2.08
CA GLU A 99 5.55 -12.13 -2.36
C GLU A 99 5.03 -11.16 -3.43
N THR A 100 4.28 -11.68 -4.42
CA THR A 100 3.73 -10.87 -5.52
C THR A 100 2.29 -11.30 -5.84
N ARG A 101 1.41 -10.30 -6.02
CA ARG A 101 0.00 -10.51 -6.41
C ARG A 101 -0.50 -9.24 -7.12
N GLU A 102 -1.62 -9.36 -7.84
CA GLU A 102 -2.18 -8.25 -8.62
C GLU A 102 -3.59 -7.87 -8.12
N ILE A 103 -3.88 -6.59 -8.30
CA ILE A 103 -5.20 -5.97 -8.11
C ILE A 103 -5.58 -5.26 -9.42
N PRO A 104 -6.90 -5.00 -9.69
CA PRO A 104 -7.33 -4.12 -10.80
C PRO A 104 -6.71 -2.70 -10.68
N LEU A 105 -6.51 -2.04 -11.84
CA LEU A 105 -6.11 -0.61 -11.87
C LEU A 105 -7.23 0.22 -11.22
N ALA A 106 -8.49 -0.23 -11.42
CA ALA A 106 -9.70 0.40 -10.90
C ALA A 106 -9.71 0.41 -9.36
N SER A 107 -9.24 -0.69 -8.75
CA SER A 107 -9.15 -0.83 -7.28
C SER A 107 -8.17 0.19 -6.69
N PHE A 108 -6.94 0.21 -7.25
CA PHE A 108 -5.89 1.14 -6.77
C PHE A 108 -6.30 2.59 -7.06
N GLU A 109 -6.96 2.83 -8.20
CA GLU A 109 -7.31 4.18 -8.65
C GLU A 109 -8.34 4.81 -7.69
N LYS A 110 -9.46 4.09 -7.46
CA LYS A 110 -10.54 4.56 -6.56
C LYS A 110 -9.97 4.84 -5.16
N ILE A 111 -9.08 3.94 -4.67
CA ILE A 111 -8.48 4.06 -3.33
C ILE A 111 -7.52 5.26 -3.25
N CYS A 112 -6.57 5.34 -4.19
CA CYS A 112 -5.49 6.35 -4.19
C CYS A 112 -6.08 7.76 -4.27
N ARG A 113 -6.98 7.94 -5.26
CA ARG A 113 -7.73 9.21 -5.47
C ARG A 113 -8.55 9.57 -4.23
N ALA A 114 -9.21 8.55 -3.61
CA ALA A 114 -10.00 8.72 -2.38
C ALA A 114 -9.12 9.21 -1.22
N LEU A 115 -7.90 8.66 -1.09
CA LEU A 115 -6.94 9.07 -0.03
C LEU A 115 -6.46 10.52 -0.26
N LEU A 116 -6.25 10.90 -1.52
CA LEU A 116 -5.79 12.24 -1.92
C LEU A 116 -6.83 13.33 -1.57
N PHE A 117 -8.10 13.06 -1.94
CA PHE A 117 -9.20 14.01 -1.73
C PHE A 117 -9.66 14.01 -0.25
N ARG A 118 -9.79 12.81 0.34
CA ARG A 118 -10.29 12.63 1.73
C ARG A 118 -9.20 12.98 2.78
N CYS A 119 -7.95 13.20 2.32
CA CYS A 119 -6.90 13.84 3.15
C CYS A 119 -7.33 15.27 3.57
N GLU A 120 -8.24 15.87 2.78
CA GLU A 120 -8.80 17.22 3.00
C GLU A 120 -10.26 17.13 3.54
N GLY A 1 18.34 1.16 20.94
CA GLY A 1 17.11 0.76 20.24
C GLY A 1 16.11 1.89 20.16
N ALA A 2 15.19 1.80 19.18
CA ALA A 2 14.15 2.81 18.93
C ALA A 2 13.04 2.74 20.00
N GLY A 3 12.47 3.90 20.34
CA GLY A 3 11.38 4.01 21.34
C GLY A 3 10.04 3.41 20.87
N THR A 4 9.99 3.01 19.59
CA THR A 4 8.83 2.33 18.99
C THR A 4 8.71 0.87 19.48
N SER A 5 7.49 0.31 19.35
CA SER A 5 7.22 -1.13 19.58
C SER A 5 7.19 -1.88 18.22
N ALA A 6 7.98 -1.34 17.26
CA ALA A 6 7.95 -1.74 15.85
C ALA A 6 8.42 -3.18 15.62
N ALA A 7 9.26 -3.73 16.53
CA ALA A 7 9.76 -5.12 16.43
C ALA A 7 8.61 -6.14 16.61
N MET A 8 7.70 -5.83 17.55
CA MET A 8 6.51 -6.67 17.85
C MET A 8 5.50 -6.64 16.68
N ARG A 9 5.47 -5.49 15.98
CA ARG A 9 4.56 -5.26 14.84
C ARG A 9 5.09 -5.98 13.59
N GLN A 10 6.39 -5.71 13.25
CA GLN A 10 7.05 -6.21 12.01
C GLN A 10 7.30 -7.72 12.03
N ALA A 11 7.19 -8.33 13.21
CA ALA A 11 7.28 -9.80 13.41
C ALA A 11 6.32 -10.60 12.48
N THR A 12 5.27 -9.93 11.94
CA THR A 12 4.29 -10.53 11.03
C THR A 12 4.92 -10.98 9.68
N SER A 13 4.31 -11.99 9.05
CA SER A 13 4.69 -12.52 7.74
C SER A 13 4.21 -11.58 6.61
N PRO A 14 5.07 -11.25 5.58
CA PRO A 14 4.70 -10.32 4.46
C PRO A 14 3.68 -10.91 3.47
N LYS A 15 3.31 -12.20 3.68
CA LYS A 15 2.34 -12.93 2.83
C LYS A 15 0.95 -12.52 3.32
N THR A 16 0.80 -12.64 4.64
CA THR A 16 -0.36 -12.18 5.40
C THR A 16 -0.64 -10.68 5.17
N ILE A 17 0.45 -9.91 5.19
CA ILE A 17 0.42 -8.47 4.94
C ILE A 17 -0.07 -8.18 3.52
N LEU A 18 0.46 -8.95 2.55
CA LEU A 18 0.05 -8.87 1.15
C LEU A 18 -1.46 -9.12 1.00
N GLU A 19 -1.98 -10.11 1.76
CA GLU A 19 -3.41 -10.47 1.72
C GLU A 19 -4.30 -9.31 2.21
N TYR A 20 -3.89 -8.63 3.31
CA TYR A 20 -4.68 -7.50 3.86
C TYR A 20 -4.60 -6.26 2.94
N ILE A 21 -3.47 -6.14 2.20
CA ILE A 21 -3.30 -5.12 1.14
C ILE A 21 -4.38 -5.31 0.05
N ILE A 22 -4.43 -6.55 -0.51
CA ILE A 22 -5.39 -6.95 -1.56
C ILE A 22 -6.81 -6.64 -1.11
N ASN A 23 -7.15 -7.11 0.11
CA ASN A 23 -8.47 -6.95 0.74
C ASN A 23 -8.87 -5.47 0.75
N PHE A 24 -7.98 -4.61 1.29
CA PHE A 24 -8.22 -3.16 1.42
C PHE A 24 -8.62 -2.51 0.07
N PHE A 25 -7.81 -2.78 -0.96
CA PHE A 25 -8.00 -2.16 -2.29
C PHE A 25 -9.23 -2.72 -3.03
N THR A 26 -9.59 -4.00 -2.78
CA THR A 26 -10.68 -4.67 -3.51
C THR A 26 -12.05 -4.45 -2.82
N CYS A 27 -12.27 -5.06 -1.63
CA CYS A 27 -13.61 -5.14 -1.00
C CYS A 27 -13.49 -5.30 0.55
N GLY A 28 -14.61 -5.64 1.21
CA GLY A 28 -14.61 -5.87 2.67
C GLY A 28 -15.23 -4.71 3.44
N GLY A 29 -14.49 -3.58 3.51
CA GLY A 29 -14.96 -2.35 4.21
C GLY A 29 -15.23 -2.55 5.70
N ILE A 30 -14.38 -3.39 6.34
CA ILE A 30 -14.55 -3.80 7.75
C ILE A 30 -14.12 -2.67 8.70
N ARG A 31 -14.87 -2.48 9.80
CA ARG A 31 -14.62 -1.43 10.81
C ARG A 31 -14.27 -2.04 12.19
N ARG A 32 -14.00 -3.37 12.24
CA ARG A 32 -13.68 -4.08 13.50
C ARG A 32 -12.29 -3.66 14.03
N ARG A 33 -11.22 -4.09 13.35
CA ARG A 33 -9.82 -3.70 13.67
C ARG A 33 -9.17 -3.01 12.46
N ASN A 34 -9.81 -3.18 11.28
CA ASN A 34 -9.30 -2.72 9.98
C ASN A 34 -9.26 -1.19 9.88
N GLU A 35 -9.82 -0.49 10.88
CA GLU A 35 -9.71 0.97 10.99
C GLU A 35 -8.24 1.36 11.24
N THR A 36 -7.70 0.90 12.37
CA THR A 36 -6.34 1.23 12.83
C THR A 36 -5.27 0.38 12.10
N GLN A 37 -5.50 -0.95 12.11
CA GLN A 37 -4.57 -1.98 11.60
C GLN A 37 -4.15 -1.69 10.15
N TYR A 38 -5.15 -1.28 9.34
CA TYR A 38 -4.93 -0.90 7.95
C TYR A 38 -4.47 0.56 7.86
N GLN A 39 -4.90 1.43 8.82
CA GLN A 39 -4.53 2.88 8.85
C GLN A 39 -3.02 3.09 8.82
N GLU A 40 -2.25 2.11 9.36
CA GLU A 40 -0.78 2.12 9.17
C GLU A 40 -0.40 2.17 7.66
N LEU A 41 -1.03 1.30 6.86
CA LEU A 41 -0.88 1.27 5.39
C LEU A 41 -1.34 2.62 4.78
N ILE A 42 -2.52 3.12 5.21
CA ILE A 42 -3.14 4.37 4.67
C ILE A 42 -2.20 5.58 4.87
N GLU A 43 -1.63 5.70 6.10
CA GLU A 43 -0.78 6.85 6.48
C GLU A 43 0.58 6.75 5.77
N THR A 44 1.12 5.51 5.65
CA THR A 44 2.42 5.26 4.98
C THR A 44 2.32 5.60 3.47
N MET A 45 1.17 5.22 2.85
CA MET A 45 0.88 5.55 1.45
C MET A 45 0.75 7.05 1.29
N ALA A 46 -0.18 7.66 2.06
CA ALA A 46 -0.47 9.11 2.00
C ALA A 46 0.79 9.98 2.16
N GLU A 47 1.74 9.53 3.01
CA GLU A 47 3.05 10.20 3.21
C GLU A 47 3.92 10.11 1.94
N THR A 48 4.19 8.87 1.48
CA THR A 48 5.07 8.62 0.30
C THR A 48 4.45 9.18 -1.01
N LEU A 49 3.12 9.33 -1.01
CA LEU A 49 2.37 9.93 -2.12
C LEU A 49 2.58 11.44 -2.12
N LYS A 50 2.28 12.11 -0.98
CA LYS A 50 2.35 13.59 -0.85
C LYS A 50 3.80 14.11 -1.00
N SER A 51 4.78 13.19 -0.84
CA SER A 51 6.19 13.45 -1.14
C SER A 51 6.42 13.83 -2.64
N THR A 52 5.66 13.18 -3.53
CA THR A 52 5.73 13.41 -5.00
C THR A 52 4.44 14.13 -5.53
N MET A 53 3.44 14.30 -4.65
CA MET A 53 2.16 14.97 -4.99
C MET A 53 2.21 16.46 -4.57
N PRO A 54 1.59 17.39 -5.39
CA PRO A 54 1.44 18.81 -5.00
C PRO A 54 0.55 18.96 -3.74
N ASP A 55 -0.67 18.37 -3.79
CA ASP A 55 -1.55 18.23 -2.61
C ASP A 55 -2.44 16.99 -2.79
N ARG A 56 -3.47 17.09 -3.66
CA ARG A 56 -4.41 16.00 -3.96
C ARG A 56 -5.34 16.42 -5.10
N GLY A 57 -5.84 15.44 -5.87
CA GLY A 57 -6.71 15.70 -7.04
C GLY A 57 -5.95 15.61 -8.35
N ALA A 58 -4.63 15.86 -8.29
CA ALA A 58 -3.70 15.68 -9.42
C ALA A 58 -3.39 14.16 -9.58
N PRO A 59 -2.87 13.70 -10.77
CA PRO A 59 -2.47 12.28 -10.97
C PRO A 59 -1.38 11.81 -9.97
N LEU A 60 -1.60 10.62 -9.41
CA LEU A 60 -0.68 9.95 -8.47
C LEU A 60 0.46 9.21 -9.27
N PRO A 61 1.63 8.86 -8.60
CA PRO A 61 2.76 8.16 -9.28
C PRO A 61 2.39 6.72 -9.70
N GLU A 62 3.14 6.17 -10.68
CA GLU A 62 2.95 4.80 -11.19
C GLU A 62 3.64 3.77 -10.26
N ASN A 63 4.45 4.25 -9.29
CA ASN A 63 5.12 3.40 -8.31
C ASN A 63 4.99 4.05 -6.93
N ILE A 64 4.47 3.27 -5.96
CA ILE A 64 4.24 3.74 -4.56
C ILE A 64 5.09 2.88 -3.59
N ILE A 65 6.10 3.49 -2.96
CA ILE A 65 7.07 2.79 -2.08
C ILE A 65 6.65 2.85 -0.61
N LEU A 66 6.34 1.69 -0.04
CA LEU A 66 6.10 1.53 1.41
C LEU A 66 7.25 0.67 1.99
N ASP A 67 8.39 1.29 2.25
CA ASP A 67 9.59 0.57 2.75
C ASP A 67 9.44 0.16 4.24
N ASP A 68 8.56 0.85 4.97
CA ASP A 68 8.49 0.76 6.45
C ASP A 68 7.22 0.07 6.95
N MET A 69 6.39 -0.46 6.02
CA MET A 69 4.99 -0.82 6.34
C MET A 69 4.92 -2.26 6.85
N ASP A 70 4.75 -2.42 8.19
CA ASP A 70 4.97 -3.69 8.94
C ASP A 70 6.46 -4.09 8.85
N GLY A 71 7.32 -3.08 8.67
CA GLY A 71 8.75 -3.31 8.38
C GLY A 71 8.99 -4.00 7.02
N CYS A 72 7.91 -4.16 6.22
CA CYS A 72 7.94 -4.77 4.89
C CYS A 72 8.16 -3.68 3.85
N ARG A 73 9.01 -3.99 2.86
CA ARG A 73 9.21 -3.16 1.69
C ARG A 73 8.22 -3.65 0.60
N VAL A 74 7.10 -2.94 0.45
CA VAL A 74 6.10 -3.23 -0.58
C VAL A 74 5.99 -2.05 -1.56
N GLU A 75 6.09 -2.38 -2.86
CA GLU A 75 6.11 -1.44 -3.97
C GLU A 75 4.90 -1.73 -4.86
N PHE A 76 4.01 -0.75 -5.01
CA PHE A 76 2.85 -0.86 -5.90
C PHE A 76 3.28 -0.46 -7.32
N ASN A 77 3.25 -1.45 -8.21
CA ASN A 77 3.62 -1.29 -9.63
C ASN A 77 2.35 -1.11 -10.45
N LEU A 78 1.96 0.15 -10.70
CA LEU A 78 0.85 0.48 -11.60
C LEU A 78 1.29 0.23 -13.05
N PRO A 79 0.36 -0.23 -13.94
CA PRO A 79 0.70 -0.52 -15.35
C PRO A 79 0.97 0.77 -16.14
N GLY A 80 1.74 0.62 -17.20
CA GLY A 80 2.13 1.72 -18.07
C GLY A 80 1.05 2.11 -19.05
N GLU A 81 1.35 3.15 -19.85
CA GLU A 81 0.40 3.77 -20.80
C GLU A 81 0.03 2.81 -21.96
N ASN A 82 0.86 1.76 -22.19
CA ASN A 82 0.67 0.79 -23.30
C ASN A 82 0.30 -0.62 -22.79
N ASN A 83 -0.02 -0.76 -21.49
CA ASN A 83 -0.34 -2.08 -20.89
C ASN A 83 -1.79 -2.48 -21.20
N GLU A 84 -1.96 -3.75 -21.64
CA GLU A 84 -3.24 -4.26 -22.18
C GLU A 84 -4.19 -4.74 -21.07
N ALA A 85 -3.63 -5.32 -19.99
CA ALA A 85 -4.42 -5.88 -18.87
C ALA A 85 -5.03 -4.75 -18.01
N GLY A 86 -4.24 -3.68 -17.80
CA GLY A 86 -4.65 -2.55 -16.96
C GLY A 86 -4.87 -2.97 -15.51
N GLN A 87 -3.84 -3.61 -14.93
CA GLN A 87 -3.90 -4.15 -13.56
C GLN A 87 -2.63 -3.77 -12.78
N VAL A 88 -2.82 -3.50 -11.49
CA VAL A 88 -1.75 -3.20 -10.54
C VAL A 88 -1.10 -4.51 -10.05
N ILE A 89 0.22 -4.49 -9.87
CA ILE A 89 0.97 -5.63 -9.30
C ILE A 89 1.58 -5.17 -7.96
N VAL A 90 1.22 -5.85 -6.87
CA VAL A 90 1.78 -5.56 -5.53
C VAL A 90 3.03 -6.46 -5.33
N ARG A 91 4.16 -5.78 -5.06
CA ARG A 91 5.47 -6.42 -4.90
C ARG A 91 5.95 -6.21 -3.46
N VAL A 92 5.70 -7.20 -2.59
CA VAL A 92 6.11 -7.15 -1.18
C VAL A 92 7.42 -7.95 -1.03
N SER A 93 8.32 -7.48 -0.17
CA SER A 93 9.64 -8.11 0.07
C SER A 93 10.07 -7.82 1.51
N LYS A 94 10.80 -8.77 2.13
CA LYS A 94 11.18 -8.68 3.54
C LYS A 94 12.39 -9.60 3.82
N GLY A 95 13.58 -9.07 3.48
CA GLY A 95 14.85 -9.78 3.69
C GLY A 95 14.98 -11.00 2.77
N ASP A 96 14.58 -12.18 3.29
CA ASP A 96 14.61 -13.45 2.54
C ASP A 96 13.32 -13.61 1.71
N HIS A 97 12.21 -13.09 2.25
CA HIS A 97 10.87 -13.23 1.65
C HIS A 97 10.67 -12.23 0.50
N SER A 98 9.78 -12.60 -0.43
CA SER A 98 9.39 -11.76 -1.57
C SER A 98 8.08 -12.32 -2.15
N GLU A 99 6.97 -11.68 -1.76
CA GLU A 99 5.61 -12.11 -2.09
C GLU A 99 5.08 -11.18 -3.19
N THR A 100 4.40 -11.73 -4.20
CA THR A 100 3.89 -10.92 -5.33
C THR A 100 2.50 -11.41 -5.74
N ARG A 101 1.56 -10.46 -5.95
CA ARG A 101 0.16 -10.75 -6.36
C ARG A 101 -0.41 -9.55 -7.18
N GLU A 102 -1.54 -9.76 -7.88
CA GLU A 102 -2.16 -8.74 -8.76
C GLU A 102 -3.55 -8.32 -8.24
N ILE A 103 -3.92 -7.08 -8.58
CA ILE A 103 -5.27 -6.49 -8.37
C ILE A 103 -5.61 -5.61 -9.59
N PRO A 104 -6.92 -5.33 -9.88
CA PRO A 104 -7.31 -4.36 -10.94
C PRO A 104 -6.79 -2.93 -10.67
N LEU A 105 -6.69 -2.12 -11.74
CA LEU A 105 -6.24 -0.71 -11.66
C LEU A 105 -7.33 0.13 -10.96
N ALA A 106 -8.59 -0.04 -11.42
CA ALA A 106 -9.76 0.75 -10.99
C ALA A 106 -9.94 0.80 -9.46
N SER A 107 -9.83 -0.39 -8.83
CA SER A 107 -9.98 -0.56 -7.36
C SER A 107 -8.91 0.24 -6.60
N PHE A 108 -7.64 -0.03 -6.95
CA PHE A 108 -6.47 0.63 -6.34
C PHE A 108 -6.54 2.15 -6.55
N GLU A 109 -6.94 2.55 -7.77
CA GLU A 109 -6.89 3.94 -8.22
C GLU A 109 -7.87 4.81 -7.42
N LYS A 110 -9.13 4.34 -7.29
CA LYS A 110 -10.19 5.08 -6.55
C LYS A 110 -9.87 5.13 -5.05
N ILE A 111 -9.30 4.03 -4.52
CA ILE A 111 -8.92 3.93 -3.10
C ILE A 111 -7.74 4.88 -2.78
N CYS A 112 -6.70 4.85 -3.62
CA CYS A 112 -5.45 5.63 -3.42
C CYS A 112 -5.72 7.13 -3.69
N ARG A 113 -6.68 7.40 -4.59
CA ARG A 113 -7.18 8.75 -4.88
C ARG A 113 -7.90 9.28 -3.64
N ALA A 114 -8.69 8.39 -3.00
CA ALA A 114 -9.41 8.68 -1.74
C ALA A 114 -8.41 8.92 -0.59
N LEU A 115 -7.26 8.20 -0.59
CA LEU A 115 -6.20 8.37 0.43
C LEU A 115 -5.60 9.78 0.33
N LEU A 116 -5.40 10.24 -0.92
CA LEU A 116 -4.98 11.63 -1.22
C LEU A 116 -6.03 12.63 -0.68
N PHE A 117 -7.30 12.35 -0.96
CA PHE A 117 -8.44 13.24 -0.61
C PHE A 117 -8.71 13.26 0.91
N ARG A 118 -8.29 12.20 1.63
CA ARG A 118 -8.50 12.04 3.09
C ARG A 118 -7.19 12.30 3.87
N CYS A 119 -6.06 12.47 3.15
CA CYS A 119 -4.68 12.64 3.74
C CYS A 119 -4.58 13.67 4.89
N GLU A 120 -5.53 14.64 4.95
CA GLU A 120 -5.58 15.67 6.01
C GLU A 120 -5.88 15.01 7.38
N GLY A 1 19.72 -1.99 25.86
CA GLY A 1 18.87 -3.18 25.63
C GLY A 1 17.43 -2.79 25.37
N ALA A 2 17.21 -2.08 24.24
CA ALA A 2 15.88 -1.57 23.85
C ALA A 2 14.90 -2.74 23.58
N GLY A 3 14.01 -2.99 24.55
CA GLY A 3 12.98 -4.02 24.44
C GLY A 3 11.67 -3.49 23.91
N THR A 4 11.77 -2.55 22.96
CA THR A 4 10.62 -1.86 22.36
C THR A 4 9.77 -2.82 21.50
N SER A 5 8.51 -2.41 21.21
CA SER A 5 7.50 -3.26 20.55
C SER A 5 7.65 -3.27 19.00
N ALA A 6 8.76 -2.65 18.49
CA ALA A 6 9.10 -2.64 17.05
C ALA A 6 9.32 -4.06 16.50
N ALA A 7 9.71 -5.01 17.40
CA ALA A 7 9.88 -6.44 17.06
C ALA A 7 8.56 -7.05 16.56
N MET A 8 7.47 -6.83 17.34
CA MET A 8 6.11 -7.34 17.01
C MET A 8 5.59 -6.78 15.67
N ARG A 9 5.93 -5.50 15.42
CA ARG A 9 5.54 -4.79 14.18
C ARG A 9 6.25 -5.46 12.98
N GLN A 10 7.58 -5.58 13.10
CA GLN A 10 8.45 -6.07 12.02
C GLN A 10 8.42 -7.60 11.85
N ALA A 11 7.86 -8.31 12.86
CA ALA A 11 7.77 -9.79 12.86
C ALA A 11 6.76 -10.33 11.84
N THR A 12 5.80 -9.49 11.44
CA THR A 12 4.67 -9.89 10.58
C THR A 12 5.16 -10.20 9.13
N SER A 13 4.67 -11.33 8.57
CA SER A 13 5.15 -11.88 7.29
C SER A 13 4.41 -11.23 6.09
N PRO A 14 5.12 -11.03 4.91
CA PRO A 14 4.58 -10.26 3.73
C PRO A 14 3.35 -10.88 3.06
N LYS A 15 3.06 -12.15 3.40
CA LYS A 15 1.91 -12.89 2.83
C LYS A 15 0.60 -12.35 3.44
N THR A 16 0.51 -12.34 4.79
CA THR A 16 -0.69 -11.85 5.50
C THR A 16 -0.83 -10.32 5.33
N ILE A 17 0.32 -9.64 5.15
CA ILE A 17 0.39 -8.23 4.82
C ILE A 17 -0.33 -7.99 3.49
N LEU A 18 0.00 -8.85 2.51
CA LEU A 18 -0.68 -8.85 1.21
C LEU A 18 -2.19 -9.07 1.38
N GLU A 19 -2.58 -10.13 2.13
CA GLU A 19 -4.00 -10.48 2.36
C GLU A 19 -4.85 -9.25 2.75
N TYR A 20 -4.44 -8.55 3.83
CA TYR A 20 -5.22 -7.41 4.36
C TYR A 20 -5.09 -6.15 3.44
N ILE A 21 -3.95 -6.04 2.71
CA ILE A 21 -3.73 -4.96 1.71
C ILE A 21 -4.69 -5.13 0.50
N ILE A 22 -4.86 -6.38 0.03
CA ILE A 22 -5.72 -6.68 -1.13
C ILE A 22 -7.18 -6.46 -0.72
N ASN A 23 -7.53 -6.85 0.52
CA ASN A 23 -8.86 -6.60 1.12
C ASN A 23 -9.11 -5.08 1.25
N PHE A 24 -8.05 -4.33 1.56
CA PHE A 24 -8.11 -2.86 1.70
C PHE A 24 -8.42 -2.19 0.34
N PHE A 25 -7.77 -2.67 -0.74
CA PHE A 25 -7.92 -2.08 -2.08
C PHE A 25 -9.23 -2.52 -2.76
N THR A 26 -9.62 -3.80 -2.60
CA THR A 26 -10.79 -4.37 -3.31
C THR A 26 -12.05 -4.27 -2.45
N CYS A 27 -11.99 -4.86 -1.24
CA CYS A 27 -13.15 -4.99 -0.34
C CYS A 27 -13.24 -3.77 0.61
N GLY A 28 -14.25 -3.80 1.50
CA GLY A 28 -14.45 -2.73 2.49
C GLY A 28 -15.48 -3.14 3.53
N GLY A 29 -15.94 -2.16 4.33
CA GLY A 29 -16.99 -2.37 5.33
C GLY A 29 -16.46 -2.86 6.68
N ILE A 30 -15.48 -3.79 6.65
CA ILE A 30 -14.92 -4.42 7.86
C ILE A 30 -13.93 -3.45 8.56
N ARG A 31 -14.11 -3.26 9.88
CA ARG A 31 -13.32 -2.33 10.68
C ARG A 31 -12.98 -2.90 12.08
N ARG A 32 -13.60 -4.05 12.46
CA ARG A 32 -13.56 -4.60 13.85
C ARG A 32 -12.14 -4.66 14.44
N ARG A 33 -11.28 -5.50 13.83
CA ARG A 33 -9.86 -5.65 14.23
C ARG A 33 -8.96 -4.89 13.25
N ASN A 34 -9.59 -4.10 12.35
CA ASN A 34 -8.96 -3.62 11.11
C ASN A 34 -8.52 -2.15 11.22
N GLU A 35 -9.27 -1.32 11.98
CA GLU A 35 -9.11 0.16 11.98
C GLU A 35 -7.64 0.62 12.12
N THR A 36 -6.92 0.11 13.12
CA THR A 36 -5.54 0.56 13.44
C THR A 36 -4.54 0.17 12.32
N GLN A 37 -4.59 -1.10 11.91
CA GLN A 37 -3.63 -1.69 10.94
C GLN A 37 -3.88 -1.14 9.51
N TYR A 38 -5.15 -0.88 9.21
CA TYR A 38 -5.58 -0.27 7.94
C TYR A 38 -5.32 1.24 7.96
N GLN A 39 -5.49 1.88 9.15
CA GLN A 39 -5.24 3.34 9.34
C GLN A 39 -3.77 3.65 9.04
N GLU A 40 -2.91 2.69 9.40
CA GLU A 40 -1.47 2.71 9.07
C GLU A 40 -1.31 2.85 7.53
N LEU A 41 -2.10 2.08 6.77
CA LEU A 41 -2.13 2.18 5.28
C LEU A 41 -2.69 3.53 4.79
N ILE A 42 -3.80 4.04 5.41
CA ILE A 42 -4.40 5.33 5.00
C ILE A 42 -3.33 6.45 5.08
N GLU A 43 -2.68 6.58 6.26
CA GLU A 43 -1.74 7.67 6.54
C GLU A 43 -0.43 7.49 5.73
N THR A 44 0.17 6.29 5.76
CA THR A 44 1.46 6.01 5.10
C THR A 44 1.37 6.18 3.56
N MET A 45 0.32 5.60 2.94
CA MET A 45 0.06 5.78 1.50
C MET A 45 -0.14 7.27 1.20
N ALA A 46 -1.09 7.91 1.90
CA ALA A 46 -1.44 9.34 1.68
C ALA A 46 -0.20 10.26 1.79
N GLU A 47 0.70 9.96 2.76
CA GLU A 47 1.92 10.75 3.00
C GLU A 47 2.91 10.63 1.83
N THR A 48 3.26 9.39 1.42
CA THR A 48 4.25 9.15 0.34
C THR A 48 3.74 9.67 -1.03
N LEU A 49 2.39 9.65 -1.20
CA LEU A 49 1.72 10.18 -2.39
C LEU A 49 1.84 11.71 -2.43
N LYS A 50 1.32 12.38 -1.38
CA LYS A 50 1.30 13.87 -1.27
C LYS A 50 2.73 14.44 -1.12
N SER A 51 3.69 13.58 -0.76
CA SER A 51 5.12 13.95 -0.64
C SER A 51 5.73 14.26 -2.03
N THR A 52 5.25 13.56 -3.07
CA THR A 52 5.75 13.73 -4.46
C THR A 52 4.74 14.54 -5.30
N MET A 53 3.49 14.60 -4.82
CA MET A 53 2.42 15.43 -5.41
C MET A 53 2.38 16.81 -4.69
N PRO A 54 1.72 17.86 -5.27
CA PRO A 54 1.51 19.16 -4.56
C PRO A 54 0.62 18.96 -3.29
N ASP A 55 -0.62 18.50 -3.50
CA ASP A 55 -1.58 18.22 -2.40
C ASP A 55 -2.46 17.03 -2.83
N ARG A 56 -3.37 17.33 -3.77
CA ARG A 56 -4.44 16.40 -4.21
C ARG A 56 -5.16 17.02 -5.41
N GLY A 57 -5.81 16.17 -6.23
CA GLY A 57 -6.44 16.61 -7.48
C GLY A 57 -5.51 16.45 -8.69
N ALA A 58 -4.20 16.46 -8.42
CA ALA A 58 -3.14 16.25 -9.42
C ALA A 58 -3.01 14.75 -9.79
N PRO A 59 -2.27 14.40 -10.90
CA PRO A 59 -1.87 12.99 -11.17
C PRO A 59 -0.99 12.39 -10.03
N LEU A 60 -1.18 11.09 -9.76
CA LEU A 60 -0.45 10.35 -8.71
C LEU A 60 0.83 9.67 -9.29
N PRO A 61 1.83 9.26 -8.42
CA PRO A 61 3.02 8.49 -8.88
C PRO A 61 2.66 7.05 -9.31
N GLU A 62 3.48 6.48 -10.22
CA GLU A 62 3.28 5.12 -10.74
C GLU A 62 4.10 4.08 -9.95
N ASN A 63 5.00 4.56 -9.07
CA ASN A 63 5.80 3.70 -8.17
C ASN A 63 5.70 4.23 -6.74
N ILE A 64 5.17 3.40 -5.83
CA ILE A 64 5.01 3.74 -4.40
C ILE A 64 5.89 2.79 -3.56
N ILE A 65 6.90 3.35 -2.88
CA ILE A 65 7.81 2.59 -1.99
C ILE A 65 7.34 2.69 -0.53
N LEU A 66 6.89 1.56 0.02
CA LEU A 66 6.58 1.43 1.46
C LEU A 66 7.47 0.31 2.06
N ASP A 67 8.69 0.68 2.46
CA ASP A 67 9.70 -0.28 2.96
C ASP A 67 9.51 -0.61 4.46
N ASP A 68 8.60 0.12 5.14
CA ASP A 68 8.33 -0.06 6.59
C ASP A 68 7.00 -0.81 6.83
N MET A 69 6.55 -1.62 5.86
CA MET A 69 5.27 -2.35 5.96
C MET A 69 5.44 -3.63 6.78
N ASP A 70 5.49 -3.46 8.11
CA ASP A 70 5.63 -4.56 9.08
C ASP A 70 6.93 -5.35 8.84
N GLY A 71 8.02 -4.58 8.60
CA GLY A 71 9.33 -5.13 8.31
C GLY A 71 9.52 -5.54 6.85
N CYS A 72 8.39 -5.58 6.10
CA CYS A 72 8.37 -5.96 4.68
C CYS A 72 8.44 -4.68 3.82
N ARG A 73 9.17 -4.79 2.71
CA ARG A 73 9.23 -3.75 1.68
C ARG A 73 8.24 -4.09 0.57
N VAL A 74 7.40 -3.11 0.18
CA VAL A 74 6.49 -3.24 -0.96
C VAL A 74 6.70 -2.09 -1.95
N GLU A 75 6.79 -2.46 -3.24
CA GLU A 75 6.83 -1.53 -4.36
C GLU A 75 5.55 -1.73 -5.19
N PHE A 76 4.65 -0.75 -5.12
CA PHE A 76 3.42 -0.73 -5.92
C PHE A 76 3.79 -0.23 -7.33
N ASN A 77 3.66 -1.12 -8.32
CA ASN A 77 3.99 -0.85 -9.72
C ASN A 77 2.70 -0.75 -10.55
N LEU A 78 2.42 0.45 -11.05
CA LEU A 78 1.30 0.68 -11.98
C LEU A 78 1.74 0.33 -13.41
N PRO A 79 0.84 -0.24 -14.26
CA PRO A 79 1.19 -0.67 -15.63
C PRO A 79 1.31 0.53 -16.60
N GLY A 80 2.04 0.30 -17.69
CA GLY A 80 2.22 1.30 -18.74
C GLY A 80 1.16 1.19 -19.83
N GLU A 81 1.18 2.12 -20.79
CA GLU A 81 0.21 2.16 -21.93
C GLU A 81 0.26 0.86 -22.78
N ASN A 82 1.45 0.24 -22.80
CA ASN A 82 1.71 -1.02 -23.55
C ASN A 82 1.00 -2.23 -22.90
N ASN A 83 0.76 -2.15 -21.57
CA ASN A 83 0.16 -3.26 -20.79
C ASN A 83 -1.36 -3.33 -21.01
N GLU A 84 -1.77 -4.33 -21.82
CA GLU A 84 -3.18 -4.61 -22.13
C GLU A 84 -3.94 -5.14 -20.88
N ALA A 85 -3.18 -5.74 -19.94
CA ALA A 85 -3.72 -6.30 -18.68
C ALA A 85 -4.38 -5.22 -17.81
N GLY A 86 -3.75 -4.03 -17.76
CA GLY A 86 -4.27 -2.86 -17.04
C GLY A 86 -4.57 -3.11 -15.57
N GLN A 87 -3.64 -3.79 -14.87
CA GLN A 87 -3.76 -4.09 -13.43
C GLN A 87 -2.46 -3.70 -12.71
N VAL A 88 -2.58 -3.44 -11.41
CA VAL A 88 -1.47 -3.03 -10.55
C VAL A 88 -0.74 -4.27 -10.02
N ILE A 89 0.59 -4.30 -10.20
CA ILE A 89 1.45 -5.40 -9.72
C ILE A 89 2.16 -4.91 -8.45
N VAL A 90 1.75 -5.44 -7.29
CA VAL A 90 2.35 -5.08 -5.99
C VAL A 90 3.36 -6.16 -5.58
N ARG A 91 4.59 -5.73 -5.23
CA ARG A 91 5.71 -6.63 -4.90
C ARG A 91 6.11 -6.42 -3.43
N VAL A 92 5.55 -7.25 -2.51
CA VAL A 92 5.87 -7.17 -1.07
C VAL A 92 6.89 -8.28 -0.73
N SER A 93 8.16 -7.89 -0.63
CA SER A 93 9.26 -8.79 -0.26
C SER A 93 9.75 -8.48 1.16
N LYS A 94 10.62 -9.33 1.70
CA LYS A 94 11.17 -9.19 3.06
C LYS A 94 12.48 -9.97 3.15
N GLY A 95 13.55 -9.39 2.57
CA GLY A 95 14.87 -10.01 2.51
C GLY A 95 14.88 -11.28 1.66
N ASP A 96 14.78 -12.44 2.33
CA ASP A 96 14.75 -13.77 1.68
C ASP A 96 13.34 -14.07 1.13
N HIS A 97 12.33 -13.37 1.68
CA HIS A 97 10.93 -13.47 1.24
C HIS A 97 10.71 -12.63 -0.03
N SER A 98 9.73 -13.06 -0.85
CA SER A 98 9.25 -12.31 -2.02
C SER A 98 7.81 -12.76 -2.35
N GLU A 99 6.84 -11.88 -2.09
CA GLU A 99 5.41 -12.13 -2.32
C GLU A 99 4.88 -11.11 -3.34
N THR A 100 4.49 -11.60 -4.53
CA THR A 100 3.92 -10.77 -5.59
C THR A 100 2.40 -11.02 -5.68
N ARG A 101 1.65 -9.98 -6.07
CA ARG A 101 0.19 -10.05 -6.15
C ARG A 101 -0.30 -9.03 -7.21
N GLU A 102 -1.54 -9.21 -7.65
CA GLU A 102 -2.21 -8.27 -8.56
C GLU A 102 -3.55 -7.84 -7.96
N ILE A 103 -3.83 -6.54 -8.12
CA ILE A 103 -5.13 -5.93 -7.85
C ILE A 103 -5.55 -5.20 -9.14
N PRO A 104 -6.86 -5.20 -9.50
CA PRO A 104 -7.36 -4.38 -10.62
C PRO A 104 -7.02 -2.88 -10.39
N LEU A 105 -6.62 -2.20 -11.48
CA LEU A 105 -6.22 -0.78 -11.46
C LEU A 105 -7.35 0.08 -10.84
N ALA A 106 -8.61 -0.33 -11.11
CA ALA A 106 -9.82 0.30 -10.55
C ALA A 106 -9.80 0.37 -9.01
N SER A 107 -9.44 -0.77 -8.37
CA SER A 107 -9.38 -0.88 -6.89
C SER A 107 -8.29 0.03 -6.30
N PHE A 108 -7.07 -0.07 -6.86
CA PHE A 108 -5.93 0.71 -6.38
C PHE A 108 -6.20 2.21 -6.53
N GLU A 109 -6.73 2.60 -7.71
CA GLU A 109 -6.89 4.01 -8.07
C GLU A 109 -8.02 4.67 -7.27
N LYS A 110 -9.13 3.92 -7.03
CA LYS A 110 -10.26 4.44 -6.24
C LYS A 110 -9.80 4.74 -4.80
N ILE A 111 -8.98 3.82 -4.24
CA ILE A 111 -8.47 3.95 -2.87
C ILE A 111 -7.37 5.03 -2.78
N CYS A 112 -6.42 5.00 -3.72
CA CYS A 112 -5.26 5.94 -3.76
C CYS A 112 -5.75 7.39 -3.88
N ARG A 113 -6.73 7.60 -4.77
CA ARG A 113 -7.37 8.92 -4.99
C ARG A 113 -8.19 9.33 -3.75
N ALA A 114 -8.89 8.34 -3.14
CA ALA A 114 -9.67 8.54 -1.91
C ALA A 114 -8.79 9.05 -0.75
N LEU A 115 -7.54 8.53 -0.67
CA LEU A 115 -6.57 8.89 0.39
C LEU A 115 -5.98 10.28 0.13
N LEU A 116 -5.74 10.59 -1.15
CA LEU A 116 -5.34 11.94 -1.61
C LEU A 116 -6.35 12.99 -1.14
N PHE A 117 -7.64 12.68 -1.31
CA PHE A 117 -8.74 13.57 -0.91
C PHE A 117 -8.95 13.50 0.61
N ARG A 118 -8.70 12.32 1.22
CA ARG A 118 -8.90 12.07 2.67
C ARG A 118 -7.88 12.87 3.51
N CYS A 119 -6.80 13.31 2.85
CA CYS A 119 -5.83 14.26 3.42
C CYS A 119 -6.49 15.53 4.02
N GLU A 120 -7.65 15.95 3.45
CA GLU A 120 -8.36 17.17 3.89
C GLU A 120 -9.88 16.92 3.92
N GLY A 1 16.45 2.02 25.48
CA GLY A 1 17.26 1.90 24.25
C GLY A 1 16.90 2.97 23.23
N ALA A 2 17.27 2.73 21.95
CA ALA A 2 16.95 3.64 20.84
C ALA A 2 15.45 3.55 20.47
N GLY A 3 14.99 4.49 19.63
CA GLY A 3 13.59 4.51 19.15
C GLY A 3 13.37 3.63 17.92
N THR A 4 14.12 2.51 17.86
CA THR A 4 14.09 1.55 16.75
C THR A 4 13.00 0.48 16.99
N SER A 5 11.75 0.95 17.10
CA SER A 5 10.56 0.12 17.40
C SER A 5 10.05 -0.60 16.13
N ALA A 6 10.55 -0.16 14.95
CA ALA A 6 10.17 -0.72 13.64
C ALA A 6 10.61 -2.19 13.49
N ALA A 7 11.64 -2.58 14.27
CA ALA A 7 12.13 -3.97 14.35
C ALA A 7 11.05 -4.94 14.88
N MET A 8 10.28 -4.48 15.90
CA MET A 8 9.11 -5.23 16.44
C MET A 8 7.92 -5.16 15.46
N ARG A 9 7.80 -4.00 14.78
CA ARG A 9 6.77 -3.75 13.74
C ARG A 9 6.92 -4.74 12.54
N GLN A 10 8.12 -5.31 12.35
CA GLN A 10 8.40 -6.32 11.28
C GLN A 10 7.69 -7.67 11.52
N ALA A 11 7.16 -7.89 12.74
CA ALA A 11 6.59 -9.18 13.22
C ALA A 11 5.66 -9.91 12.20
N THR A 12 4.88 -9.15 11.41
CA THR A 12 3.97 -9.72 10.39
C THR A 12 4.74 -10.02 9.07
N SER A 13 4.42 -11.19 8.47
CA SER A 13 4.97 -11.63 7.18
C SER A 13 4.28 -10.88 6.02
N PRO A 14 5.03 -10.63 4.87
CA PRO A 14 4.48 -10.02 3.61
C PRO A 14 3.34 -10.81 2.93
N LYS A 15 3.00 -12.00 3.48
CA LYS A 15 1.94 -12.86 2.95
C LYS A 15 0.60 -12.33 3.46
N THR A 16 0.52 -12.26 4.81
CA THR A 16 -0.64 -11.72 5.53
C THR A 16 -0.85 -10.23 5.22
N ILE A 17 0.27 -9.51 5.06
CA ILE A 17 0.28 -8.13 4.59
C ILE A 17 -0.43 -8.04 3.24
N LEU A 18 -0.03 -8.91 2.29
CA LEU A 18 -0.67 -8.97 0.95
C LEU A 18 -2.16 -9.29 1.04
N GLU A 19 -2.54 -10.21 1.94
CA GLU A 19 -3.95 -10.60 2.11
C GLU A 19 -4.82 -9.37 2.39
N TYR A 20 -4.43 -8.58 3.43
CA TYR A 20 -5.22 -7.42 3.85
C TYR A 20 -5.09 -6.24 2.86
N ILE A 21 -3.95 -6.17 2.12
CA ILE A 21 -3.73 -5.19 1.03
C ILE A 21 -4.80 -5.39 -0.06
N ILE A 22 -4.88 -6.62 -0.60
CA ILE A 22 -5.79 -6.96 -1.70
C ILE A 22 -7.24 -6.74 -1.27
N ASN A 23 -7.58 -7.24 -0.06
CA ASN A 23 -8.92 -7.10 0.54
C ASN A 23 -9.32 -5.63 0.68
N PHE A 24 -8.38 -4.77 1.09
CA PHE A 24 -8.61 -3.31 1.23
C PHE A 24 -8.90 -2.67 -0.15
N PHE A 25 -8.07 -3.02 -1.15
CA PHE A 25 -8.16 -2.46 -2.50
C PHE A 25 -9.27 -3.12 -3.35
N THR A 26 -9.95 -4.16 -2.81
CA THR A 26 -11.16 -4.75 -3.44
C THR A 26 -12.43 -4.41 -2.60
N CYS A 27 -12.62 -5.10 -1.45
CA CYS A 27 -13.80 -4.95 -0.58
C CYS A 27 -13.43 -5.33 0.86
N GLY A 28 -13.52 -4.36 1.78
CA GLY A 28 -13.18 -4.56 3.19
C GLY A 28 -13.72 -3.44 4.06
N GLY A 29 -12.81 -2.55 4.54
CA GLY A 29 -13.17 -1.45 5.44
C GLY A 29 -13.65 -1.94 6.81
N ILE A 30 -13.07 -3.05 7.28
CA ILE A 30 -13.44 -3.73 8.53
C ILE A 30 -12.87 -2.95 9.73
N ARG A 31 -13.58 -2.99 10.88
CA ARG A 31 -13.22 -2.21 12.08
C ARG A 31 -12.85 -3.10 13.28
N ARG A 32 -12.95 -4.44 13.11
CA ARG A 32 -12.84 -5.43 14.20
C ARG A 32 -11.50 -5.31 14.97
N ARG A 33 -10.42 -5.82 14.37
CA ARG A 33 -9.03 -5.71 14.88
C ARG A 33 -8.20 -4.92 13.85
N ASN A 34 -8.92 -4.35 12.87
CA ASN A 34 -8.37 -4.00 11.56
C ASN A 34 -8.00 -2.51 11.49
N GLU A 35 -8.69 -1.67 12.29
CA GLU A 35 -8.57 -0.19 12.22
C GLU A 35 -7.12 0.29 12.31
N THR A 36 -6.32 -0.40 13.15
CA THR A 36 -4.92 -0.05 13.43
C THR A 36 -3.97 -0.45 12.29
N GLN A 37 -3.89 -1.78 12.01
CA GLN A 37 -2.95 -2.35 11.00
C GLN A 37 -3.24 -1.81 9.59
N TYR A 38 -4.52 -1.58 9.29
CA TYR A 38 -4.95 -1.03 7.99
C TYR A 38 -4.57 0.45 7.92
N GLN A 39 -4.80 1.21 9.02
CA GLN A 39 -4.49 2.65 9.08
C GLN A 39 -2.98 2.91 8.87
N GLU A 40 -2.12 1.92 9.22
CA GLU A 40 -0.68 1.94 8.85
C GLU A 40 -0.52 2.10 7.32
N LEU A 41 -1.26 1.27 6.56
CA LEU A 41 -1.28 1.31 5.08
C LEU A 41 -1.78 2.68 4.59
N ILE A 42 -2.97 3.10 5.09
CA ILE A 42 -3.65 4.34 4.63
C ILE A 42 -2.75 5.57 4.83
N GLU A 43 -2.18 5.73 6.04
CA GLU A 43 -1.37 6.90 6.40
C GLU A 43 -0.04 6.92 5.62
N THR A 44 0.63 5.75 5.50
CA THR A 44 1.94 5.65 4.84
C THR A 44 1.81 5.87 3.31
N MET A 45 0.71 5.33 2.72
CA MET A 45 0.37 5.56 1.29
C MET A 45 0.10 7.04 1.07
N ALA A 46 -0.96 7.57 1.73
CA ALA A 46 -1.40 8.99 1.63
C ALA A 46 -0.22 9.97 1.77
N GLU A 47 0.69 9.68 2.73
CA GLU A 47 1.91 10.47 2.97
C GLU A 47 2.86 10.45 1.77
N THR A 48 3.37 9.26 1.38
CA THR A 48 4.39 9.14 0.30
C THR A 48 3.80 9.61 -1.07
N LEU A 49 2.46 9.54 -1.20
CA LEU A 49 1.73 10.08 -2.37
C LEU A 49 1.85 11.61 -2.41
N LYS A 50 1.33 12.30 -1.35
CA LYS A 50 1.37 13.79 -1.24
C LYS A 50 2.81 14.32 -1.10
N SER A 51 3.77 13.43 -0.76
CA SER A 51 5.20 13.77 -0.70
C SER A 51 5.79 13.99 -2.11
N THR A 52 5.31 13.20 -3.09
CA THR A 52 5.80 13.28 -4.49
C THR A 52 4.82 14.09 -5.37
N MET A 53 3.57 14.22 -4.90
CA MET A 53 2.53 15.05 -5.54
C MET A 53 2.62 16.48 -4.97
N PRO A 54 2.43 17.56 -5.82
CA PRO A 54 2.41 18.96 -5.35
C PRO A 54 1.45 19.15 -4.14
N ASP A 55 0.17 18.77 -4.32
CA ASP A 55 -0.85 18.80 -3.26
C ASP A 55 -1.89 17.70 -3.56
N ARG A 56 -2.74 17.97 -4.58
CA ARG A 56 -3.78 17.03 -5.05
C ARG A 56 -4.40 17.64 -6.33
N GLY A 57 -4.84 16.76 -7.24
CA GLY A 57 -5.26 17.15 -8.59
C GLY A 57 -4.24 16.70 -9.61
N ALA A 58 -2.98 16.60 -9.14
CA ALA A 58 -1.86 15.99 -9.87
C ALA A 58 -2.08 14.46 -9.99
N PRO A 59 -1.46 13.77 -11.00
CA PRO A 59 -1.51 12.29 -11.10
C PRO A 59 -0.70 11.61 -9.97
N LEU A 60 -1.23 10.49 -9.46
CA LEU A 60 -0.51 9.59 -8.52
C LEU A 60 0.71 8.90 -9.23
N PRO A 61 1.84 8.63 -8.50
CA PRO A 61 3.09 8.03 -9.08
C PRO A 61 2.89 6.57 -9.52
N GLU A 62 3.79 6.08 -10.41
CA GLU A 62 3.73 4.71 -10.94
C GLU A 62 4.38 3.72 -9.97
N ASN A 63 5.37 4.18 -9.20
CA ASN A 63 6.05 3.34 -8.21
C ASN A 63 5.94 4.00 -6.84
N ILE A 64 5.30 3.29 -5.91
CA ILE A 64 5.01 3.78 -4.56
C ILE A 64 5.71 2.82 -3.55
N ILE A 65 6.83 3.30 -2.95
CA ILE A 65 7.66 2.52 -2.01
C ILE A 65 7.19 2.75 -0.57
N LEU A 66 6.75 1.66 0.07
CA LEU A 66 6.40 1.63 1.51
C LEU A 66 7.22 0.52 2.18
N ASP A 67 8.49 0.85 2.53
CA ASP A 67 9.45 -0.12 3.13
C ASP A 67 9.27 -0.24 4.66
N ASP A 68 8.31 0.50 5.21
CA ASP A 68 8.03 0.57 6.65
C ASP A 68 6.57 0.13 6.96
N MET A 69 5.86 -0.38 5.93
CA MET A 69 4.39 -0.61 6.01
C MET A 69 4.13 -1.91 6.79
N ASP A 70 3.83 -1.73 8.10
CA ASP A 70 3.70 -2.82 9.09
C ASP A 70 5.00 -3.69 9.09
N GLY A 71 6.14 -2.99 8.95
CA GLY A 71 7.47 -3.59 8.97
C GLY A 71 7.84 -4.36 7.71
N CYS A 72 6.96 -4.30 6.70
CA CYS A 72 7.14 -4.97 5.41
C CYS A 72 7.33 -3.93 4.31
N ARG A 73 8.11 -4.30 3.27
CA ARG A 73 8.36 -3.47 2.10
C ARG A 73 7.39 -3.85 1.00
N VAL A 74 6.37 -3.02 0.76
CA VAL A 74 5.45 -3.18 -0.38
C VAL A 74 5.73 -2.09 -1.42
N GLU A 75 5.88 -2.53 -2.67
CA GLU A 75 6.16 -1.68 -3.81
C GLU A 75 4.98 -1.81 -4.79
N PHE A 76 4.19 -0.74 -4.90
CA PHE A 76 3.06 -0.68 -5.83
C PHE A 76 3.59 -0.24 -7.21
N ASN A 77 3.50 -1.14 -8.20
CA ASN A 77 3.88 -0.89 -9.60
C ASN A 77 2.63 -0.74 -10.45
N LEU A 78 2.52 0.38 -11.15
CA LEU A 78 1.40 0.64 -12.06
C LEU A 78 1.84 0.30 -13.49
N PRO A 79 0.91 -0.25 -14.34
CA PRO A 79 1.19 -0.43 -15.76
C PRO A 79 1.10 0.90 -16.52
N GLY A 80 1.73 0.93 -17.69
CA GLY A 80 1.70 2.09 -18.57
C GLY A 80 0.41 2.12 -19.38
N GLU A 81 0.10 3.26 -20.00
CA GLU A 81 -1.09 3.42 -20.87
C GLU A 81 -0.99 2.58 -22.17
N ASN A 82 0.24 2.12 -22.47
CA ASN A 82 0.54 1.25 -23.62
C ASN A 82 0.27 -0.24 -23.29
N ASN A 83 -0.07 -0.54 -22.01
CA ASN A 83 -0.37 -1.91 -21.55
C ASN A 83 -1.84 -2.27 -21.77
N GLU A 84 -2.10 -3.58 -21.97
CA GLU A 84 -3.44 -4.12 -22.26
C GLU A 84 -4.13 -4.66 -21.00
N ALA A 85 -3.37 -5.42 -20.17
CA ALA A 85 -3.90 -6.12 -18.98
C ALA A 85 -4.40 -5.12 -17.91
N GLY A 86 -3.61 -4.03 -17.74
CA GLY A 86 -4.02 -2.89 -16.93
C GLY A 86 -4.30 -3.22 -15.46
N GLN A 87 -3.31 -3.83 -14.78
CA GLN A 87 -3.43 -4.20 -13.36
C GLN A 87 -2.17 -3.78 -12.57
N VAL A 88 -2.39 -3.38 -11.32
CA VAL A 88 -1.33 -2.97 -10.39
C VAL A 88 -0.63 -4.20 -9.80
N ILE A 89 0.71 -4.26 -9.95
CA ILE A 89 1.53 -5.34 -9.40
C ILE A 89 2.00 -4.90 -8.00
N VAL A 90 1.50 -5.57 -6.97
CA VAL A 90 1.85 -5.26 -5.57
C VAL A 90 2.86 -6.32 -5.03
N ARG A 91 4.13 -5.90 -4.91
CA ARG A 91 5.25 -6.79 -4.52
C ARG A 91 5.72 -6.44 -3.11
N VAL A 92 5.38 -7.32 -2.15
CA VAL A 92 5.76 -7.12 -0.73
C VAL A 92 6.86 -8.15 -0.36
N SER A 93 8.04 -7.63 -0.02
CA SER A 93 9.21 -8.44 0.38
C SER A 93 9.64 -8.06 1.82
N LYS A 94 10.41 -8.97 2.43
CA LYS A 94 10.93 -8.82 3.80
C LYS A 94 12.17 -9.71 3.93
N GLY A 95 13.36 -9.11 3.76
CA GLY A 95 14.62 -9.85 3.81
C GLY A 95 14.75 -10.82 2.65
N ASP A 96 14.35 -12.09 2.90
CA ASP A 96 14.37 -13.17 1.89
C ASP A 96 12.93 -13.47 1.40
N HIS A 97 11.92 -13.25 2.28
CA HIS A 97 10.54 -13.69 2.04
C HIS A 97 9.84 -12.66 1.14
N SER A 98 9.56 -13.05 -0.12
CA SER A 98 9.01 -12.15 -1.13
C SER A 98 7.75 -12.77 -1.76
N GLU A 99 6.63 -12.09 -1.55
CA GLU A 99 5.32 -12.45 -2.10
C GLU A 99 4.88 -11.32 -3.05
N THR A 100 4.14 -11.68 -4.11
CA THR A 100 3.67 -10.72 -5.13
C THR A 100 2.26 -11.10 -5.61
N ARG A 101 1.33 -10.14 -5.51
CA ARG A 101 -0.07 -10.28 -5.95
C ARG A 101 -0.39 -9.22 -7.02
N GLU A 102 -1.59 -9.31 -7.58
CA GLU A 102 -2.15 -8.29 -8.49
C GLU A 102 -3.49 -7.78 -7.94
N ILE A 103 -3.81 -6.53 -8.30
CA ILE A 103 -5.15 -5.92 -8.16
C ILE A 103 -5.44 -5.16 -9.46
N PRO A 104 -6.73 -5.09 -9.92
CA PRO A 104 -7.09 -4.30 -11.12
C PRO A 104 -6.78 -2.78 -10.93
N LEU A 105 -6.39 -2.11 -12.04
CA LEU A 105 -5.90 -0.71 -12.01
C LEU A 105 -6.97 0.25 -11.47
N ALA A 106 -8.22 0.09 -11.93
CA ALA A 106 -9.35 0.98 -11.57
C ALA A 106 -9.66 0.95 -10.06
N SER A 107 -9.52 -0.25 -9.44
CA SER A 107 -9.73 -0.43 -7.99
C SER A 107 -8.68 0.37 -7.19
N PHE A 108 -7.39 0.14 -7.48
CA PHE A 108 -6.29 0.85 -6.82
C PHE A 108 -6.38 2.36 -7.08
N GLU A 109 -6.79 2.74 -8.31
CA GLU A 109 -6.83 4.14 -8.75
C GLU A 109 -7.82 4.93 -7.88
N LYS A 110 -9.05 4.39 -7.76
CA LYS A 110 -10.15 5.06 -7.01
C LYS A 110 -9.86 5.06 -5.50
N ILE A 111 -9.21 3.99 -4.96
CA ILE A 111 -8.89 3.88 -3.52
C ILE A 111 -7.73 4.83 -3.12
N CYS A 112 -6.69 4.86 -3.96
CA CYS A 112 -5.51 5.75 -3.77
C CYS A 112 -5.94 7.22 -3.86
N ARG A 113 -6.86 7.50 -4.80
CA ARG A 113 -7.46 8.82 -5.00
C ARG A 113 -8.34 9.18 -3.77
N ALA A 114 -9.03 8.15 -3.23
CA ALA A 114 -9.88 8.27 -2.03
C ALA A 114 -9.04 8.49 -0.76
N LEU A 115 -7.78 8.01 -0.77
CA LEU A 115 -6.79 8.26 0.33
C LEU A 115 -6.33 9.72 0.31
N LEU A 116 -6.14 10.27 -0.91
CA LEU A 116 -5.85 11.69 -1.11
C LEU A 116 -7.03 12.58 -0.61
N PHE A 117 -8.26 12.09 -0.84
CA PHE A 117 -9.51 12.80 -0.45
C PHE A 117 -9.93 12.45 0.99
N ARG A 118 -9.33 11.40 1.58
CA ARG A 118 -9.54 11.04 3.00
C ARG A 118 -8.60 11.87 3.88
N CYS A 119 -7.42 12.20 3.31
CA CYS A 119 -6.45 13.13 3.89
C CYS A 119 -7.10 14.53 4.06
N GLU A 120 -8.05 14.85 3.16
CA GLU A 120 -8.92 16.02 3.27
C GLU A 120 -9.98 15.82 4.38
N GLY A 1 22.62 -4.91 24.18
CA GLY A 1 21.43 -5.73 23.85
C GLY A 1 20.79 -5.30 22.54
N ALA A 2 19.47 -5.51 22.41
CA ALA A 2 18.71 -5.13 21.22
C ALA A 2 18.32 -3.65 21.31
N GLY A 3 19.17 -2.77 20.73
CA GLY A 3 18.93 -1.32 20.72
C GLY A 3 17.86 -0.93 19.71
N THR A 4 17.95 -1.53 18.52
CA THR A 4 17.01 -1.30 17.42
C THR A 4 15.70 -2.07 17.66
N SER A 5 14.61 -1.34 17.95
CA SER A 5 13.27 -1.92 18.21
C SER A 5 12.49 -2.19 16.91
N ALA A 6 13.13 -1.95 15.74
CA ALA A 6 12.57 -2.25 14.41
C ALA A 6 12.25 -3.76 14.25
N ALA A 7 12.91 -4.62 15.07
CA ALA A 7 12.68 -6.08 15.13
C ALA A 7 11.19 -6.43 15.38
N MET A 8 10.49 -5.56 16.14
CA MET A 8 9.03 -5.62 16.34
C MET A 8 8.30 -5.56 14.98
N ARG A 9 8.70 -4.59 14.16
CA ARG A 9 8.13 -4.34 12.85
C ARG A 9 8.46 -5.51 11.88
N GLN A 10 9.70 -6.05 11.99
CA GLN A 10 10.20 -7.15 11.11
C GLN A 10 9.39 -8.46 11.28
N ALA A 11 8.70 -8.59 12.43
CA ALA A 11 8.02 -9.82 12.85
C ALA A 11 6.88 -10.25 11.90
N THR A 12 6.24 -9.27 11.22
CA THR A 12 5.05 -9.54 10.40
C THR A 12 5.44 -10.10 9.02
N SER A 13 4.71 -11.14 8.56
CA SER A 13 4.95 -11.83 7.28
C SER A 13 4.31 -11.05 6.11
N PRO A 14 5.04 -10.88 4.95
CA PRO A 14 4.51 -10.16 3.75
C PRO A 14 3.30 -10.85 3.09
N LYS A 15 3.04 -12.12 3.45
CA LYS A 15 1.84 -12.86 2.96
C LYS A 15 0.56 -12.27 3.61
N THR A 16 0.56 -12.12 4.95
CA THR A 16 -0.61 -11.56 5.69
C THR A 16 -0.75 -10.05 5.42
N ILE A 17 0.40 -9.39 5.14
CA ILE A 17 0.44 -7.99 4.72
C ILE A 17 -0.30 -7.85 3.39
N LEU A 18 -0.01 -8.79 2.46
CA LEU A 18 -0.75 -8.91 1.20
C LEU A 18 -2.26 -9.11 1.45
N GLU A 19 -2.60 -10.08 2.31
CA GLU A 19 -4.02 -10.42 2.63
C GLU A 19 -4.86 -9.18 2.97
N TYR A 20 -4.39 -8.36 3.95
CA TYR A 20 -5.20 -7.21 4.45
C TYR A 20 -5.08 -5.97 3.53
N ILE A 21 -3.92 -5.80 2.84
CA ILE A 21 -3.72 -4.72 1.82
C ILE A 21 -4.70 -4.93 0.65
N ILE A 22 -4.59 -6.11 0.01
CA ILE A 22 -5.40 -6.50 -1.16
C ILE A 22 -6.89 -6.44 -0.81
N ASN A 23 -7.24 -6.96 0.40
CA ASN A 23 -8.61 -6.88 0.97
C ASN A 23 -9.14 -5.43 0.93
N PHE A 24 -8.36 -4.50 1.51
CA PHE A 24 -8.71 -3.07 1.57
C PHE A 24 -9.01 -2.48 0.16
N PHE A 25 -8.12 -2.76 -0.80
CA PHE A 25 -8.22 -2.22 -2.18
C PHE A 25 -9.39 -2.84 -2.97
N THR A 26 -9.71 -4.12 -2.72
CA THR A 26 -10.73 -4.86 -3.48
C THR A 26 -12.11 -4.81 -2.79
N CYS A 27 -12.25 -5.49 -1.64
CA CYS A 27 -13.52 -5.61 -0.91
C CYS A 27 -13.24 -5.88 0.57
N GLY A 28 -13.86 -5.06 1.44
CA GLY A 28 -13.70 -5.19 2.88
C GLY A 28 -14.90 -4.61 3.61
N GLY A 29 -14.80 -3.32 4.00
CA GLY A 29 -15.81 -2.68 4.87
C GLY A 29 -15.81 -3.25 6.29
N ILE A 30 -14.73 -3.97 6.62
CA ILE A 30 -14.56 -4.67 7.89
C ILE A 30 -13.92 -3.72 8.92
N ARG A 31 -14.36 -3.84 10.18
CA ARG A 31 -13.87 -3.02 11.30
C ARG A 31 -13.70 -3.90 12.56
N ARG A 32 -13.45 -5.21 12.31
CA ARG A 32 -13.32 -6.26 13.34
C ARG A 32 -12.13 -5.93 14.26
N ARG A 33 -10.91 -6.00 13.69
CA ARG A 33 -9.67 -5.47 14.32
C ARG A 33 -8.98 -4.51 13.35
N ASN A 34 -9.76 -4.04 12.36
CA ASN A 34 -9.28 -3.28 11.20
C ASN A 34 -9.14 -1.78 11.52
N GLU A 35 -9.54 -1.40 12.76
CA GLU A 35 -9.56 -0.01 13.22
C GLU A 35 -8.18 0.64 13.13
N THR A 36 -7.22 0.10 13.89
CA THR A 36 -5.84 0.57 13.89
C THR A 36 -5.04 0.04 12.69
N GLN A 37 -5.24 -1.28 12.40
CA GLN A 37 -4.44 -2.03 11.39
C GLN A 37 -4.54 -1.42 9.98
N TYR A 38 -5.73 -0.92 9.62
CA TYR A 38 -5.96 -0.29 8.31
C TYR A 38 -5.70 1.23 8.40
N GLN A 39 -6.06 1.87 9.53
CA GLN A 39 -5.88 3.35 9.70
C GLN A 39 -4.41 3.77 9.47
N GLU A 40 -3.49 2.96 10.02
CA GLU A 40 -2.04 3.17 9.84
C GLU A 40 -1.63 3.00 8.36
N LEU A 41 -2.28 2.06 7.64
CA LEU A 41 -2.06 1.87 6.18
C LEU A 41 -2.48 3.15 5.42
N ILE A 42 -3.69 3.68 5.73
CA ILE A 42 -4.27 4.85 5.04
C ILE A 42 -3.35 6.07 5.19
N GLU A 43 -2.90 6.35 6.42
CA GLU A 43 -2.06 7.53 6.70
C GLU A 43 -0.65 7.37 6.09
N THR A 44 -0.05 6.16 6.23
CA THR A 44 1.32 5.87 5.71
C THR A 44 1.37 6.00 4.17
N MET A 45 0.33 5.49 3.49
CA MET A 45 0.21 5.59 2.03
C MET A 45 -0.01 7.05 1.63
N ALA A 46 -1.00 7.72 2.25
CA ALA A 46 -1.30 9.15 2.00
C ALA A 46 -0.04 10.03 2.12
N GLU A 47 0.80 9.72 3.14
CA GLU A 47 2.08 10.43 3.39
C GLU A 47 3.07 10.22 2.23
N THR A 48 3.32 8.94 1.86
CA THR A 48 4.30 8.61 0.79
C THR A 48 3.82 9.10 -0.60
N LEU A 49 2.48 9.17 -0.76
CA LEU A 49 1.83 9.66 -1.98
C LEU A 49 2.15 11.14 -2.16
N LYS A 50 1.72 11.97 -1.19
CA LYS A 50 1.93 13.44 -1.22
C LYS A 50 3.43 13.81 -1.14
N SER A 51 4.26 12.85 -0.67
CA SER A 51 5.73 13.00 -0.60
C SER A 51 6.38 12.94 -2.02
N THR A 52 5.71 12.25 -2.96
CA THR A 52 6.16 12.15 -4.37
C THR A 52 5.19 12.90 -5.33
N MET A 53 4.07 13.37 -4.77
CA MET A 53 3.10 14.27 -5.45
C MET A 53 3.46 15.73 -5.12
N PRO A 54 3.06 16.73 -5.98
CA PRO A 54 3.15 18.17 -5.62
C PRO A 54 2.38 18.44 -4.31
N ASP A 55 1.09 18.03 -4.29
CA ASP A 55 0.25 18.02 -3.09
C ASP A 55 -0.86 16.94 -3.25
N ARG A 56 -1.90 17.27 -4.06
CA ARG A 56 -3.02 16.36 -4.39
C ARG A 56 -3.88 17.05 -5.47
N GLY A 57 -4.60 16.26 -6.28
CA GLY A 57 -5.42 16.80 -7.40
C GLY A 57 -4.74 16.62 -8.74
N ALA A 58 -3.40 16.53 -8.71
CA ALA A 58 -2.56 16.18 -9.88
C ALA A 58 -2.61 14.65 -10.12
N PRO A 59 -2.13 14.12 -11.31
CA PRO A 59 -2.05 12.64 -11.55
C PRO A 59 -1.20 11.89 -10.48
N LEU A 60 -1.73 10.75 -9.99
CA LEU A 60 -1.07 9.92 -8.95
C LEU A 60 0.19 9.19 -9.53
N PRO A 61 1.21 8.83 -8.66
CA PRO A 61 2.45 8.16 -9.12
C PRO A 61 2.22 6.69 -9.53
N GLU A 62 3.02 6.19 -10.49
CA GLU A 62 2.91 4.81 -10.99
C GLU A 62 3.78 3.84 -10.18
N ASN A 63 4.57 4.39 -9.23
CA ASN A 63 5.40 3.59 -8.30
C ASN A 63 5.24 4.20 -6.90
N ILE A 64 4.68 3.40 -5.98
CA ILE A 64 4.45 3.81 -4.58
C ILE A 64 5.32 2.95 -3.66
N ILE A 65 6.39 3.55 -3.11
CA ILE A 65 7.36 2.84 -2.26
C ILE A 65 6.95 2.93 -0.78
N LEU A 66 6.90 1.77 -0.13
CA LEU A 66 6.67 1.62 1.31
C LEU A 66 7.66 0.59 1.88
N ASP A 67 8.86 1.05 2.19
CA ASP A 67 9.98 0.19 2.60
C ASP A 67 9.75 -0.47 3.98
N ASP A 68 8.95 0.18 4.83
CA ASP A 68 8.81 -0.18 6.26
C ASP A 68 7.37 -0.59 6.61
N MET A 69 6.62 -1.17 5.64
CA MET A 69 5.24 -1.64 5.90
C MET A 69 5.28 -2.97 6.64
N ASP A 70 5.35 -2.88 7.99
CA ASP A 70 5.47 -4.05 8.87
C ASP A 70 6.70 -4.89 8.51
N GLY A 71 7.82 -4.18 8.26
CA GLY A 71 9.10 -4.79 7.93
C GLY A 71 9.23 -5.15 6.45
N CYS A 72 8.12 -5.01 5.71
CA CYS A 72 8.02 -5.43 4.32
C CYS A 72 8.09 -4.19 3.39
N ARG A 73 9.04 -4.24 2.46
CA ARG A 73 9.17 -3.28 1.35
C ARG A 73 8.14 -3.64 0.26
N VAL A 74 7.07 -2.84 0.16
CA VAL A 74 6.07 -2.99 -0.91
C VAL A 74 6.12 -1.82 -1.90
N GLU A 75 6.30 -2.17 -3.18
CA GLU A 75 6.27 -1.24 -4.31
C GLU A 75 5.01 -1.54 -5.13
N PHE A 76 4.05 -0.60 -5.10
CA PHE A 76 2.84 -0.69 -5.92
C PHE A 76 3.19 -0.20 -7.34
N ASN A 77 3.14 -1.12 -8.32
CA ASN A 77 3.46 -0.84 -9.73
C ASN A 77 2.18 -0.72 -10.55
N LEU A 78 1.86 0.50 -10.97
CA LEU A 78 0.76 0.75 -11.91
C LEU A 78 1.26 0.48 -13.33
N PRO A 79 0.53 -0.34 -14.13
CA PRO A 79 0.88 -0.61 -15.53
C PRO A 79 0.68 0.63 -16.41
N GLY A 80 1.41 0.67 -17.51
CA GLY A 80 1.34 1.77 -18.47
C GLY A 80 0.15 1.68 -19.41
N GLU A 81 0.01 2.72 -20.24
CA GLU A 81 -1.07 2.81 -21.27
C GLU A 81 -0.95 1.68 -22.32
N ASN A 82 0.30 1.24 -22.58
CA ASN A 82 0.60 0.21 -23.59
C ASN A 82 0.68 -1.20 -22.94
N ASN A 83 0.34 -1.29 -21.63
CA ASN A 83 0.28 -2.57 -20.89
C ASN A 83 -1.13 -3.14 -20.99
N GLU A 84 -1.25 -4.30 -21.65
CA GLU A 84 -2.53 -4.97 -21.93
C GLU A 84 -3.25 -5.45 -20.64
N ALA A 85 -2.46 -5.73 -19.59
CA ALA A 85 -2.95 -6.36 -18.35
C ALA A 85 -3.93 -5.45 -17.57
N GLY A 86 -3.60 -4.14 -17.49
CA GLY A 86 -4.43 -3.16 -16.78
C GLY A 86 -4.68 -3.51 -15.31
N GLN A 87 -3.65 -4.11 -14.66
CA GLN A 87 -3.72 -4.49 -13.23
C GLN A 87 -2.44 -4.07 -12.51
N VAL A 88 -2.62 -3.60 -11.27
CA VAL A 88 -1.55 -3.16 -10.40
C VAL A 88 -0.74 -4.36 -9.88
N ILE A 89 0.57 -4.36 -10.16
CA ILE A 89 1.50 -5.41 -9.70
C ILE A 89 2.11 -4.94 -8.37
N VAL A 90 1.59 -5.45 -7.25
CA VAL A 90 2.09 -5.07 -5.92
C VAL A 90 3.20 -6.06 -5.51
N ARG A 91 4.38 -5.50 -5.19
CA ARG A 91 5.60 -6.28 -4.94
C ARG A 91 6.00 -6.12 -3.47
N VAL A 92 5.56 -7.05 -2.60
CA VAL A 92 5.84 -6.96 -1.16
C VAL A 92 6.97 -7.95 -0.80
N SER A 93 8.19 -7.43 -0.71
CA SER A 93 9.39 -8.17 -0.37
C SER A 93 9.84 -7.79 1.04
N LYS A 94 10.19 -8.80 1.85
CA LYS A 94 10.67 -8.57 3.23
C LYS A 94 12.07 -9.20 3.36
N GLY A 95 13.07 -8.52 2.79
CA GLY A 95 14.48 -8.94 2.83
C GLY A 95 14.71 -10.28 2.12
N ASP A 96 14.64 -11.36 2.90
CA ASP A 96 14.79 -12.75 2.43
C ASP A 96 13.52 -13.21 1.68
N HIS A 97 12.38 -12.64 2.09
CA HIS A 97 11.06 -12.87 1.47
C HIS A 97 10.89 -11.98 0.22
N SER A 98 10.14 -12.49 -0.77
CA SER A 98 9.73 -11.75 -1.96
C SER A 98 8.34 -12.28 -2.42
N GLU A 99 7.28 -11.52 -2.10
CA GLU A 99 5.89 -11.85 -2.45
C GLU A 99 5.43 -10.89 -3.55
N THR A 100 4.64 -11.40 -4.49
CA THR A 100 4.06 -10.60 -5.56
C THR A 100 2.57 -10.99 -5.73
N ARG A 101 1.73 -9.99 -6.03
CA ARG A 101 0.27 -10.13 -6.09
C ARG A 101 -0.28 -9.08 -7.09
N GLU A 102 -1.52 -9.25 -7.57
CA GLU A 102 -2.14 -8.33 -8.54
C GLU A 102 -3.57 -7.96 -8.11
N ILE A 103 -3.91 -6.68 -8.33
CA ILE A 103 -5.26 -6.12 -8.13
C ILE A 103 -5.67 -5.32 -9.38
N PRO A 104 -6.99 -5.20 -9.70
CA PRO A 104 -7.46 -4.36 -10.85
C PRO A 104 -7.04 -2.88 -10.69
N LEU A 105 -6.84 -2.20 -11.84
CA LEU A 105 -6.39 -0.80 -11.91
C LEU A 105 -7.39 0.11 -11.18
N ALA A 106 -8.68 -0.02 -11.54
CA ALA A 106 -9.78 0.85 -11.09
C ALA A 106 -9.91 0.90 -9.54
N SER A 107 -9.75 -0.27 -8.90
CA SER A 107 -9.84 -0.40 -7.43
C SER A 107 -8.77 0.46 -6.74
N PHE A 108 -7.49 0.21 -7.10
CA PHE A 108 -6.34 0.96 -6.54
C PHE A 108 -6.46 2.46 -6.87
N GLU A 109 -6.88 2.74 -8.12
CA GLU A 109 -6.95 4.10 -8.67
C GLU A 109 -7.84 4.99 -7.79
N LYS A 110 -9.09 4.52 -7.54
CA LYS A 110 -10.07 5.28 -6.75
C LYS A 110 -9.67 5.35 -5.26
N ILE A 111 -9.03 4.28 -4.73
CA ILE A 111 -8.59 4.24 -3.32
C ILE A 111 -7.41 5.23 -3.09
N CYS A 112 -6.44 5.24 -4.01
CA CYS A 112 -5.25 6.12 -3.95
C CYS A 112 -5.67 7.58 -4.10
N ARG A 113 -6.65 7.80 -5.01
CA ARG A 113 -7.24 9.13 -5.28
C ARG A 113 -7.94 9.65 -4.00
N ALA A 114 -8.69 8.72 -3.37
CA ALA A 114 -9.38 8.95 -2.10
C ALA A 114 -8.39 9.42 -1.05
N LEU A 115 -7.34 8.60 -0.79
CA LEU A 115 -6.30 8.87 0.24
C LEU A 115 -5.63 10.25 0.04
N LEU A 116 -5.40 10.64 -1.23
CA LEU A 116 -4.88 11.98 -1.59
C LEU A 116 -5.78 13.10 -1.04
N PHE A 117 -7.09 12.98 -1.31
CA PHE A 117 -8.08 14.01 -0.93
C PHE A 117 -8.57 13.86 0.54
N ARG A 118 -8.49 12.62 1.05
CA ARG A 118 -9.11 12.20 2.33
C ARG A 118 -8.08 12.27 3.46
N CYS A 119 -6.79 12.47 3.12
CA CYS A 119 -5.69 12.66 4.12
C CYS A 119 -6.03 13.79 5.14
N GLU A 120 -6.92 14.71 4.72
CA GLU A 120 -7.44 15.79 5.57
C GLU A 120 -8.53 15.24 6.55
N GLY A 1 24.06 -5.96 17.86
CA GLY A 1 23.37 -6.87 16.93
C GLY A 1 22.32 -6.14 16.10
N ALA A 2 21.18 -5.82 16.73
CA ALA A 2 20.09 -5.03 16.11
C ALA A 2 19.85 -3.76 16.95
N GLY A 3 20.41 -2.62 16.50
CA GLY A 3 20.29 -1.34 17.21
C GLY A 3 18.96 -0.64 16.93
N THR A 4 18.49 -0.76 15.67
CA THR A 4 17.21 -0.21 15.22
C THR A 4 16.05 -1.08 15.73
N SER A 5 14.98 -0.44 16.27
CA SER A 5 13.79 -1.15 16.82
C SER A 5 12.78 -1.51 15.68
N ALA A 6 13.32 -1.68 14.46
CA ALA A 6 12.58 -2.14 13.28
C ALA A 6 12.06 -3.58 13.43
N ALA A 7 12.69 -4.35 14.35
CA ALA A 7 12.39 -5.78 14.63
C ALA A 7 10.90 -6.04 14.95
N MET A 8 10.24 -5.06 15.61
CA MET A 8 8.80 -5.16 15.98
C MET A 8 7.91 -5.19 14.71
N ARG A 9 8.28 -4.36 13.73
CA ARG A 9 7.66 -4.33 12.40
C ARG A 9 8.03 -5.61 11.61
N GLN A 10 9.34 -5.93 11.66
CA GLN A 10 9.99 -7.04 10.93
C GLN A 10 9.41 -8.41 11.31
N ALA A 11 8.87 -8.47 12.53
CA ALA A 11 8.26 -9.67 13.12
C ALA A 11 7.09 -10.22 12.25
N THR A 12 6.37 -9.31 11.55
CA THR A 12 5.20 -9.69 10.73
C THR A 12 5.63 -10.08 9.31
N SER A 13 5.03 -11.16 8.77
CA SER A 13 5.37 -11.73 7.46
C SER A 13 4.65 -10.97 6.31
N PRO A 14 5.33 -10.73 5.14
CA PRO A 14 4.82 -9.88 4.03
C PRO A 14 3.65 -10.50 3.24
N LYS A 15 3.29 -11.76 3.53
CA LYS A 15 2.23 -12.47 2.79
C LYS A 15 0.89 -12.06 3.40
N THR A 16 0.84 -12.12 4.74
CA THR A 16 -0.24 -11.58 5.57
C THR A 16 -0.51 -10.10 5.24
N ILE A 17 0.61 -9.33 5.19
CA ILE A 17 0.61 -7.90 4.87
C ILE A 17 -0.03 -7.65 3.51
N LEU A 18 0.45 -8.42 2.51
CA LEU A 18 -0.04 -8.36 1.13
C LEU A 18 -1.55 -8.62 1.09
N GLU A 19 -2.03 -9.63 1.84
CA GLU A 19 -3.46 -10.05 1.84
C GLU A 19 -4.39 -8.94 2.32
N TYR A 20 -4.04 -8.27 3.45
CA TYR A 20 -4.90 -7.20 4.01
C TYR A 20 -4.81 -5.92 3.14
N ILE A 21 -3.68 -5.76 2.42
CA ILE A 21 -3.52 -4.73 1.36
C ILE A 21 -4.55 -4.96 0.23
N ILE A 22 -4.59 -6.21 -0.31
CA ILE A 22 -5.50 -6.60 -1.40
C ILE A 22 -6.96 -6.38 -0.97
N ASN A 23 -7.27 -6.84 0.27
CA ASN A 23 -8.60 -6.73 0.89
C ASN A 23 -9.04 -5.26 1.00
N PHE A 24 -8.09 -4.38 1.32
CA PHE A 24 -8.34 -2.93 1.42
C PHE A 24 -8.74 -2.33 0.05
N PHE A 25 -7.94 -2.63 -1.00
CA PHE A 25 -8.10 -2.02 -2.33
C PHE A 25 -9.28 -2.61 -3.12
N THR A 26 -9.71 -3.85 -2.83
CA THR A 26 -10.82 -4.52 -3.56
C THR A 26 -12.13 -4.53 -2.75
N CYS A 27 -12.03 -4.45 -1.42
CA CYS A 27 -13.19 -4.62 -0.51
C CYS A 27 -13.04 -3.70 0.74
N GLY A 28 -13.86 -3.94 1.77
CA GLY A 28 -13.76 -3.21 3.04
C GLY A 28 -15.01 -3.40 3.90
N GLY A 29 -15.03 -2.76 5.09
CA GLY A 29 -16.19 -2.78 5.98
C GLY A 29 -15.95 -3.47 7.31
N ILE A 30 -14.74 -4.03 7.51
CA ILE A 30 -14.38 -4.72 8.78
C ILE A 30 -13.83 -3.69 9.78
N ARG A 31 -14.21 -3.82 11.07
CA ARG A 31 -13.79 -2.88 12.14
C ARG A 31 -12.96 -3.58 13.24
N ARG A 32 -13.25 -4.87 13.52
CA ARG A 32 -12.76 -5.59 14.72
C ARG A 32 -11.23 -5.46 14.91
N ARG A 33 -10.45 -5.91 13.92
CA ARG A 33 -8.97 -5.82 13.94
C ARG A 33 -8.45 -5.09 12.69
N ASN A 34 -9.34 -4.38 12.00
CA ASN A 34 -9.05 -3.77 10.69
C ASN A 34 -9.36 -2.26 10.68
N GLU A 35 -9.40 -1.63 11.87
CA GLU A 35 -9.51 -0.15 11.99
C GLU A 35 -8.12 0.48 12.09
N THR A 36 -7.38 0.17 13.17
CA THR A 36 -6.05 0.79 13.44
C THR A 36 -4.97 0.21 12.52
N GLN A 37 -5.05 -1.11 12.25
CA GLN A 37 -4.11 -1.84 11.36
C GLN A 37 -4.13 -1.25 9.94
N TYR A 38 -5.36 -1.02 9.44
CA TYR A 38 -5.57 -0.41 8.13
C TYR A 38 -5.24 1.08 8.19
N GLN A 39 -5.63 1.77 9.30
CA GLN A 39 -5.42 3.22 9.48
C GLN A 39 -3.94 3.60 9.28
N GLU A 40 -3.04 2.77 9.82
CA GLU A 40 -1.59 2.97 9.66
C GLU A 40 -1.21 2.92 8.17
N LEU A 41 -1.76 1.93 7.45
CA LEU A 41 -1.59 1.79 5.98
C LEU A 41 -2.15 3.02 5.24
N ILE A 42 -3.33 3.53 5.68
CA ILE A 42 -4.01 4.69 5.05
C ILE A 42 -3.11 5.93 5.10
N GLU A 43 -2.60 6.25 6.30
CA GLU A 43 -1.80 7.47 6.54
C GLU A 43 -0.39 7.32 5.95
N THR A 44 0.18 6.11 6.01
CA THR A 44 1.53 5.83 5.45
C THR A 44 1.51 5.95 3.90
N MET A 45 0.44 5.39 3.27
CA MET A 45 0.18 5.53 1.81
C MET A 45 -0.05 6.99 1.46
N ALA A 46 -1.02 7.64 2.15
CA ALA A 46 -1.43 9.03 1.89
C ALA A 46 -0.23 9.99 1.93
N GLU A 47 0.65 9.79 2.93
CA GLU A 47 1.85 10.62 3.13
C GLU A 47 2.92 10.37 2.04
N THR A 48 3.18 9.10 1.70
CA THR A 48 4.21 8.75 0.68
C THR A 48 3.77 9.20 -0.73
N LEU A 49 2.44 9.25 -0.93
CA LEU A 49 1.80 9.73 -2.15
C LEU A 49 1.93 11.26 -2.26
N LYS A 50 1.38 11.99 -1.27
CA LYS A 50 1.37 13.47 -1.25
C LYS A 50 2.80 14.06 -1.16
N SER A 51 3.76 13.23 -0.69
CA SER A 51 5.20 13.59 -0.62
C SER A 51 5.77 13.81 -2.04
N THR A 52 5.28 13.03 -3.02
CA THR A 52 5.73 13.10 -4.44
C THR A 52 4.65 13.70 -5.37
N MET A 53 3.43 13.90 -4.82
CA MET A 53 2.32 14.59 -5.51
C MET A 53 2.52 16.13 -5.40
N PRO A 54 1.97 16.94 -6.38
CA PRO A 54 1.85 18.40 -6.20
C PRO A 54 0.98 18.72 -4.96
N ASP A 55 -0.29 18.27 -4.96
CA ASP A 55 -1.18 18.32 -3.77
C ASP A 55 -2.02 17.04 -3.74
N ARG A 56 -3.07 17.00 -4.60
CA ARG A 56 -4.18 16.00 -4.56
C ARG A 56 -4.92 16.08 -5.90
N GLY A 57 -5.46 14.93 -6.38
CA GLY A 57 -6.36 14.93 -7.56
C GLY A 57 -5.63 14.86 -8.91
N ALA A 58 -4.37 15.35 -8.94
CA ALA A 58 -3.48 15.22 -10.10
C ALA A 58 -3.11 13.71 -10.33
N PRO A 59 -2.54 13.31 -11.53
CA PRO A 59 -2.13 11.91 -11.77
C PRO A 59 -1.17 11.38 -10.67
N LEU A 60 -1.68 10.41 -9.90
CA LEU A 60 -0.93 9.72 -8.83
C LEU A 60 0.34 8.99 -9.38
N PRO A 61 1.42 8.83 -8.54
CA PRO A 61 2.68 8.15 -8.97
C PRO A 61 2.45 6.68 -9.34
N GLU A 62 3.20 6.19 -10.33
CA GLU A 62 3.10 4.81 -10.84
C GLU A 62 3.77 3.85 -9.85
N ASN A 63 4.92 4.26 -9.29
CA ASN A 63 5.68 3.45 -8.33
C ASN A 63 5.51 4.06 -6.93
N ILE A 64 4.97 3.27 -5.99
CA ILE A 64 4.80 3.66 -4.57
C ILE A 64 5.72 2.77 -3.70
N ILE A 65 6.81 3.36 -3.18
CA ILE A 65 7.77 2.66 -2.31
C ILE A 65 7.33 2.76 -0.84
N LEU A 66 7.20 1.61 -0.19
CA LEU A 66 6.94 1.47 1.25
C LEU A 66 7.86 0.37 1.81
N ASP A 67 9.11 0.77 2.09
CA ASP A 67 10.20 -0.15 2.49
C ASP A 67 9.94 -0.81 3.86
N ASP A 68 9.18 -0.11 4.72
CA ASP A 68 8.93 -0.54 6.12
C ASP A 68 7.41 -0.67 6.39
N MET A 69 6.60 -1.07 5.39
CA MET A 69 5.14 -1.21 5.61
C MET A 69 4.89 -2.45 6.49
N ASP A 70 4.85 -2.19 7.81
CA ASP A 70 4.93 -3.20 8.88
C ASP A 70 6.15 -4.13 8.65
N GLY A 71 7.32 -3.49 8.43
CA GLY A 71 8.59 -4.18 8.23
C GLY A 71 8.77 -4.81 6.86
N CYS A 72 7.71 -4.74 6.02
CA CYS A 72 7.69 -5.39 4.71
C CYS A 72 7.90 -4.34 3.61
N ARG A 73 8.90 -4.62 2.75
CA ARG A 73 9.27 -3.77 1.62
C ARG A 73 8.30 -4.04 0.45
N VAL A 74 7.27 -3.20 0.32
CA VAL A 74 6.28 -3.28 -0.77
C VAL A 74 6.46 -2.12 -1.77
N GLU A 75 6.39 -2.49 -3.06
CA GLU A 75 6.44 -1.56 -4.17
C GLU A 75 5.17 -1.77 -5.01
N PHE A 76 4.27 -0.78 -4.99
CA PHE A 76 3.05 -0.77 -5.82
C PHE A 76 3.42 -0.25 -7.21
N ASN A 77 3.30 -1.13 -8.22
CA ASN A 77 3.66 -0.80 -9.61
C ASN A 77 2.40 -0.76 -10.48
N LEU A 78 1.95 0.45 -10.77
CA LEU A 78 0.94 0.71 -11.79
C LEU A 78 1.53 0.36 -13.17
N PRO A 79 0.68 -0.11 -14.14
CA PRO A 79 1.17 -0.56 -15.45
C PRO A 79 1.64 0.60 -16.33
N GLY A 80 2.42 0.27 -17.35
CA GLY A 80 2.92 1.24 -18.31
C GLY A 80 1.86 1.61 -19.35
N GLU A 81 2.15 2.65 -20.13
CA GLU A 81 1.25 3.18 -21.19
C GLU A 81 0.97 2.13 -22.30
N ASN A 82 1.94 1.22 -22.51
CA ASN A 82 1.85 0.17 -23.55
C ASN A 82 1.24 -1.14 -23.03
N ASN A 83 0.88 -1.21 -21.73
CA ASN A 83 0.33 -2.44 -21.12
C ASN A 83 -1.13 -2.68 -21.57
N GLU A 84 -1.47 -3.96 -21.78
CA GLU A 84 -2.81 -4.37 -22.25
C GLU A 84 -3.70 -4.75 -21.05
N ALA A 85 -3.09 -5.31 -19.99
CA ALA A 85 -3.79 -5.81 -18.78
C ALA A 85 -4.39 -4.66 -17.95
N GLY A 86 -3.62 -3.56 -17.81
CA GLY A 86 -4.04 -2.40 -17.04
C GLY A 86 -4.31 -2.72 -15.56
N GLN A 87 -3.34 -3.37 -14.90
CA GLN A 87 -3.49 -3.83 -13.50
C GLN A 87 -2.27 -3.43 -12.66
N VAL A 88 -2.51 -3.31 -11.35
CA VAL A 88 -1.50 -2.94 -10.36
C VAL A 88 -0.81 -4.20 -9.82
N ILE A 89 0.51 -4.25 -9.94
CA ILE A 89 1.33 -5.36 -9.44
C ILE A 89 1.90 -4.93 -8.07
N VAL A 90 1.43 -5.59 -7.00
CA VAL A 90 1.92 -5.34 -5.64
C VAL A 90 3.09 -6.30 -5.36
N ARG A 91 4.25 -5.74 -5.03
CA ARG A 91 5.49 -6.49 -4.80
C ARG A 91 5.90 -6.33 -3.34
N VAL A 92 5.44 -7.25 -2.46
CA VAL A 92 5.71 -7.17 -1.01
C VAL A 92 6.77 -8.23 -0.65
N SER A 93 8.02 -7.80 -0.48
CA SER A 93 9.17 -8.67 -0.14
C SER A 93 9.69 -8.32 1.26
N LYS A 94 10.39 -9.26 1.91
CA LYS A 94 11.00 -9.05 3.22
C LYS A 94 12.06 -10.13 3.51
N GLY A 95 13.34 -9.78 3.31
CA GLY A 95 14.47 -10.65 3.61
C GLY A 95 14.52 -11.91 2.74
N ASP A 96 13.94 -13.01 3.26
CA ASP A 96 13.88 -14.31 2.58
C ASP A 96 12.65 -14.37 1.66
N HIS A 97 11.55 -13.72 2.10
CA HIS A 97 10.25 -13.73 1.42
C HIS A 97 10.23 -12.76 0.24
N SER A 98 9.42 -13.10 -0.77
CA SER A 98 9.17 -12.29 -1.97
C SER A 98 7.78 -12.65 -2.48
N GLU A 99 6.80 -11.79 -2.16
CA GLU A 99 5.38 -12.02 -2.47
C GLU A 99 4.95 -11.04 -3.55
N THR A 100 4.16 -11.52 -4.52
CA THR A 100 3.66 -10.69 -5.63
C THR A 100 2.23 -11.12 -5.99
N ARG A 101 1.35 -10.12 -6.22
CA ARG A 101 -0.06 -10.36 -6.56
C ARG A 101 -0.60 -9.15 -7.36
N GLU A 102 -1.76 -9.31 -8.01
CA GLU A 102 -2.39 -8.25 -8.83
C GLU A 102 -3.71 -7.78 -8.20
N ILE A 103 -4.03 -6.51 -8.48
CA ILE A 103 -5.34 -5.89 -8.21
C ILE A 103 -5.72 -5.01 -9.42
N PRO A 104 -7.04 -4.88 -9.77
CA PRO A 104 -7.49 -4.01 -10.87
C PRO A 104 -7.12 -2.52 -10.61
N LEU A 105 -6.72 -1.81 -11.69
CA LEU A 105 -6.21 -0.42 -11.62
C LEU A 105 -7.30 0.52 -11.08
N ALA A 106 -8.54 0.33 -11.56
CA ALA A 106 -9.71 1.14 -11.17
C ALA A 106 -9.91 1.17 -9.64
N SER A 107 -9.76 -0.02 -9.02
CA SER A 107 -9.89 -0.21 -7.57
C SER A 107 -8.81 0.57 -6.81
N PHE A 108 -7.54 0.29 -7.14
CA PHE A 108 -6.37 0.91 -6.47
C PHE A 108 -6.41 2.43 -6.63
N GLU A 109 -6.73 2.90 -7.85
CA GLU A 109 -6.71 4.33 -8.19
C GLU A 109 -7.79 5.09 -7.42
N LYS A 110 -9.05 4.63 -7.47
CA LYS A 110 -10.18 5.34 -6.79
C LYS A 110 -9.92 5.42 -5.27
N ILE A 111 -9.33 4.35 -4.71
CA ILE A 111 -8.96 4.30 -3.29
C ILE A 111 -7.79 5.27 -2.99
N CYS A 112 -6.77 5.26 -3.86
CA CYS A 112 -5.55 6.07 -3.72
C CYS A 112 -5.87 7.58 -3.81
N ARG A 113 -6.83 7.93 -4.70
CA ARG A 113 -7.36 9.30 -4.84
C ARG A 113 -8.09 9.69 -3.54
N ALA A 114 -8.93 8.74 -3.06
CA ALA A 114 -9.70 8.91 -1.81
C ALA A 114 -8.77 9.08 -0.58
N LEU A 115 -7.56 8.49 -0.62
CA LEU A 115 -6.53 8.65 0.44
C LEU A 115 -5.91 10.06 0.38
N LEU A 116 -5.59 10.50 -0.86
CA LEU A 116 -5.07 11.86 -1.13
C LEU A 116 -6.03 12.94 -0.57
N PHE A 117 -7.33 12.76 -0.88
CA PHE A 117 -8.38 13.71 -0.49
C PHE A 117 -8.62 13.63 1.03
N ARG A 118 -9.06 12.45 1.52
CA ARG A 118 -9.51 12.22 2.92
C ARG A 118 -8.43 12.64 3.96
N CYS A 119 -7.14 12.46 3.60
CA CYS A 119 -5.97 12.81 4.46
C CYS A 119 -6.05 14.25 4.99
N GLU A 120 -6.60 15.16 4.16
CA GLU A 120 -6.69 16.60 4.45
C GLU A 120 -8.12 17.11 4.20
N GLY A 1 21.93 1.87 19.92
CA GLY A 1 21.21 1.00 18.96
C GLY A 1 19.99 1.71 18.38
N ALA A 2 18.97 0.93 17.97
CA ALA A 2 17.72 1.48 17.44
C ALA A 2 16.85 1.99 18.60
N GLY A 3 16.76 3.33 18.72
CA GLY A 3 15.89 4.00 19.70
C GLY A 3 14.41 3.79 19.40
N THR A 4 14.12 3.49 18.12
CA THR A 4 12.78 3.08 17.65
C THR A 4 12.64 1.57 17.83
N SER A 5 11.50 1.12 18.37
CA SER A 5 11.19 -0.29 18.60
C SER A 5 10.69 -0.94 17.29
N ALA A 6 11.67 -1.39 16.47
CA ALA A 6 11.43 -1.97 15.14
C ALA A 6 11.11 -3.48 15.21
N ALA A 7 11.63 -4.14 16.26
CA ALA A 7 11.55 -5.61 16.45
C ALA A 7 10.09 -6.11 16.52
N MET A 8 9.25 -5.35 17.25
CA MET A 8 7.82 -5.65 17.42
C MET A 8 7.04 -5.53 16.08
N ARG A 9 7.54 -4.67 15.19
CA ARG A 9 6.88 -4.31 13.93
C ARG A 9 7.23 -5.36 12.83
N GLN A 10 8.53 -5.67 12.71
CA GLN A 10 9.06 -6.62 11.71
C GLN A 10 8.64 -8.08 11.98
N ALA A 11 8.09 -8.34 13.18
CA ALA A 11 7.55 -9.65 13.57
C ALA A 11 6.49 -10.19 12.58
N THR A 12 5.76 -9.26 11.93
CA THR A 12 4.67 -9.60 10.99
C THR A 12 5.21 -10.24 9.68
N SER A 13 4.41 -11.14 9.08
CA SER A 13 4.75 -11.80 7.80
C SER A 13 4.44 -10.86 6.62
N PRO A 14 5.26 -10.90 5.51
CA PRO A 14 4.96 -10.17 4.24
C PRO A 14 3.70 -10.72 3.54
N LYS A 15 3.25 -11.92 3.96
CA LYS A 15 2.07 -12.57 3.40
C LYS A 15 0.85 -11.95 4.03
N THR A 16 0.88 -11.82 5.35
CA THR A 16 -0.11 -11.09 6.13
C THR A 16 -0.35 -9.68 5.54
N ILE A 17 0.78 -9.00 5.24
CA ILE A 17 0.79 -7.64 4.68
C ILE A 17 0.13 -7.62 3.31
N LEU A 18 0.62 -8.48 2.39
CA LEU A 18 0.16 -8.52 0.99
C LEU A 18 -1.33 -8.84 0.93
N GLU A 19 -1.74 -9.86 1.71
CA GLU A 19 -3.11 -10.36 1.75
C GLU A 19 -4.09 -9.25 2.18
N TYR A 20 -3.79 -8.54 3.31
CA TYR A 20 -4.69 -7.47 3.81
C TYR A 20 -4.66 -6.21 2.91
N ILE A 21 -3.56 -6.02 2.15
CA ILE A 21 -3.47 -4.98 1.11
C ILE A 21 -4.48 -5.26 -0.02
N ILE A 22 -4.53 -6.52 -0.49
CA ILE A 22 -5.49 -6.95 -1.54
C ILE A 22 -6.92 -6.75 -1.00
N ASN A 23 -7.15 -7.24 0.23
CA ASN A 23 -8.44 -7.16 0.94
C ASN A 23 -8.84 -5.69 1.22
N PHE A 24 -7.84 -4.79 1.29
CA PHE A 24 -8.08 -3.34 1.42
C PHE A 24 -8.66 -2.75 0.12
N PHE A 25 -8.00 -3.04 -1.02
CA PHE A 25 -8.38 -2.46 -2.32
C PHE A 25 -9.61 -3.15 -2.93
N THR A 26 -9.99 -4.34 -2.42
CA THR A 26 -11.17 -5.10 -2.92
C THR A 26 -12.34 -5.09 -1.90
N CYS A 27 -12.05 -4.97 -0.59
CA CYS A 27 -13.05 -5.12 0.48
C CYS A 27 -12.83 -4.08 1.61
N GLY A 28 -13.65 -4.16 2.68
CA GLY A 28 -13.53 -3.27 3.84
C GLY A 28 -14.74 -3.40 4.76
N GLY A 29 -15.13 -2.30 5.43
CA GLY A 29 -16.39 -2.22 6.19
C GLY A 29 -16.30 -2.74 7.62
N ILE A 30 -15.32 -3.63 7.91
CA ILE A 30 -15.15 -4.23 9.23
C ILE A 30 -14.40 -3.25 10.16
N ARG A 31 -15.19 -2.45 10.90
CA ARG A 31 -14.67 -1.44 11.84
C ARG A 31 -14.34 -2.03 13.24
N ARG A 32 -14.35 -3.38 13.34
CA ARG A 32 -14.04 -4.11 14.58
C ARG A 32 -12.53 -4.13 14.87
N ARG A 33 -11.74 -4.67 13.93
CA ARG A 33 -10.27 -4.85 14.09
C ARG A 33 -9.50 -4.10 13.00
N ASN A 34 -10.02 -4.18 11.74
CA ASN A 34 -9.29 -3.76 10.52
C ASN A 34 -8.81 -2.30 10.60
N GLU A 35 -9.58 -1.42 11.25
CA GLU A 35 -9.34 0.04 11.27
C GLU A 35 -7.92 0.45 11.66
N THR A 36 -7.26 -0.28 12.58
CA THR A 36 -5.89 0.03 13.05
C THR A 36 -4.81 -0.39 12.06
N GLN A 37 -4.79 -1.70 11.75
CA GLN A 37 -3.81 -2.32 10.84
C GLN A 37 -3.88 -1.67 9.44
N TYR A 38 -5.11 -1.41 9.00
CA TYR A 38 -5.40 -0.73 7.75
C TYR A 38 -5.05 0.76 7.85
N GLN A 39 -5.30 1.43 9.01
CA GLN A 39 -4.93 2.87 9.21
C GLN A 39 -3.44 3.08 8.95
N GLU A 40 -2.60 2.14 9.41
CA GLU A 40 -1.16 2.18 9.18
C GLU A 40 -0.84 2.18 7.66
N LEU A 41 -1.61 1.39 6.90
CA LEU A 41 -1.57 1.40 5.42
C LEU A 41 -2.02 2.80 4.89
N ILE A 42 -3.20 3.29 5.37
CA ILE A 42 -3.81 4.58 4.93
C ILE A 42 -2.80 5.73 5.08
N GLU A 43 -2.18 5.83 6.26
CA GLU A 43 -1.34 6.96 6.63
C GLU A 43 0.02 6.92 5.90
N THR A 44 0.65 5.72 5.81
CA THR A 44 1.97 5.58 5.14
C THR A 44 1.84 5.86 3.61
N MET A 45 0.75 5.34 3.01
CA MET A 45 0.36 5.65 1.61
C MET A 45 0.17 7.17 1.46
N ALA A 46 -0.71 7.74 2.29
CA ALA A 46 -1.07 9.18 2.28
C ALA A 46 0.17 10.08 2.32
N GLU A 47 1.15 9.72 3.17
CA GLU A 47 2.39 10.51 3.36
C GLU A 47 3.27 10.46 2.11
N THR A 48 3.66 9.26 1.66
CA THR A 48 4.58 9.10 0.49
C THR A 48 3.95 9.66 -0.81
N LEU A 49 2.61 9.54 -0.91
CA LEU A 49 1.81 10.08 -2.01
C LEU A 49 1.90 11.62 -1.99
N LYS A 50 1.47 12.26 -0.89
CA LYS A 50 1.38 13.73 -0.78
C LYS A 50 2.78 14.40 -0.85
N SER A 51 3.83 13.61 -0.52
CA SER A 51 5.24 14.05 -0.62
C SER A 51 5.65 14.28 -2.09
N THR A 52 5.14 13.44 -3.01
CA THR A 52 5.45 13.54 -4.46
C THR A 52 4.35 14.31 -5.21
N MET A 53 3.17 14.46 -4.57
CA MET A 53 2.04 15.24 -5.11
C MET A 53 2.32 16.75 -4.91
N PRO A 54 1.92 17.65 -5.89
CA PRO A 54 2.03 19.11 -5.71
C PRO A 54 1.15 19.58 -4.53
N ASP A 55 -0.17 19.25 -4.57
CA ASP A 55 -1.09 19.43 -3.43
C ASP A 55 -1.97 18.17 -3.34
N ARG A 56 -2.96 18.07 -4.26
CA ARG A 56 -4.00 17.02 -4.31
C ARG A 56 -4.71 17.08 -5.68
N GLY A 57 -5.32 15.96 -6.08
CA GLY A 57 -6.13 15.89 -7.32
C GLY A 57 -5.33 15.65 -8.61
N ALA A 58 -4.05 16.07 -8.62
CA ALA A 58 -3.12 15.83 -9.74
C ALA A 58 -2.82 14.32 -9.89
N PRO A 59 -2.31 13.84 -11.09
CA PRO A 59 -1.96 12.40 -11.30
C PRO A 59 -1.10 11.80 -10.16
N LEU A 60 -1.41 10.55 -9.79
CA LEU A 60 -0.68 9.79 -8.75
C LEU A 60 0.58 9.10 -9.36
N PRO A 61 1.68 8.86 -8.56
CA PRO A 61 2.95 8.23 -9.03
C PRO A 61 2.75 6.77 -9.50
N GLU A 62 3.66 6.29 -10.37
CA GLU A 62 3.59 4.93 -10.93
C GLU A 62 4.12 3.91 -9.92
N ASN A 63 5.14 4.32 -9.15
CA ASN A 63 5.77 3.46 -8.14
C ASN A 63 5.55 4.07 -6.76
N ILE A 64 4.84 3.31 -5.89
CA ILE A 64 4.64 3.69 -4.48
C ILE A 64 5.48 2.72 -3.62
N ILE A 65 6.60 3.25 -3.09
CA ILE A 65 7.55 2.47 -2.27
C ILE A 65 7.18 2.59 -0.78
N LEU A 66 6.55 1.54 -0.25
CA LEU A 66 6.25 1.43 1.18
C LEU A 66 7.24 0.45 1.85
N ASP A 67 8.48 0.94 2.04
CA ASP A 67 9.59 0.16 2.66
C ASP A 67 9.36 -0.04 4.19
N ASP A 68 8.36 0.68 4.73
CA ASP A 68 8.08 0.79 6.17
C ASP A 68 7.13 -0.32 6.68
N MET A 69 6.46 -1.05 5.75
CA MET A 69 5.22 -1.81 6.06
C MET A 69 5.50 -3.05 6.91
N ASP A 70 5.48 -2.86 8.24
CA ASP A 70 5.70 -3.94 9.22
C ASP A 70 7.07 -4.61 9.01
N GLY A 71 8.08 -3.78 8.72
CA GLY A 71 9.44 -4.23 8.45
C GLY A 71 9.62 -4.83 7.05
N CYS A 72 8.60 -4.69 6.20
CA CYS A 72 8.58 -5.25 4.84
C CYS A 72 8.53 -4.11 3.82
N ARG A 73 9.20 -4.35 2.67
CA ARG A 73 9.20 -3.42 1.53
C ARG A 73 8.12 -3.85 0.53
N VAL A 74 7.15 -2.96 0.34
CA VAL A 74 6.04 -3.13 -0.61
C VAL A 74 6.25 -2.14 -1.77
N GLU A 75 5.89 -2.56 -2.99
CA GLU A 75 6.06 -1.74 -4.20
C GLU A 75 4.81 -1.87 -5.09
N PHE A 76 4.03 -0.77 -5.17
CA PHE A 76 2.86 -0.68 -6.06
C PHE A 76 3.32 -0.20 -7.43
N ASN A 77 3.18 -1.07 -8.44
CA ASN A 77 3.65 -0.81 -9.81
C ASN A 77 2.46 -0.61 -10.76
N LEU A 78 2.29 0.61 -11.27
CA LEU A 78 1.26 0.93 -12.27
C LEU A 78 1.74 0.50 -13.66
N PRO A 79 0.82 0.01 -14.54
CA PRO A 79 1.18 -0.41 -15.90
C PRO A 79 1.45 0.80 -16.81
N GLY A 80 2.16 0.53 -17.90
CA GLY A 80 2.45 1.54 -18.90
C GLY A 80 1.35 1.64 -19.95
N GLU A 81 1.53 2.58 -20.90
CA GLU A 81 0.51 2.92 -21.92
C GLU A 81 0.32 1.83 -23.00
N ASN A 82 1.18 0.79 -23.00
CA ASN A 82 1.09 -0.33 -23.98
C ASN A 82 0.77 -1.67 -23.29
N ASN A 83 0.55 -1.65 -21.95
CA ASN A 83 0.31 -2.87 -21.16
C ASN A 83 -1.17 -3.30 -21.23
N GLU A 84 -1.40 -4.51 -21.76
CA GLU A 84 -2.75 -5.10 -21.90
C GLU A 84 -3.24 -5.68 -20.56
N ALA A 85 -2.34 -5.76 -19.55
CA ALA A 85 -2.69 -6.21 -18.19
C ALA A 85 -3.68 -5.23 -17.53
N GLY A 86 -3.39 -3.92 -17.69
CA GLY A 86 -4.23 -2.84 -17.13
C GLY A 86 -4.51 -3.00 -15.64
N GLN A 87 -3.49 -3.46 -14.88
CA GLN A 87 -3.60 -3.74 -13.42
C GLN A 87 -2.33 -3.31 -12.70
N VAL A 88 -2.48 -3.13 -11.38
CA VAL A 88 -1.39 -2.75 -10.47
C VAL A 88 -0.73 -4.01 -9.90
N ILE A 89 0.60 -4.08 -10.04
CA ILE A 89 1.41 -5.21 -9.56
C ILE A 89 1.94 -4.85 -8.16
N VAL A 90 1.45 -5.54 -7.13
CA VAL A 90 1.92 -5.37 -5.75
C VAL A 90 3.04 -6.39 -5.47
N ARG A 91 4.29 -5.90 -5.44
CA ARG A 91 5.47 -6.70 -5.13
C ARG A 91 5.91 -6.39 -3.69
N VAL A 92 5.59 -7.33 -2.79
CA VAL A 92 5.97 -7.28 -1.37
C VAL A 92 7.19 -8.20 -1.19
N SER A 93 8.18 -7.76 -0.41
CA SER A 93 9.47 -8.46 -0.26
C SER A 93 10.03 -8.22 1.15
N LYS A 94 10.51 -9.30 1.79
CA LYS A 94 11.01 -9.25 3.17
C LYS A 94 12.05 -10.38 3.39
N GLY A 95 13.33 -10.05 3.12
CA GLY A 95 14.45 -10.98 3.29
C GLY A 95 14.35 -12.21 2.37
N ASP A 96 14.07 -13.37 2.96
CA ASP A 96 13.96 -14.67 2.23
C ASP A 96 12.64 -14.77 1.46
N HIS A 97 11.65 -13.93 1.83
CA HIS A 97 10.33 -13.90 1.18
C HIS A 97 10.30 -12.85 0.06
N SER A 98 9.45 -13.11 -0.93
CA SER A 98 9.23 -12.24 -2.08
C SER A 98 7.89 -12.69 -2.72
N GLU A 99 6.83 -11.97 -2.38
CA GLU A 99 5.45 -12.30 -2.74
C GLU A 99 4.95 -11.26 -3.74
N THR A 100 4.52 -11.70 -4.93
CA THR A 100 4.03 -10.80 -5.98
C THR A 100 2.62 -11.25 -6.43
N ARG A 101 1.67 -10.30 -6.40
CA ARG A 101 0.25 -10.52 -6.73
C ARG A 101 -0.26 -9.27 -7.47
N GLU A 102 -1.49 -9.31 -8.02
CA GLU A 102 -2.10 -8.17 -8.74
C GLU A 102 -3.42 -7.73 -8.07
N ILE A 103 -3.75 -6.46 -8.32
CA ILE A 103 -5.06 -5.85 -8.04
C ILE A 103 -5.48 -5.04 -9.28
N PRO A 104 -6.81 -4.96 -9.61
CA PRO A 104 -7.29 -4.15 -10.75
C PRO A 104 -6.93 -2.65 -10.59
N LEU A 105 -6.50 -2.03 -11.71
CA LEU A 105 -6.05 -0.62 -11.76
C LEU A 105 -7.17 0.34 -11.31
N ALA A 106 -8.41 0.00 -11.65
CA ALA A 106 -9.61 0.78 -11.28
C ALA A 106 -9.80 0.86 -9.76
N SER A 107 -9.60 -0.28 -9.08
CA SER A 107 -9.74 -0.39 -7.62
C SER A 107 -8.66 0.45 -6.90
N PHE A 108 -7.38 0.21 -7.24
CA PHE A 108 -6.24 0.94 -6.64
C PHE A 108 -6.38 2.45 -6.85
N GLU A 109 -6.75 2.84 -8.08
CA GLU A 109 -6.87 4.26 -8.47
C GLU A 109 -7.93 4.97 -7.61
N LYS A 110 -9.17 4.43 -7.60
CA LYS A 110 -10.31 5.08 -6.89
C LYS A 110 -10.04 5.18 -5.38
N ILE A 111 -9.39 4.15 -4.81
CA ILE A 111 -9.04 4.11 -3.38
C ILE A 111 -7.93 5.12 -3.07
N CYS A 112 -6.91 5.22 -3.97
CA CYS A 112 -5.76 6.12 -3.78
C CYS A 112 -6.19 7.59 -3.87
N ARG A 113 -7.13 7.89 -4.80
CA ARG A 113 -7.78 9.21 -4.92
C ARG A 113 -8.49 9.53 -3.59
N ALA A 114 -9.28 8.55 -3.12
CA ALA A 114 -10.06 8.63 -1.86
C ALA A 114 -9.15 8.86 -0.65
N LEU A 115 -7.95 8.25 -0.66
CA LEU A 115 -6.95 8.43 0.41
C LEU A 115 -6.48 9.87 0.45
N LEU A 116 -6.10 10.41 -0.72
CA LEU A 116 -5.59 11.79 -0.84
C LEU A 116 -6.65 12.85 -0.50
N PHE A 117 -7.94 12.49 -0.68
CA PHE A 117 -9.07 13.39 -0.37
C PHE A 117 -9.45 13.31 1.13
N ARG A 118 -9.33 12.10 1.71
CA ARG A 118 -9.81 11.78 3.09
C ARG A 118 -8.68 11.70 4.13
N CYS A 119 -7.40 11.84 3.71
CA CYS A 119 -6.22 11.72 4.63
C CYS A 119 -6.16 12.83 5.70
N GLU A 120 -6.99 13.88 5.53
CA GLU A 120 -7.20 14.93 6.55
C GLU A 120 -8.03 14.41 7.74
N GLY A 1 18.29 4.07 26.84
CA GLY A 1 18.63 3.54 25.50
C GLY A 1 17.85 4.24 24.39
N ALA A 2 17.80 3.61 23.21
CA ALA A 2 17.05 4.12 22.03
C ALA A 2 15.57 3.74 22.14
N GLY A 3 14.70 4.58 21.55
CA GLY A 3 13.25 4.38 21.58
C GLY A 3 12.70 3.79 20.28
N THR A 4 13.59 3.26 19.42
CA THR A 4 13.21 2.64 18.13
C THR A 4 12.58 1.25 18.39
N SER A 5 11.28 1.26 18.73
CA SER A 5 10.52 0.05 19.10
C SER A 5 9.98 -0.63 17.83
N ALA A 6 10.89 -1.32 17.12
CA ALA A 6 10.62 -1.94 15.81
C ALA A 6 10.06 -3.36 15.94
N ALA A 7 10.25 -4.02 17.10
CA ALA A 7 9.96 -5.47 17.31
C ALA A 7 8.55 -5.92 16.83
N MET A 8 7.51 -5.18 17.24
CA MET A 8 6.10 -5.48 16.87
C MET A 8 5.89 -5.26 15.36
N ARG A 9 6.58 -4.26 14.81
CA ARG A 9 6.58 -3.98 13.37
C ARG A 9 7.18 -5.17 12.58
N GLN A 10 8.28 -5.75 13.11
CA GLN A 10 9.03 -6.86 12.46
C GLN A 10 8.20 -8.17 12.45
N ALA A 11 7.21 -8.25 13.37
CA ALA A 11 6.42 -9.46 13.62
C ALA A 11 5.62 -9.93 12.39
N THR A 12 4.83 -9.00 11.82
CA THR A 12 3.86 -9.34 10.75
C THR A 12 4.56 -9.76 9.42
N SER A 13 4.07 -10.87 8.84
CA SER A 13 4.63 -11.45 7.61
C SER A 13 4.09 -10.72 6.36
N PRO A 14 4.91 -10.56 5.27
CA PRO A 14 4.51 -9.93 3.97
C PRO A 14 3.37 -10.65 3.21
N LYS A 15 3.00 -11.85 3.67
CA LYS A 15 1.93 -12.65 3.06
C LYS A 15 0.60 -12.15 3.62
N THR A 16 0.58 -12.00 4.95
CA THR A 16 -0.49 -11.34 5.69
C THR A 16 -0.68 -9.88 5.22
N ILE A 17 0.46 -9.18 5.01
CA ILE A 17 0.49 -7.80 4.50
C ILE A 17 -0.21 -7.74 3.14
N LEU A 18 0.13 -8.69 2.24
CA LEU A 18 -0.55 -8.86 0.95
C LEU A 18 -2.06 -8.95 1.12
N GLU A 19 -2.50 -9.96 1.90
CA GLU A 19 -3.92 -10.29 2.12
C GLU A 19 -4.76 -9.05 2.50
N TYR A 20 -4.36 -8.34 3.57
CA TYR A 20 -5.17 -7.22 4.12
C TYR A 20 -5.11 -5.99 3.18
N ILE A 21 -3.99 -5.82 2.44
CA ILE A 21 -3.86 -4.80 1.37
C ILE A 21 -4.90 -5.04 0.25
N ILE A 22 -4.99 -6.31 -0.22
CA ILE A 22 -5.91 -6.69 -1.32
C ILE A 22 -7.35 -6.50 -0.85
N ASN A 23 -7.63 -6.98 0.37
CA ASN A 23 -8.96 -6.86 1.02
C ASN A 23 -9.34 -5.39 1.23
N PHE A 24 -8.34 -4.52 1.41
CA PHE A 24 -8.56 -3.06 1.51
C PHE A 24 -9.02 -2.48 0.16
N PHE A 25 -8.25 -2.76 -0.91
CA PHE A 25 -8.46 -2.18 -2.24
C PHE A 25 -9.70 -2.78 -2.96
N THR A 26 -10.09 -4.03 -2.61
CA THR A 26 -11.17 -4.76 -3.34
C THR A 26 -12.38 -5.09 -2.43
N CYS A 27 -12.27 -4.85 -1.10
CA CYS A 27 -13.38 -5.10 -0.14
C CYS A 27 -13.40 -4.02 0.96
N GLY A 28 -14.33 -4.18 1.93
CA GLY A 28 -14.45 -3.27 3.07
C GLY A 28 -15.69 -3.59 3.89
N GLY A 29 -15.87 -2.85 5.00
CA GLY A 29 -17.07 -2.99 5.86
C GLY A 29 -16.74 -3.35 7.30
N ILE A 30 -15.43 -3.45 7.65
CA ILE A 30 -14.98 -3.78 9.01
C ILE A 30 -14.91 -2.50 9.87
N ARG A 31 -15.53 -2.55 11.07
CA ARG A 31 -15.52 -1.44 12.05
C ARG A 31 -15.31 -2.00 13.47
N ARG A 32 -14.46 -3.05 13.58
CA ARG A 32 -14.21 -3.77 14.84
C ARG A 32 -12.80 -3.43 15.39
N ARG A 33 -11.77 -4.06 14.77
CA ARG A 33 -10.38 -4.04 15.27
C ARG A 33 -9.37 -3.65 14.16
N ASN A 34 -9.80 -3.78 12.88
CA ASN A 34 -8.89 -3.76 11.72
C ASN A 34 -8.62 -2.34 11.21
N GLU A 35 -9.25 -1.32 11.80
CA GLU A 35 -9.25 0.05 11.26
C GLU A 35 -7.85 0.67 11.41
N THR A 36 -7.19 0.40 12.56
CA THR A 36 -5.80 0.84 12.83
C THR A 36 -4.76 -0.06 12.11
N GLN A 37 -5.10 -1.37 11.96
CA GLN A 37 -4.27 -2.34 11.22
C GLN A 37 -4.10 -1.87 9.75
N TYR A 38 -5.23 -1.42 9.20
CA TYR A 38 -5.31 -0.87 7.85
C TYR A 38 -4.74 0.55 7.84
N GLN A 39 -5.06 1.36 8.88
CA GLN A 39 -4.65 2.80 8.96
C GLN A 39 -3.12 2.96 8.91
N GLU A 40 -2.40 1.90 9.33
CA GLU A 40 -0.93 1.82 9.18
C GLU A 40 -0.56 1.96 7.68
N LEU A 41 -1.22 1.13 6.85
CA LEU A 41 -1.07 1.13 5.38
C LEU A 41 -1.53 2.48 4.78
N ILE A 42 -2.66 3.03 5.32
CA ILE A 42 -3.27 4.28 4.84
C ILE A 42 -2.32 5.48 5.09
N GLU A 43 -1.73 5.56 6.30
CA GLU A 43 -0.87 6.71 6.67
C GLU A 43 0.43 6.66 5.84
N THR A 44 1.02 5.45 5.71
CA THR A 44 2.27 5.25 4.98
C THR A 44 2.09 5.63 3.49
N MET A 45 1.01 5.09 2.85
CA MET A 45 0.71 5.38 1.44
C MET A 45 0.34 6.86 1.24
N ALA A 46 -0.75 7.34 1.89
CA ALA A 46 -1.28 8.72 1.72
C ALA A 46 -0.20 9.80 1.87
N GLU A 47 0.73 9.61 2.83
CA GLU A 47 1.85 10.55 3.05
C GLU A 47 2.90 10.46 1.93
N THR A 48 3.37 9.22 1.60
CA THR A 48 4.41 9.02 0.55
C THR A 48 3.88 9.43 -0.85
N LEU A 49 2.54 9.37 -1.01
CA LEU A 49 1.83 9.84 -2.20
C LEU A 49 1.88 11.36 -2.28
N LYS A 50 1.30 12.04 -1.27
CA LYS A 50 1.12 13.51 -1.26
C LYS A 50 2.49 14.24 -1.26
N SER A 51 3.56 13.52 -0.87
CA SER A 51 4.94 14.02 -0.95
C SER A 51 5.37 14.23 -2.42
N THR A 52 5.10 13.23 -3.27
CA THR A 52 5.47 13.25 -4.71
C THR A 52 4.31 13.81 -5.59
N MET A 53 3.15 14.00 -4.95
CA MET A 53 2.00 14.71 -5.54
C MET A 53 2.14 16.22 -5.26
N PRO A 54 1.56 17.13 -6.13
CA PRO A 54 1.42 18.56 -5.78
C PRO A 54 0.60 18.71 -4.48
N ASP A 55 -0.68 18.25 -4.50
CA ASP A 55 -1.53 18.09 -3.31
C ASP A 55 -2.49 16.92 -3.53
N ARG A 56 -3.54 17.15 -4.35
CA ARG A 56 -4.65 16.19 -4.61
C ARG A 56 -5.21 16.44 -6.03
N GLY A 57 -5.98 15.46 -6.54
CA GLY A 57 -6.71 15.61 -7.82
C GLY A 57 -5.86 15.35 -9.06
N ALA A 58 -4.54 15.53 -8.93
CA ALA A 58 -3.54 15.33 -10.00
C ALA A 58 -3.28 13.81 -10.24
N PRO A 59 -2.58 13.41 -11.36
CA PRO A 59 -2.20 12.00 -11.58
C PRO A 59 -1.24 11.47 -10.47
N LEU A 60 -1.71 10.43 -9.75
CA LEU A 60 -0.92 9.74 -8.71
C LEU A 60 0.30 8.99 -9.34
N PRO A 61 1.45 8.81 -8.60
CA PRO A 61 2.69 8.20 -9.16
C PRO A 61 2.48 6.72 -9.56
N GLU A 62 3.27 6.25 -10.54
CA GLU A 62 3.17 4.88 -11.07
C GLU A 62 4.00 3.92 -10.20
N ASN A 63 4.90 4.46 -9.37
CA ASN A 63 5.72 3.65 -8.44
C ASN A 63 5.62 4.25 -7.04
N ILE A 64 5.09 3.46 -6.09
CA ILE A 64 4.85 3.89 -4.71
C ILE A 64 5.66 2.98 -3.76
N ILE A 65 6.76 3.51 -3.19
CA ILE A 65 7.71 2.73 -2.37
C ILE A 65 7.34 2.82 -0.87
N LEU A 66 7.07 1.65 -0.29
CA LEU A 66 6.82 1.46 1.16
C LEU A 66 7.87 0.47 1.70
N ASP A 67 9.04 0.99 2.04
CA ASP A 67 10.23 0.19 2.42
C ASP A 67 10.10 -0.44 3.82
N ASP A 68 9.39 0.24 4.71
CA ASP A 68 9.42 -0.06 6.17
C ASP A 68 8.10 -0.71 6.66
N MET A 69 7.23 -1.13 5.73
CA MET A 69 5.82 -1.50 6.05
C MET A 69 5.78 -2.88 6.74
N ASP A 70 5.82 -2.87 8.09
CA ASP A 70 6.03 -4.07 8.94
C ASP A 70 7.39 -4.72 8.64
N GLY A 71 8.39 -3.86 8.35
CA GLY A 71 9.73 -4.30 7.94
C GLY A 71 9.78 -4.84 6.51
N CYS A 72 8.61 -4.83 5.83
CA CYS A 72 8.46 -5.37 4.47
C CYS A 72 8.60 -4.22 3.46
N ARG A 73 9.51 -4.41 2.51
CA ARG A 73 9.68 -3.53 1.34
C ARG A 73 8.62 -3.91 0.29
N VAL A 74 7.48 -3.19 0.30
CA VAL A 74 6.41 -3.36 -0.70
C VAL A 74 6.43 -2.16 -1.67
N GLU A 75 6.38 -2.48 -2.96
CA GLU A 75 6.42 -1.52 -4.06
C GLU A 75 5.16 -1.73 -4.92
N PHE A 76 4.28 -0.72 -4.93
CA PHE A 76 3.10 -0.72 -5.79
C PHE A 76 3.55 -0.29 -7.20
N ASN A 77 3.49 -1.23 -8.16
CA ASN A 77 3.91 -1.02 -9.56
C ASN A 77 2.68 -0.96 -10.46
N LEU A 78 2.29 0.26 -10.81
CA LEU A 78 1.17 0.52 -11.72
C LEU A 78 1.64 0.32 -13.18
N PRO A 79 0.72 0.01 -14.13
CA PRO A 79 1.11 -0.23 -15.53
C PRO A 79 1.51 1.08 -16.25
N GLY A 80 2.29 0.91 -17.30
CA GLY A 80 2.75 2.03 -18.15
C GLY A 80 1.70 2.42 -19.17
N GLU A 81 1.99 3.49 -19.94
CA GLU A 81 1.05 4.06 -20.93
C GLU A 81 0.69 3.05 -22.05
N ASN A 82 1.65 2.17 -22.40
CA ASN A 82 1.45 1.15 -23.45
C ASN A 82 0.78 -0.12 -22.88
N ASN A 83 0.83 -0.31 -21.54
CA ASN A 83 0.35 -1.55 -20.89
C ASN A 83 -1.19 -1.63 -20.93
N GLU A 84 -1.69 -2.51 -21.81
CA GLU A 84 -3.14 -2.67 -22.06
C GLU A 84 -3.79 -3.62 -21.02
N ALA A 85 -2.96 -4.25 -20.16
CA ALA A 85 -3.43 -5.12 -19.08
C ALA A 85 -4.23 -4.32 -18.03
N GLY A 86 -3.73 -3.09 -17.75
CA GLY A 86 -4.37 -2.19 -16.78
C GLY A 86 -4.51 -2.79 -15.40
N GLN A 87 -3.40 -3.32 -14.84
CA GLN A 87 -3.39 -3.95 -13.51
C GLN A 87 -2.19 -3.50 -12.68
N VAL A 88 -2.41 -3.45 -11.37
CA VAL A 88 -1.40 -3.09 -10.37
C VAL A 88 -0.72 -4.35 -9.83
N ILE A 89 0.61 -4.39 -9.92
CA ILE A 89 1.41 -5.52 -9.41
C ILE A 89 2.05 -5.05 -8.10
N VAL A 90 1.52 -5.54 -6.97
CA VAL A 90 2.00 -5.18 -5.63
C VAL A 90 3.08 -6.20 -5.19
N ARG A 91 4.35 -5.74 -5.24
CA ARG A 91 5.53 -6.60 -5.03
C ARG A 91 6.13 -6.34 -3.65
N VAL A 92 5.89 -7.27 -2.72
CA VAL A 92 6.42 -7.18 -1.34
C VAL A 92 7.67 -8.11 -1.23
N SER A 93 8.65 -7.69 -0.42
CA SER A 93 9.92 -8.40 -0.24
C SER A 93 10.48 -8.09 1.16
N LYS A 94 11.01 -9.11 1.85
CA LYS A 94 11.47 -8.99 3.25
C LYS A 94 12.53 -10.08 3.55
N GLY A 95 13.79 -9.78 3.18
CA GLY A 95 14.93 -10.65 3.46
C GLY A 95 14.92 -11.94 2.64
N ASP A 96 14.22 -12.96 3.17
CA ASP A 96 14.08 -14.28 2.51
C ASP A 96 12.73 -14.34 1.76
N HIS A 97 11.73 -13.59 2.27
CA HIS A 97 10.37 -13.56 1.73
C HIS A 97 10.28 -12.68 0.47
N SER A 98 9.41 -13.08 -0.45
CA SER A 98 9.09 -12.32 -1.66
C SER A 98 7.68 -12.72 -2.07
N GLU A 99 6.71 -11.88 -1.68
CA GLU A 99 5.29 -12.15 -1.87
C GLU A 99 4.76 -11.12 -2.89
N THR A 100 4.42 -11.59 -4.11
CA THR A 100 4.01 -10.71 -5.22
C THR A 100 2.58 -11.07 -5.66
N ARG A 101 1.68 -10.09 -5.58
CA ARG A 101 0.24 -10.25 -5.89
C ARG A 101 -0.17 -9.23 -6.98
N GLU A 102 -1.34 -9.43 -7.60
CA GLU A 102 -1.91 -8.50 -8.60
C GLU A 102 -3.36 -8.15 -8.26
N ILE A 103 -3.74 -6.90 -8.55
CA ILE A 103 -5.12 -6.39 -8.44
C ILE A 103 -5.46 -5.58 -9.70
N PRO A 104 -6.78 -5.37 -10.02
CA PRO A 104 -7.20 -4.43 -11.09
C PRO A 104 -6.75 -2.98 -10.79
N LEU A 105 -6.52 -2.19 -11.86
CA LEU A 105 -6.09 -0.78 -11.73
C LEU A 105 -7.22 0.11 -11.19
N ALA A 106 -8.47 -0.22 -11.57
CA ALA A 106 -9.67 0.57 -11.20
C ALA A 106 -9.86 0.65 -9.67
N SER A 107 -9.75 -0.52 -9.00
CA SER A 107 -9.89 -0.63 -7.53
C SER A 107 -8.81 0.21 -6.82
N PHE A 108 -7.55 -0.03 -7.18
CA PHE A 108 -6.39 0.69 -6.64
C PHE A 108 -6.51 2.20 -6.93
N GLU A 109 -6.99 2.56 -8.14
CA GLU A 109 -7.04 3.95 -8.60
C GLU A 109 -7.96 4.77 -7.71
N LYS A 110 -9.21 4.30 -7.53
CA LYS A 110 -10.23 5.02 -6.74
C LYS A 110 -9.88 5.06 -5.24
N ILE A 111 -9.25 3.98 -4.72
CA ILE A 111 -8.93 3.88 -3.28
C ILE A 111 -7.66 4.70 -2.93
N CYS A 112 -6.64 4.66 -3.79
CA CYS A 112 -5.40 5.47 -3.63
C CYS A 112 -5.72 6.97 -3.80
N ARG A 113 -6.66 7.25 -4.74
CA ARG A 113 -7.22 8.59 -4.97
C ARG A 113 -7.99 9.07 -3.72
N ALA A 114 -8.69 8.11 -3.08
CA ALA A 114 -9.42 8.34 -1.83
C ALA A 114 -8.44 8.72 -0.71
N LEU A 115 -7.28 8.02 -0.64
CA LEU A 115 -6.21 8.33 0.36
C LEU A 115 -5.65 9.76 0.18
N LEU A 116 -5.53 10.20 -1.08
CA LEU A 116 -5.20 11.59 -1.42
C LEU A 116 -6.26 12.55 -0.84
N PHE A 117 -7.54 12.19 -1.03
CA PHE A 117 -8.70 12.98 -0.56
C PHE A 117 -9.03 12.73 0.93
N ARG A 118 -8.35 11.76 1.57
CA ARG A 118 -8.54 11.43 3.01
C ARG A 118 -7.39 11.94 3.87
N CYS A 119 -6.28 12.36 3.24
CA CYS A 119 -5.15 12.99 3.95
C CYS A 119 -5.61 14.32 4.62
N GLU A 120 -6.60 14.98 4.01
CA GLU A 120 -7.20 16.25 4.50
C GLU A 120 -8.26 15.99 5.60
N GLY A 1 19.07 -1.41 20.65
CA GLY A 1 18.34 -0.49 19.75
C GLY A 1 17.24 0.27 20.47
N ALA A 2 16.29 0.84 19.70
CA ALA A 2 15.14 1.58 20.24
C ALA A 2 14.03 0.60 20.68
N GLY A 3 13.44 0.86 21.87
CA GLY A 3 12.40 0.01 22.47
C GLY A 3 10.99 0.41 22.06
N THR A 4 10.84 0.83 20.79
CA THR A 4 9.56 1.32 20.23
C THR A 4 8.48 0.20 20.15
N SER A 5 7.22 0.62 20.00
CA SER A 5 6.07 -0.30 19.81
C SER A 5 5.98 -0.71 18.33
N ALA A 6 6.63 0.07 17.45
CA ALA A 6 6.80 -0.27 16.01
C ALA A 6 7.69 -1.52 15.83
N ALA A 7 8.51 -1.86 16.85
CA ALA A 7 9.31 -3.10 16.87
C ALA A 7 8.40 -4.36 16.80
N MET A 8 7.17 -4.22 17.34
CA MET A 8 6.15 -5.28 17.33
C MET A 8 5.53 -5.47 15.93
N ARG A 9 5.43 -4.38 15.14
CA ARG A 9 4.85 -4.44 13.79
C ARG A 9 5.79 -5.22 12.83
N GLN A 10 7.10 -5.13 13.12
CA GLN A 10 8.17 -5.77 12.32
C GLN A 10 8.07 -7.32 12.35
N ALA A 11 7.36 -7.85 13.37
CA ALA A 11 7.14 -9.29 13.54
C ALA A 11 6.15 -9.86 12.50
N THR A 12 5.35 -8.97 11.89
CA THR A 12 4.34 -9.36 10.89
C THR A 12 5.01 -9.72 9.55
N SER A 13 4.63 -10.89 8.97
CA SER A 13 5.22 -11.44 7.74
C SER A 13 4.61 -10.78 6.49
N PRO A 14 5.40 -10.62 5.37
CA PRO A 14 4.91 -9.99 4.10
C PRO A 14 3.70 -10.72 3.46
N LYS A 15 3.49 -11.99 3.87
CA LYS A 15 2.39 -12.83 3.37
C LYS A 15 1.04 -12.18 3.72
N THR A 16 0.81 -12.01 5.03
CA THR A 16 -0.47 -11.48 5.57
C THR A 16 -0.62 -9.98 5.23
N ILE A 17 0.52 -9.28 5.04
CA ILE A 17 0.54 -7.88 4.61
C ILE A 17 -0.07 -7.76 3.21
N LEU A 18 0.44 -8.60 2.28
CA LEU A 18 -0.06 -8.67 0.90
C LEU A 18 -1.55 -8.98 0.88
N GLU A 19 -1.95 -10.00 1.65
CA GLU A 19 -3.35 -10.43 1.75
C GLU A 19 -4.28 -9.27 2.11
N TYR A 20 -4.00 -8.55 3.23
CA TYR A 20 -4.89 -7.48 3.71
C TYR A 20 -4.84 -6.23 2.80
N ILE A 21 -3.72 -6.06 2.07
CA ILE A 21 -3.58 -5.05 1.00
C ILE A 21 -4.64 -5.30 -0.09
N ILE A 22 -4.68 -6.54 -0.59
CA ILE A 22 -5.65 -6.95 -1.64
C ILE A 22 -7.08 -6.75 -1.11
N ASN A 23 -7.30 -7.23 0.12
CA ASN A 23 -8.61 -7.16 0.82
C ASN A 23 -9.08 -5.70 0.99
N PHE A 24 -8.12 -4.79 1.18
CA PHE A 24 -8.40 -3.35 1.33
C PHE A 24 -8.85 -2.72 -0.02
N PHE A 25 -8.04 -2.90 -1.07
CA PHE A 25 -8.28 -2.25 -2.37
C PHE A 25 -9.51 -2.84 -3.09
N THR A 26 -9.86 -4.10 -2.80
CA THR A 26 -11.02 -4.77 -3.42
C THR A 26 -12.30 -4.64 -2.55
N CYS A 27 -12.14 -4.76 -1.21
CA CYS A 27 -13.28 -4.87 -0.26
C CYS A 27 -13.04 -3.99 0.98
N GLY A 28 -13.87 -4.17 2.02
CA GLY A 28 -13.73 -3.45 3.30
C GLY A 28 -14.87 -3.77 4.24
N GLY A 29 -15.47 -2.74 4.86
CA GLY A 29 -16.72 -2.88 5.64
C GLY A 29 -16.51 -3.27 7.10
N ILE A 30 -15.60 -4.23 7.37
CA ILE A 30 -15.24 -4.64 8.74
C ILE A 30 -14.46 -3.49 9.42
N ARG A 31 -14.66 -3.32 10.74
CA ARG A 31 -14.01 -2.26 11.52
C ARG A 31 -13.59 -2.75 12.93
N ARG A 32 -13.58 -4.08 13.14
CA ARG A 32 -13.17 -4.68 14.45
C ARG A 32 -11.70 -4.34 14.79
N ARG A 33 -10.76 -5.05 14.15
CA ARG A 33 -9.31 -4.75 14.21
C ARG A 33 -8.84 -4.24 12.83
N ASN A 34 -9.79 -4.22 11.88
CA ASN A 34 -9.58 -3.78 10.49
C ASN A 34 -9.23 -2.29 10.43
N GLU A 35 -9.75 -1.49 11.39
CA GLU A 35 -9.47 -0.05 11.44
C GLU A 35 -7.96 0.22 11.57
N THR A 36 -7.36 -0.32 12.64
CA THR A 36 -6.00 0.05 13.08
C THR A 36 -4.88 -0.41 12.11
N GLN A 37 -4.83 -1.74 11.86
CA GLN A 37 -3.78 -2.37 11.00
C GLN A 37 -3.78 -1.75 9.60
N TYR A 38 -4.99 -1.50 9.08
CA TYR A 38 -5.17 -0.87 7.77
C TYR A 38 -4.82 0.62 7.84
N GLN A 39 -5.30 1.34 8.88
CA GLN A 39 -5.19 2.82 8.97
C GLN A 39 -3.73 3.28 8.89
N GLU A 40 -2.84 2.60 9.61
CA GLU A 40 -1.40 2.93 9.58
C GLU A 40 -0.81 2.76 8.16
N LEU A 41 -1.35 1.78 7.39
CA LEU A 41 -1.03 1.62 5.95
C LEU A 41 -1.60 2.82 5.15
N ILE A 42 -2.86 3.23 5.44
CA ILE A 42 -3.55 4.35 4.72
C ILE A 42 -2.76 5.65 4.88
N GLU A 43 -2.32 5.93 6.12
CA GLU A 43 -1.58 7.13 6.46
C GLU A 43 -0.24 7.14 5.76
N THR A 44 0.50 6.03 5.89
CA THR A 44 1.87 5.91 5.34
C THR A 44 1.86 5.98 3.78
N MET A 45 0.82 5.36 3.17
CA MET A 45 0.52 5.50 1.72
C MET A 45 0.33 6.98 1.39
N ALA A 46 -0.69 7.59 2.02
CA ALA A 46 -1.07 9.00 1.82
C ALA A 46 0.12 9.97 2.04
N GLU A 47 1.06 9.61 2.93
CA GLU A 47 2.30 10.38 3.18
C GLU A 47 3.20 10.36 1.93
N THR A 48 3.63 9.14 1.53
CA THR A 48 4.56 8.98 0.38
C THR A 48 3.92 9.49 -0.94
N LEU A 49 2.58 9.38 -1.04
CA LEU A 49 1.80 9.91 -2.16
C LEU A 49 1.92 11.44 -2.20
N LYS A 50 1.43 12.11 -1.14
CA LYS A 50 1.32 13.59 -1.09
C LYS A 50 2.71 14.28 -1.13
N SER A 51 3.75 13.51 -0.74
CA SER A 51 5.15 13.97 -0.75
C SER A 51 5.73 14.02 -2.18
N THR A 52 5.21 13.14 -3.07
CA THR A 52 5.63 13.11 -4.50
C THR A 52 4.54 13.72 -5.42
N MET A 53 3.39 14.08 -4.82
CA MET A 53 2.27 14.74 -5.54
C MET A 53 2.47 16.26 -5.56
N PRO A 54 1.94 16.99 -6.62
CA PRO A 54 1.93 18.46 -6.66
C PRO A 54 1.17 19.02 -5.43
N ASP A 55 -0.05 18.51 -5.22
CA ASP A 55 -0.81 18.69 -3.97
C ASP A 55 -1.76 17.49 -3.79
N ARG A 56 -2.86 17.49 -4.59
CA ARG A 56 -3.97 16.49 -4.51
C ARG A 56 -4.71 16.48 -5.86
N GLY A 57 -5.22 15.30 -6.27
CA GLY A 57 -6.07 15.17 -7.47
C GLY A 57 -5.32 15.01 -8.78
N ALA A 58 -4.05 15.43 -8.82
CA ALA A 58 -3.14 15.28 -9.98
C ALA A 58 -2.88 13.77 -10.30
N PRO A 59 -2.21 13.43 -11.46
CA PRO A 59 -1.75 12.04 -11.72
C PRO A 59 -0.93 11.47 -10.53
N LEU A 60 -1.47 10.41 -9.92
CA LEU A 60 -0.84 9.67 -8.81
C LEU A 60 0.44 8.91 -9.30
N PRO A 61 1.48 8.68 -8.41
CA PRO A 61 2.75 8.01 -8.80
C PRO A 61 2.54 6.55 -9.25
N GLU A 62 3.41 6.07 -10.17
CA GLU A 62 3.34 4.70 -10.69
C GLU A 62 3.94 3.70 -9.70
N ASN A 63 5.00 4.12 -8.99
CA ASN A 63 5.66 3.27 -7.97
C ASN A 63 5.44 3.92 -6.60
N ILE A 64 4.75 3.19 -5.72
CA ILE A 64 4.51 3.61 -4.34
C ILE A 64 5.39 2.75 -3.42
N ILE A 65 6.46 3.36 -2.89
CA ILE A 65 7.44 2.65 -2.04
C ILE A 65 7.04 2.78 -0.57
N LEU A 66 6.71 1.63 0.04
CA LEU A 66 6.45 1.52 1.48
C LEU A 66 7.42 0.47 2.06
N ASP A 67 8.64 0.92 2.33
CA ASP A 67 9.73 0.06 2.83
C ASP A 67 9.55 -0.31 4.33
N ASP A 68 8.73 0.49 5.04
CA ASP A 68 8.59 0.41 6.52
C ASP A 68 7.38 -0.45 6.95
N MET A 69 6.68 -1.08 5.97
CA MET A 69 5.35 -1.68 6.20
C MET A 69 5.45 -3.00 6.98
N ASP A 70 5.42 -2.88 8.32
CA ASP A 70 5.47 -4.02 9.25
C ASP A 70 6.77 -4.84 9.08
N GLY A 71 7.88 -4.09 8.88
CA GLY A 71 9.21 -4.68 8.66
C GLY A 71 9.39 -5.24 7.25
N CYS A 72 8.40 -4.99 6.38
CA CYS A 72 8.36 -5.50 5.01
C CYS A 72 8.38 -4.32 4.01
N ARG A 73 9.10 -4.53 2.92
CA ARG A 73 9.28 -3.56 1.83
C ARG A 73 8.31 -3.91 0.69
N VAL A 74 7.19 -3.17 0.61
CA VAL A 74 6.19 -3.33 -0.48
C VAL A 74 6.30 -2.19 -1.49
N GLU A 75 6.20 -2.56 -2.78
CA GLU A 75 6.21 -1.65 -3.92
C GLU A 75 4.95 -1.89 -4.76
N PHE A 76 4.14 -0.84 -4.90
CA PHE A 76 2.92 -0.86 -5.73
C PHE A 76 3.28 -0.36 -7.14
N ASN A 77 3.10 -1.23 -8.14
CA ASN A 77 3.45 -0.94 -9.54
C ASN A 77 2.19 -0.73 -10.37
N LEU A 78 2.07 0.44 -10.97
CA LEU A 78 1.01 0.72 -11.96
C LEU A 78 1.53 0.34 -13.35
N PRO A 79 0.68 -0.29 -14.22
CA PRO A 79 1.06 -0.64 -15.59
C PRO A 79 1.35 0.61 -16.43
N GLY A 80 2.18 0.40 -17.46
CA GLY A 80 2.59 1.46 -18.37
C GLY A 80 1.51 1.82 -19.38
N GLU A 81 1.74 2.92 -20.11
CA GLU A 81 0.84 3.37 -21.21
C GLU A 81 0.80 2.35 -22.38
N ASN A 82 1.85 1.50 -22.45
CA ASN A 82 1.99 0.44 -23.46
C ASN A 82 1.41 -0.90 -22.98
N ASN A 83 0.93 -0.96 -21.71
CA ASN A 83 0.37 -2.20 -21.11
C ASN A 83 -1.14 -2.26 -21.38
N GLU A 84 -1.64 -3.45 -21.75
CA GLU A 84 -3.08 -3.69 -22.00
C GLU A 84 -3.77 -4.28 -20.74
N ALA A 85 -2.96 -4.84 -19.82
CA ALA A 85 -3.46 -5.62 -18.66
C ALA A 85 -4.29 -4.77 -17.67
N GLY A 86 -3.85 -3.52 -17.42
CA GLY A 86 -4.58 -2.57 -16.57
C GLY A 86 -4.79 -3.06 -15.14
N GLN A 87 -3.73 -3.64 -14.54
CA GLN A 87 -3.76 -4.15 -13.16
C GLN A 87 -2.51 -3.75 -12.39
N VAL A 88 -2.70 -3.37 -11.13
CA VAL A 88 -1.65 -2.93 -10.22
C VAL A 88 -0.95 -4.14 -9.60
N ILE A 89 0.37 -4.24 -9.79
CA ILE A 89 1.19 -5.33 -9.26
C ILE A 89 1.73 -4.92 -7.88
N VAL A 90 1.19 -5.53 -6.81
CA VAL A 90 1.66 -5.29 -5.44
C VAL A 90 2.78 -6.32 -5.15
N ARG A 91 3.90 -5.85 -4.62
CA ARG A 91 5.07 -6.69 -4.34
C ARG A 91 5.56 -6.44 -2.92
N VAL A 92 5.18 -7.32 -1.99
CA VAL A 92 5.58 -7.20 -0.58
C VAL A 92 6.73 -8.19 -0.32
N SER A 93 7.95 -7.67 -0.29
CA SER A 93 9.19 -8.45 -0.11
C SER A 93 9.79 -8.17 1.28
N LYS A 94 10.66 -9.08 1.74
CA LYS A 94 11.36 -8.97 3.04
C LYS A 94 12.61 -9.84 2.99
N GLY A 95 13.69 -9.27 2.39
CA GLY A 95 14.98 -9.96 2.23
C GLY A 95 14.89 -11.18 1.31
N ASP A 96 14.85 -12.38 1.92
CA ASP A 96 14.71 -13.67 1.22
C ASP A 96 13.25 -13.90 0.78
N HIS A 97 12.31 -13.26 1.51
CA HIS A 97 10.87 -13.31 1.20
C HIS A 97 10.56 -12.39 0.03
N SER A 98 9.56 -12.79 -0.76
CA SER A 98 9.10 -12.07 -1.95
C SER A 98 7.67 -12.53 -2.28
N GLU A 99 6.68 -11.74 -1.87
CA GLU A 99 5.26 -11.99 -2.13
C GLU A 99 4.82 -11.04 -3.25
N THR A 100 4.11 -11.56 -4.27
CA THR A 100 3.64 -10.74 -5.40
C THR A 100 2.25 -11.21 -5.87
N ARG A 101 1.32 -10.26 -5.99
CA ARG A 101 -0.06 -10.48 -6.47
C ARG A 101 -0.56 -9.18 -7.14
N GLU A 102 -1.72 -9.23 -7.82
CA GLU A 102 -2.31 -8.05 -8.50
C GLU A 102 -3.69 -7.69 -7.94
N ILE A 103 -4.10 -6.46 -8.27
CA ILE A 103 -5.44 -5.89 -8.05
C ILE A 103 -5.82 -5.09 -9.31
N PRO A 104 -7.13 -4.94 -9.65
CA PRO A 104 -7.57 -4.07 -10.78
C PRO A 104 -7.10 -2.59 -10.61
N LEU A 105 -6.80 -1.93 -11.75
CA LEU A 105 -6.33 -0.52 -11.80
C LEU A 105 -7.38 0.39 -11.15
N ALA A 106 -8.65 0.19 -11.55
CA ALA A 106 -9.80 1.00 -11.11
C ALA A 106 -9.96 1.03 -9.58
N SER A 107 -9.75 -0.14 -8.94
CA SER A 107 -9.87 -0.30 -7.49
C SER A 107 -8.79 0.50 -6.75
N PHE A 108 -7.51 0.23 -7.10
CA PHE A 108 -6.36 0.91 -6.48
C PHE A 108 -6.44 2.42 -6.70
N GLU A 109 -6.85 2.82 -7.92
CA GLU A 109 -6.92 4.23 -8.33
C GLU A 109 -7.90 4.99 -7.46
N LYS A 110 -9.17 4.52 -7.41
CA LYS A 110 -10.26 5.22 -6.68
C LYS A 110 -9.95 5.28 -5.17
N ILE A 111 -9.28 4.23 -4.65
CA ILE A 111 -8.86 4.17 -3.24
C ILE A 111 -7.69 5.14 -2.97
N CYS A 112 -6.74 5.22 -3.92
CA CYS A 112 -5.56 6.11 -3.82
C CYS A 112 -6.00 7.59 -3.90
N ARG A 113 -7.04 7.84 -4.72
CA ARG A 113 -7.68 9.17 -4.86
C ARG A 113 -8.41 9.52 -3.56
N ALA A 114 -9.07 8.49 -2.96
CA ALA A 114 -9.75 8.60 -1.66
C ALA A 114 -8.77 9.08 -0.58
N LEU A 115 -7.59 8.44 -0.54
CA LEU A 115 -6.48 8.80 0.36
C LEU A 115 -6.01 10.25 0.11
N LEU A 116 -5.83 10.62 -1.17
CA LEU A 116 -5.37 11.97 -1.57
C LEU A 116 -6.32 13.07 -1.04
N PHE A 117 -7.63 12.83 -1.16
CA PHE A 117 -8.68 13.80 -0.80
C PHE A 117 -8.96 13.79 0.73
N ARG A 118 -8.67 12.64 1.37
CA ARG A 118 -8.93 12.40 2.81
C ARG A 118 -7.66 12.62 3.68
N CYS A 119 -6.49 12.87 3.04
CA CYS A 119 -5.22 13.23 3.75
C CYS A 119 -5.41 14.37 4.76
N GLU A 120 -6.37 15.25 4.46
CA GLU A 120 -6.71 16.43 5.25
C GLU A 120 -7.35 16.05 6.62
N GLY A 1 23.95 2.94 15.54
CA GLY A 1 23.09 2.61 14.38
C GLY A 1 21.61 2.83 14.67
N ALA A 2 20.76 2.38 13.72
CA ALA A 2 19.29 2.49 13.82
C ALA A 2 18.75 1.45 14.83
N GLY A 3 18.45 1.91 16.05
CA GLY A 3 17.88 1.07 17.11
C GLY A 3 16.37 1.25 17.23
N THR A 4 15.70 1.43 16.08
CA THR A 4 14.26 1.71 15.99
C THR A 4 13.42 0.45 16.24
N SER A 5 12.20 0.63 16.81
CA SER A 5 11.34 -0.47 17.26
C SER A 5 10.55 -1.12 16.09
N ALA A 6 10.83 -0.64 14.85
CA ALA A 6 10.34 -1.25 13.59
C ALA A 6 10.83 -2.71 13.44
N ALA A 7 11.96 -3.01 14.10
CA ALA A 7 12.56 -4.36 14.15
C ALA A 7 11.57 -5.43 14.66
N MET A 8 10.79 -5.05 15.70
CA MET A 8 9.77 -5.94 16.31
C MET A 8 8.53 -6.04 15.41
N ARG A 9 8.25 -4.96 14.66
CA ARG A 9 7.11 -4.88 13.73
C ARG A 9 7.36 -5.76 12.46
N GLN A 10 8.64 -6.04 12.16
CA GLN A 10 9.07 -6.94 11.05
C GLN A 10 8.59 -8.39 11.28
N ALA A 11 8.16 -8.72 12.52
CA ALA A 11 7.73 -10.07 12.92
C ALA A 11 6.52 -10.58 12.10
N THR A 12 5.74 -9.65 11.50
CA THR A 12 4.58 -10.01 10.65
C THR A 12 5.06 -10.42 9.24
N SER A 13 4.45 -11.50 8.68
CA SER A 13 4.85 -12.07 7.39
C SER A 13 4.32 -11.23 6.22
N PRO A 14 5.16 -10.97 5.14
CA PRO A 14 4.75 -10.22 3.92
C PRO A 14 3.63 -10.92 3.14
N LYS A 15 3.41 -12.23 3.42
CA LYS A 15 2.37 -13.03 2.75
C LYS A 15 0.98 -12.60 3.28
N THR A 16 0.81 -12.63 4.61
CA THR A 16 -0.45 -12.22 5.26
C THR A 16 -0.66 -10.69 5.12
N ILE A 17 0.47 -9.94 5.02
CA ILE A 17 0.45 -8.51 4.72
C ILE A 17 -0.14 -8.28 3.33
N LEU A 18 0.39 -9.03 2.34
CA LEU A 18 -0.06 -8.98 0.96
C LEU A 18 -1.56 -9.25 0.87
N GLU A 19 -2.02 -10.29 1.57
CA GLU A 19 -3.44 -10.69 1.61
C GLU A 19 -4.34 -9.56 2.16
N TYR A 20 -3.88 -8.85 3.23
CA TYR A 20 -4.64 -7.73 3.82
C TYR A 20 -4.59 -6.48 2.91
N ILE A 21 -3.50 -6.34 2.12
CA ILE A 21 -3.38 -5.28 1.10
C ILE A 21 -4.45 -5.49 0.01
N ILE A 22 -4.48 -6.71 -0.56
CA ILE A 22 -5.44 -7.11 -1.61
C ILE A 22 -6.89 -6.97 -1.06
N ASN A 23 -7.06 -7.44 0.19
CA ASN A 23 -8.35 -7.42 0.92
C ASN A 23 -8.80 -5.98 1.18
N PHE A 24 -7.85 -5.06 1.32
CA PHE A 24 -8.16 -3.63 1.49
C PHE A 24 -8.71 -3.02 0.17
N PHE A 25 -8.01 -3.29 -0.94
CA PHE A 25 -8.36 -2.73 -2.27
C PHE A 25 -9.62 -3.38 -2.87
N THR A 26 -10.06 -4.54 -2.33
CA THR A 26 -11.30 -5.22 -2.75
C THR A 26 -12.46 -5.00 -1.73
N CYS A 27 -12.22 -5.40 -0.48
CA CYS A 27 -13.23 -5.41 0.62
C CYS A 27 -12.74 -4.57 1.83
N GLY A 28 -13.41 -4.72 2.99
CA GLY A 28 -12.97 -4.11 4.25
C GLY A 28 -14.14 -3.64 5.10
N GLY A 29 -13.94 -2.52 5.84
CA GLY A 29 -15.00 -1.87 6.61
C GLY A 29 -15.33 -2.52 7.95
N ILE A 30 -14.74 -3.70 8.24
CA ILE A 30 -14.96 -4.44 9.50
C ILE A 30 -14.30 -3.72 10.70
N ARG A 31 -15.09 -3.47 11.77
CA ARG A 31 -14.64 -2.67 12.94
C ARG A 31 -13.87 -3.53 13.97
N ARG A 32 -13.04 -4.49 13.50
CA ARG A 32 -12.20 -5.32 14.39
C ARG A 32 -10.72 -4.92 14.27
N ARG A 33 -10.03 -5.35 13.20
CA ARG A 33 -8.68 -4.86 12.84
C ARG A 33 -8.66 -4.33 11.40
N ASN A 34 -9.82 -4.41 10.70
CA ASN A 34 -9.89 -4.06 9.25
C ASN A 34 -10.00 -2.53 9.03
N GLU A 35 -10.19 -1.78 10.13
CA GLU A 35 -10.11 -0.30 10.14
C GLU A 35 -8.71 0.17 10.62
N THR A 36 -8.29 -0.23 11.85
CA THR A 36 -7.09 0.32 12.55
C THR A 36 -5.75 -0.26 12.04
N GLN A 37 -5.66 -1.60 11.96
CA GLN A 37 -4.45 -2.30 11.41
C GLN A 37 -4.22 -1.88 9.94
N TYR A 38 -5.34 -1.64 9.24
CA TYR A 38 -5.33 -1.13 7.87
C TYR A 38 -4.99 0.38 7.88
N GLN A 39 -5.48 1.12 8.89
CA GLN A 39 -5.24 2.59 9.03
C GLN A 39 -3.73 2.90 9.02
N GLU A 40 -2.93 1.98 9.59
CA GLU A 40 -1.45 2.02 9.49
C GLU A 40 -0.99 2.16 8.01
N LEU A 41 -1.54 1.28 7.15
CA LEU A 41 -1.29 1.30 5.69
C LEU A 41 -1.84 2.60 5.06
N ILE A 42 -3.08 3.01 5.42
CA ILE A 42 -3.75 4.21 4.84
C ILE A 42 -2.90 5.48 5.05
N GLU A 43 -2.38 5.67 6.27
CA GLU A 43 -1.61 6.87 6.63
C GLU A 43 -0.21 6.83 5.97
N THR A 44 0.43 5.64 5.94
CA THR A 44 1.78 5.47 5.33
C THR A 44 1.71 5.71 3.80
N MET A 45 0.61 5.25 3.18
CA MET A 45 0.29 5.45 1.75
C MET A 45 0.03 6.95 1.50
N ALA A 46 -0.80 7.56 2.35
CA ALA A 46 -1.12 9.01 2.27
C ALA A 46 0.17 9.87 2.26
N GLU A 47 1.11 9.50 3.14
CA GLU A 47 2.42 10.18 3.28
C GLU A 47 3.27 10.07 2.00
N THR A 48 3.51 8.82 1.54
CA THR A 48 4.42 8.54 0.40
C THR A 48 3.86 9.10 -0.94
N LEU A 49 2.52 9.14 -1.04
CA LEU A 49 1.81 9.73 -2.19
C LEU A 49 1.98 11.26 -2.20
N LYS A 50 1.49 11.93 -1.13
CA LYS A 50 1.47 13.40 -1.04
C LYS A 50 2.90 13.99 -0.98
N SER A 51 3.89 13.16 -0.62
CA SER A 51 5.32 13.54 -0.59
C SER A 51 5.80 14.06 -1.97
N THR A 52 5.27 13.47 -3.05
CA THR A 52 5.60 13.88 -4.43
C THR A 52 4.42 14.64 -5.08
N MET A 53 3.18 14.34 -4.63
CA MET A 53 1.96 15.03 -5.11
C MET A 53 1.93 16.49 -4.60
N PRO A 54 1.85 17.51 -5.52
CA PRO A 54 1.82 18.95 -5.12
C PRO A 54 0.58 19.28 -4.25
N ASP A 55 -0.63 18.92 -4.72
CA ASP A 55 -1.87 19.20 -3.97
C ASP A 55 -3.00 18.20 -4.35
N ARG A 56 -3.70 18.45 -5.49
CA ARG A 56 -4.82 17.58 -5.97
C ARG A 56 -4.74 17.48 -7.50
N GLY A 57 -5.36 16.44 -8.08
CA GLY A 57 -5.60 16.35 -9.54
C GLY A 57 -4.37 15.97 -10.39
N ALA A 58 -3.16 16.26 -9.89
CA ALA A 58 -1.89 15.92 -10.55
C ALA A 58 -1.70 14.40 -10.62
N PRO A 59 -0.91 13.85 -11.61
CA PRO A 59 -0.70 12.40 -11.74
C PRO A 59 0.01 11.79 -10.51
N LEU A 60 -0.67 10.86 -9.82
CA LEU A 60 -0.08 10.03 -8.77
C LEU A 60 1.13 9.22 -9.32
N PRO A 61 2.23 8.99 -8.50
CA PRO A 61 3.42 8.22 -8.95
C PRO A 61 3.04 6.80 -9.41
N GLU A 62 3.65 6.35 -10.52
CA GLU A 62 3.40 5.01 -11.11
C GLU A 62 4.22 3.91 -10.38
N ASN A 63 4.99 4.34 -9.37
CA ASN A 63 5.70 3.44 -8.44
C ASN A 63 5.54 4.01 -7.03
N ILE A 64 4.97 3.21 -6.11
CA ILE A 64 4.72 3.61 -4.70
C ILE A 64 5.64 2.76 -3.79
N ILE A 65 6.46 3.44 -2.97
CA ILE A 65 7.39 2.78 -2.03
C ILE A 65 6.87 2.87 -0.59
N LEU A 66 6.59 1.69 -0.02
CA LEU A 66 6.29 1.53 1.41
C LEU A 66 7.38 0.61 2.02
N ASP A 67 8.51 1.21 2.37
CA ASP A 67 9.76 0.50 2.73
C ASP A 67 9.65 -0.27 4.07
N ASP A 68 8.87 0.28 5.01
CA ASP A 68 8.75 -0.26 6.38
C ASP A 68 7.29 -0.55 6.76
N MET A 69 6.45 -0.89 5.75
CA MET A 69 5.00 -1.05 5.97
C MET A 69 4.72 -2.37 6.71
N ASP A 70 4.40 -2.25 8.01
CA ASP A 70 4.29 -3.37 8.97
C ASP A 70 5.60 -4.21 8.95
N GLY A 71 6.73 -3.48 8.87
CA GLY A 71 8.07 -4.08 8.86
C GLY A 71 8.50 -4.65 7.50
N CYS A 72 7.53 -4.80 6.57
CA CYS A 72 7.76 -5.37 5.25
C CYS A 72 7.94 -4.25 4.21
N ARG A 73 8.84 -4.49 3.24
CA ARG A 73 9.14 -3.56 2.14
C ARG A 73 8.32 -3.94 0.91
N VAL A 74 7.38 -3.06 0.52
CA VAL A 74 6.44 -3.31 -0.61
C VAL A 74 6.46 -2.15 -1.62
N GLU A 75 6.46 -2.53 -2.92
CA GLU A 75 6.43 -1.59 -4.05
C GLU A 75 5.17 -1.87 -4.90
N PHE A 76 4.41 -0.82 -5.23
CA PHE A 76 3.23 -0.91 -6.10
C PHE A 76 3.62 -0.40 -7.51
N ASN A 77 3.60 -1.31 -8.48
CA ASN A 77 3.90 -1.02 -9.88
C ASN A 77 2.59 -0.80 -10.65
N LEU A 78 2.31 0.46 -10.97
CA LEU A 78 1.12 0.84 -11.74
C LEU A 78 1.40 0.64 -13.24
N PRO A 79 0.44 0.03 -14.00
CA PRO A 79 0.61 -0.22 -15.44
C PRO A 79 0.55 1.08 -16.27
N GLY A 80 1.10 1.00 -17.49
CA GLY A 80 1.14 2.13 -18.42
C GLY A 80 0.09 2.03 -19.51
N GLU A 81 0.19 2.94 -20.50
CA GLU A 81 -0.73 2.99 -21.66
C GLU A 81 -0.48 1.81 -22.63
N ASN A 82 0.74 1.24 -22.57
CA ASN A 82 1.12 0.04 -23.36
C ASN A 82 0.77 -1.27 -22.60
N ASN A 83 -0.07 -1.17 -21.54
CA ASN A 83 -0.48 -2.32 -20.71
C ASN A 83 -2.00 -2.52 -20.81
N GLU A 84 -2.41 -3.63 -21.46
CA GLU A 84 -3.82 -3.95 -21.71
C GLU A 84 -4.50 -4.53 -20.44
N ALA A 85 -3.73 -5.28 -19.63
CA ALA A 85 -4.24 -5.95 -18.42
C ALA A 85 -4.78 -4.93 -17.40
N GLY A 86 -4.08 -3.79 -17.27
CA GLY A 86 -4.51 -2.68 -16.42
C GLY A 86 -4.67 -3.08 -14.96
N GLN A 87 -3.66 -3.78 -14.43
CA GLN A 87 -3.64 -4.22 -13.02
C GLN A 87 -2.34 -3.79 -12.36
N VAL A 88 -2.46 -3.30 -11.13
CA VAL A 88 -1.34 -2.92 -10.27
C VAL A 88 -0.67 -4.17 -9.69
N ILE A 89 0.65 -4.25 -9.83
CA ILE A 89 1.42 -5.38 -9.31
C ILE A 89 1.96 -4.99 -7.92
N VAL A 90 1.54 -5.70 -6.87
CA VAL A 90 2.08 -5.51 -5.51
C VAL A 90 3.26 -6.49 -5.28
N ARG A 91 4.39 -5.95 -4.84
CA ARG A 91 5.61 -6.72 -4.53
C ARG A 91 5.91 -6.54 -3.04
N VAL A 92 5.39 -7.44 -2.19
CA VAL A 92 5.57 -7.35 -0.74
C VAL A 92 6.69 -8.32 -0.33
N SER A 93 7.87 -7.77 -0.08
CA SER A 93 9.09 -8.54 0.22
C SER A 93 9.61 -8.15 1.61
N LYS A 94 10.56 -8.95 2.13
CA LYS A 94 11.18 -8.71 3.44
C LYS A 94 12.40 -9.64 3.59
N GLY A 95 13.60 -9.11 3.25
CA GLY A 95 14.86 -9.84 3.39
C GLY A 95 14.94 -11.05 2.46
N ASP A 96 14.63 -12.23 3.02
CA ASP A 96 14.64 -13.52 2.28
C ASP A 96 13.31 -13.74 1.54
N HIS A 97 12.23 -13.15 2.08
CA HIS A 97 10.88 -13.27 1.54
C HIS A 97 10.65 -12.34 0.35
N SER A 98 9.79 -12.79 -0.57
CA SER A 98 9.36 -12.05 -1.76
C SER A 98 7.99 -12.60 -2.21
N GLU A 99 6.93 -11.83 -1.93
CA GLU A 99 5.55 -12.19 -2.27
C GLU A 99 5.07 -11.22 -3.36
N THR A 100 4.31 -11.71 -4.35
CA THR A 100 3.86 -10.89 -5.49
C THR A 100 2.44 -11.30 -5.92
N ARG A 101 1.57 -10.30 -6.17
CA ARG A 101 0.18 -10.50 -6.59
C ARG A 101 -0.32 -9.23 -7.31
N GLU A 102 -1.51 -9.28 -7.91
CA GLU A 102 -2.11 -8.13 -8.62
C GLU A 102 -3.41 -7.66 -7.94
N ILE A 103 -3.78 -6.42 -8.24
CA ILE A 103 -5.09 -5.80 -7.93
C ILE A 103 -5.50 -4.98 -9.17
N PRO A 104 -6.82 -4.84 -9.50
CA PRO A 104 -7.27 -3.97 -10.60
C PRO A 104 -6.84 -2.49 -10.39
N LEU A 105 -6.40 -1.83 -11.49
CA LEU A 105 -5.93 -0.43 -11.47
C LEU A 105 -7.02 0.50 -10.94
N ALA A 106 -8.27 0.21 -11.31
CA ALA A 106 -9.46 0.99 -10.90
C ALA A 106 -9.61 1.03 -9.36
N SER A 107 -9.38 -0.13 -8.70
CA SER A 107 -9.47 -0.24 -7.22
C SER A 107 -8.38 0.60 -6.54
N PHE A 108 -7.12 0.42 -6.98
CA PHE A 108 -5.99 1.17 -6.44
C PHE A 108 -6.18 2.67 -6.67
N GLU A 109 -6.72 3.02 -7.86
CA GLU A 109 -6.86 4.41 -8.31
C GLU A 109 -7.90 5.15 -7.45
N LYS A 110 -9.07 4.52 -7.24
CA LYS A 110 -10.17 5.15 -6.47
C LYS A 110 -9.75 5.30 -4.99
N ILE A 111 -8.99 4.31 -4.47
CA ILE A 111 -8.47 4.34 -3.10
C ILE A 111 -7.38 5.43 -2.95
N CYS A 112 -6.50 5.53 -3.95
CA CYS A 112 -5.36 6.46 -3.93
C CYS A 112 -5.86 7.91 -4.02
N ARG A 113 -6.80 8.16 -4.97
CA ARG A 113 -7.49 9.46 -5.10
C ARG A 113 -8.22 9.80 -3.79
N ALA A 114 -8.88 8.77 -3.18
CA ALA A 114 -9.55 8.92 -1.89
C ALA A 114 -8.58 9.45 -0.83
N LEU A 115 -7.37 8.87 -0.77
CA LEU A 115 -6.33 9.23 0.22
C LEU A 115 -5.81 10.68 0.01
N LEU A 116 -5.48 11.04 -1.26
CA LEU A 116 -4.99 12.40 -1.58
C LEU A 116 -6.04 13.48 -1.23
N PHE A 117 -7.29 13.23 -1.61
CA PHE A 117 -8.40 14.19 -1.44
C PHE A 117 -8.80 14.29 0.06
N ARG A 118 -8.82 13.13 0.74
CA ARG A 118 -9.26 13.01 2.15
C ARG A 118 -8.18 13.48 3.15
N CYS A 119 -6.91 13.51 2.68
CA CYS A 119 -5.76 13.93 3.50
C CYS A 119 -5.98 15.35 4.10
N GLU A 120 -6.55 16.26 3.28
CA GLU A 120 -6.92 17.64 3.70
C GLU A 120 -8.45 17.81 3.72
N GLY A 1 18.42 2.09 23.00
CA GLY A 1 17.42 0.99 23.05
C GLY A 1 16.06 1.52 23.44
N ALA A 2 15.18 1.72 22.45
CA ALA A 2 13.83 2.28 22.66
C ALA A 2 12.83 1.19 23.03
N GLY A 3 11.95 1.49 23.99
CA GLY A 3 10.84 0.60 24.38
C GLY A 3 9.61 0.79 23.49
N THR A 4 9.83 1.01 22.19
CA THR A 4 8.79 1.36 21.20
C THR A 4 7.97 0.13 20.75
N SER A 5 6.70 0.39 20.39
CA SER A 5 5.80 -0.61 19.79
C SER A 5 6.04 -0.71 18.27
N ALA A 6 6.80 0.26 17.70
CA ALA A 6 7.21 0.26 16.28
C ALA A 6 8.06 -0.99 15.95
N ALA A 7 8.77 -1.50 16.98
CA ALA A 7 9.50 -2.78 16.90
C ALA A 7 8.52 -3.96 16.65
N MET A 8 7.39 -3.94 17.39
CA MET A 8 6.35 -4.98 17.31
C MET A 8 5.58 -4.93 15.97
N ARG A 9 5.52 -3.71 15.40
CA ARG A 9 4.95 -3.48 14.05
C ARG A 9 5.76 -4.26 13.00
N GLN A 10 7.10 -4.21 13.15
CA GLN A 10 8.07 -4.84 12.23
C GLN A 10 8.04 -6.38 12.25
N ALA A 11 7.39 -6.97 13.27
CA ALA A 11 7.31 -8.44 13.44
C ALA A 11 6.42 -9.12 12.36
N THR A 12 5.47 -8.36 11.81
CA THR A 12 4.38 -8.89 10.95
C THR A 12 4.90 -9.42 9.59
N SER A 13 4.31 -10.56 9.16
CA SER A 13 4.68 -11.29 7.93
C SER A 13 4.24 -10.54 6.64
N PRO A 14 5.08 -10.56 5.53
CA PRO A 14 4.77 -9.86 4.24
C PRO A 14 3.55 -10.44 3.49
N LYS A 15 3.05 -11.62 3.92
CA LYS A 15 1.86 -12.25 3.31
C LYS A 15 0.63 -11.61 3.89
N THR A 16 0.63 -11.47 5.23
CA THR A 16 -0.38 -10.74 5.97
C THR A 16 -0.54 -9.30 5.42
N ILE A 17 0.61 -8.66 5.17
CA ILE A 17 0.67 -7.29 4.65
C ILE A 17 0.04 -7.23 3.25
N LEU A 18 0.54 -8.10 2.36
CA LEU A 18 0.10 -8.14 0.95
C LEU A 18 -1.41 -8.40 0.87
N GLU A 19 -1.88 -9.42 1.61
CA GLU A 19 -3.28 -9.83 1.62
C GLU A 19 -4.23 -8.72 2.10
N TYR A 20 -3.92 -8.06 3.25
CA TYR A 20 -4.80 -7.00 3.80
C TYR A 20 -4.80 -5.77 2.88
N ILE A 21 -3.68 -5.56 2.15
CA ILE A 21 -3.58 -4.56 1.06
C ILE A 21 -4.60 -4.90 -0.05
N ILE A 22 -4.62 -6.19 -0.49
CA ILE A 22 -5.54 -6.68 -1.55
C ILE A 22 -7.00 -6.42 -1.11
N ASN A 23 -7.34 -6.91 0.10
CA ASN A 23 -8.69 -6.77 0.71
C ASN A 23 -9.12 -5.30 0.79
N PHE A 24 -8.16 -4.40 1.07
CA PHE A 24 -8.43 -2.96 1.17
C PHE A 24 -8.87 -2.37 -0.19
N PHE A 25 -8.02 -2.61 -1.21
CA PHE A 25 -8.21 -2.05 -2.56
C PHE A 25 -9.40 -2.72 -3.31
N THR A 26 -9.82 -3.92 -2.85
CA THR A 26 -11.00 -4.60 -3.41
C THR A 26 -12.28 -4.21 -2.62
N CYS A 27 -12.42 -4.69 -1.37
CA CYS A 27 -13.61 -4.44 -0.52
C CYS A 27 -13.22 -4.44 0.97
N GLY A 28 -13.17 -3.23 1.57
CA GLY A 28 -12.93 -3.09 3.02
C GLY A 28 -14.23 -3.17 3.81
N GLY A 29 -14.52 -2.15 4.63
CA GLY A 29 -15.80 -2.04 5.35
C GLY A 29 -15.95 -3.03 6.53
N ILE A 30 -14.88 -3.79 6.82
CA ILE A 30 -14.86 -4.75 7.94
C ILE A 30 -14.58 -3.96 9.24
N ARG A 31 -15.66 -3.59 9.94
CA ARG A 31 -15.63 -2.63 11.07
C ARG A 31 -15.33 -3.31 12.41
N ARG A 32 -14.41 -4.29 12.41
CA ARG A 32 -14.07 -5.10 13.59
C ARG A 32 -12.64 -4.75 14.10
N ARG A 33 -11.58 -5.26 13.43
CA ARG A 33 -10.17 -5.03 13.84
C ARG A 33 -9.37 -4.31 12.74
N ASN A 34 -10.04 -4.03 11.60
CA ASN A 34 -9.36 -3.56 10.38
C ASN A 34 -9.02 -2.07 10.45
N GLU A 35 -9.74 -1.32 11.27
CA GLU A 35 -9.64 0.17 11.32
C GLU A 35 -8.22 0.63 11.69
N THR A 36 -7.58 -0.06 12.63
CA THR A 36 -6.23 0.26 13.12
C THR A 36 -5.14 -0.22 12.13
N GLN A 37 -5.24 -1.52 11.77
CA GLN A 37 -4.29 -2.22 10.89
C GLN A 37 -4.20 -1.53 9.52
N TYR A 38 -5.37 -1.14 9.02
CA TYR A 38 -5.50 -0.46 7.74
C TYR A 38 -5.15 1.03 7.88
N GLN A 39 -5.43 1.66 9.04
CA GLN A 39 -5.08 3.10 9.29
C GLN A 39 -3.59 3.35 9.06
N GLU A 40 -2.76 2.38 9.48
CA GLU A 40 -1.32 2.36 9.14
C GLU A 40 -1.08 2.52 7.61
N LEU A 41 -1.80 1.70 6.82
CA LEU A 41 -1.76 1.78 5.34
C LEU A 41 -2.25 3.16 4.87
N ILE A 42 -3.42 3.63 5.39
CA ILE A 42 -4.07 4.89 4.96
C ILE A 42 -3.08 6.06 5.03
N GLU A 43 -2.51 6.26 6.23
CA GLU A 43 -1.68 7.43 6.53
C GLU A 43 -0.30 7.34 5.85
N THR A 44 0.35 6.16 5.93
CA THR A 44 1.72 5.98 5.41
C THR A 44 1.73 6.11 3.87
N MET A 45 0.72 5.51 3.20
CA MET A 45 0.51 5.67 1.76
C MET A 45 0.18 7.13 1.43
N ALA A 46 -0.87 7.69 2.05
CA ALA A 46 -1.36 9.06 1.77
C ALA A 46 -0.21 10.09 1.80
N GLU A 47 0.69 9.96 2.80
CA GLU A 47 1.87 10.80 2.94
C GLU A 47 2.86 10.61 1.77
N THR A 48 3.37 9.37 1.59
CA THR A 48 4.44 9.07 0.58
C THR A 48 3.95 9.36 -0.87
N LEU A 49 2.64 9.22 -1.10
CA LEU A 49 1.98 9.53 -2.37
C LEU A 49 2.01 11.07 -2.59
N LYS A 50 1.34 11.80 -1.67
CA LYS A 50 1.08 13.25 -1.83
C LYS A 50 2.37 14.09 -1.74
N SER A 51 3.43 13.51 -1.16
CA SER A 51 4.75 14.15 -1.06
C SER A 51 5.38 14.40 -2.45
N THR A 52 5.20 13.45 -3.38
CA THR A 52 5.74 13.57 -4.76
C THR A 52 4.67 14.14 -5.72
N MET A 53 3.46 14.38 -5.17
CA MET A 53 2.35 15.06 -5.88
C MET A 53 2.32 16.56 -5.50
N PRO A 54 1.69 17.46 -6.33
CA PRO A 54 1.43 18.87 -5.95
C PRO A 54 0.67 19.00 -4.60
N ASP A 55 -0.44 18.26 -4.47
CA ASP A 55 -1.15 18.09 -3.18
C ASP A 55 -1.91 16.75 -3.17
N ARG A 56 -3.03 16.68 -3.90
CA ARG A 56 -3.91 15.50 -3.89
C ARG A 56 -4.98 15.64 -4.98
N GLY A 57 -5.39 14.50 -5.58
CA GLY A 57 -6.39 14.49 -6.65
C GLY A 57 -5.77 14.41 -8.04
N ALA A 58 -4.51 14.90 -8.16
CA ALA A 58 -3.71 14.78 -9.41
C ALA A 58 -3.30 13.31 -9.67
N PRO A 59 -2.82 12.92 -10.91
CA PRO A 59 -2.34 11.54 -11.19
C PRO A 59 -1.16 11.15 -10.28
N LEU A 60 -1.52 10.45 -9.20
CA LEU A 60 -0.63 9.80 -8.24
C LEU A 60 0.48 8.93 -8.94
N PRO A 61 1.74 8.87 -8.37
CA PRO A 61 2.94 8.23 -9.04
C PRO A 61 2.74 6.77 -9.44
N GLU A 62 3.53 6.35 -10.46
CA GLU A 62 3.46 5.01 -11.04
C GLU A 62 4.29 3.99 -10.26
N ASN A 63 5.14 4.47 -9.33
CA ASN A 63 5.91 3.61 -8.41
C ASN A 63 5.89 4.21 -7.00
N ILE A 64 5.34 3.44 -6.05
CA ILE A 64 5.25 3.84 -4.63
C ILE A 64 6.16 2.92 -3.82
N ILE A 65 7.12 3.52 -3.09
CA ILE A 65 8.07 2.76 -2.25
C ILE A 65 7.68 2.87 -0.77
N LEU A 66 7.52 1.70 -0.14
CA LEU A 66 7.26 1.55 1.30
C LEU A 66 8.14 0.41 1.86
N ASP A 67 9.41 0.73 2.12
CA ASP A 67 10.43 -0.26 2.54
C ASP A 67 10.23 -0.73 3.99
N ASP A 68 9.49 0.07 4.77
CA ASP A 68 9.41 -0.06 6.23
C ASP A 68 8.05 -0.62 6.70
N MET A 69 7.18 -1.05 5.75
CA MET A 69 5.78 -1.41 6.07
C MET A 69 5.73 -2.75 6.82
N ASP A 70 5.76 -2.66 8.16
CA ASP A 70 5.81 -3.83 9.07
C ASP A 70 7.10 -4.63 8.83
N GLY A 71 8.19 -3.88 8.54
CA GLY A 71 9.49 -4.45 8.21
C GLY A 71 9.54 -5.08 6.81
N CYS A 72 8.46 -4.91 6.03
CA CYS A 72 8.33 -5.45 4.68
C CYS A 72 8.55 -4.34 3.65
N ARG A 73 9.37 -4.65 2.64
CA ARG A 73 9.67 -3.77 1.50
C ARG A 73 8.63 -4.02 0.40
N VAL A 74 7.58 -3.18 0.38
CA VAL A 74 6.51 -3.22 -0.64
C VAL A 74 6.67 -2.07 -1.67
N GLU A 75 6.54 -2.43 -2.95
CA GLU A 75 6.61 -1.52 -4.09
C GLU A 75 5.34 -1.69 -4.93
N PHE A 76 4.54 -0.61 -5.04
CA PHE A 76 3.32 -0.58 -5.87
C PHE A 76 3.70 -0.13 -7.29
N ASN A 77 3.52 -1.02 -8.26
CA ASN A 77 3.84 -0.78 -9.68
C ASN A 77 2.55 -0.61 -10.46
N LEU A 78 2.30 0.60 -10.96
CA LEU A 78 1.16 0.86 -11.87
C LEU A 78 1.54 0.41 -13.28
N PRO A 79 0.60 -0.23 -14.04
CA PRO A 79 0.86 -0.67 -15.43
C PRO A 79 0.99 0.54 -16.37
N GLY A 80 1.67 0.30 -17.48
CA GLY A 80 1.91 1.33 -18.49
C GLY A 80 0.69 1.58 -19.37
N GLU A 81 0.77 2.62 -20.20
CA GLU A 81 -0.30 3.00 -21.15
C GLU A 81 -0.57 1.91 -22.21
N ASN A 82 0.46 1.09 -22.51
CA ASN A 82 0.36 -0.02 -23.50
C ASN A 82 -0.03 -1.35 -22.83
N ASN A 83 -0.14 -1.36 -21.48
CA ASN A 83 -0.55 -2.56 -20.71
C ASN A 83 -2.07 -2.69 -20.77
N GLU A 84 -2.55 -3.65 -21.58
CA GLU A 84 -3.99 -3.88 -21.83
C GLU A 84 -4.68 -4.46 -20.61
N ALA A 85 -3.94 -5.31 -19.85
CA ALA A 85 -4.45 -5.98 -18.65
C ALA A 85 -4.88 -4.96 -17.58
N GLY A 86 -4.10 -3.88 -17.47
CA GLY A 86 -4.43 -2.75 -16.60
C GLY A 86 -4.58 -3.13 -15.13
N GLN A 87 -3.55 -3.80 -14.58
CA GLN A 87 -3.55 -4.21 -13.17
C GLN A 87 -2.24 -3.79 -12.47
N VAL A 88 -2.39 -3.29 -11.24
CA VAL A 88 -1.29 -2.88 -10.36
C VAL A 88 -0.58 -4.11 -9.78
N ILE A 89 0.75 -4.12 -9.93
CA ILE A 89 1.61 -5.21 -9.44
C ILE A 89 2.14 -4.82 -8.05
N VAL A 90 1.64 -5.48 -6.99
CA VAL A 90 2.12 -5.26 -5.62
C VAL A 90 3.24 -6.27 -5.30
N ARG A 91 4.44 -5.75 -4.99
CA ARG A 91 5.63 -6.57 -4.66
C ARG A 91 5.99 -6.36 -3.19
N VAL A 92 5.50 -7.25 -2.30
CA VAL A 92 5.79 -7.17 -0.86
C VAL A 92 6.79 -8.28 -0.49
N SER A 93 8.06 -7.88 -0.29
CA SER A 93 9.17 -8.78 0.03
C SER A 93 9.70 -8.47 1.44
N LYS A 94 10.50 -9.39 2.01
CA LYS A 94 11.07 -9.23 3.36
C LYS A 94 12.21 -10.25 3.60
N GLY A 95 13.40 -9.92 3.06
CA GLY A 95 14.63 -10.70 3.27
C GLY A 95 14.56 -12.13 2.73
N ASP A 96 14.11 -13.06 3.57
CA ASP A 96 13.95 -14.48 3.23
C ASP A 96 12.71 -14.70 2.34
N HIS A 97 11.75 -13.76 2.43
CA HIS A 97 10.48 -13.79 1.69
C HIS A 97 10.51 -12.85 0.48
N SER A 98 9.63 -13.14 -0.48
CA SER A 98 9.41 -12.34 -1.70
C SER A 98 8.04 -12.71 -2.28
N GLU A 99 7.05 -11.82 -2.10
CA GLU A 99 5.66 -12.06 -2.54
C GLU A 99 5.26 -11.03 -3.61
N THR A 100 4.60 -11.53 -4.66
CA THR A 100 4.06 -10.68 -5.75
C THR A 100 2.62 -11.12 -6.05
N ARG A 101 1.76 -10.13 -6.30
CA ARG A 101 0.35 -10.35 -6.65
C ARG A 101 -0.18 -9.11 -7.41
N GLU A 102 -1.34 -9.23 -8.08
CA GLU A 102 -1.95 -8.11 -8.84
C GLU A 102 -3.37 -7.79 -8.34
N ILE A 103 -3.72 -6.49 -8.49
CA ILE A 103 -5.05 -5.91 -8.23
C ILE A 103 -5.42 -5.00 -9.42
N PRO A 104 -6.74 -4.84 -9.78
CA PRO A 104 -7.16 -3.96 -10.90
C PRO A 104 -6.76 -2.47 -10.67
N LEU A 105 -6.37 -1.80 -11.77
CA LEU A 105 -5.86 -0.41 -11.76
C LEU A 105 -6.95 0.58 -11.31
N ALA A 106 -8.19 0.37 -11.77
CA ALA A 106 -9.34 1.24 -11.44
C ALA A 106 -9.63 1.22 -9.93
N SER A 107 -9.52 0.01 -9.33
CA SER A 107 -9.68 -0.18 -7.87
C SER A 107 -8.60 0.59 -7.10
N PHE A 108 -7.31 0.35 -7.44
CA PHE A 108 -6.18 1.01 -6.78
C PHE A 108 -6.28 2.54 -6.92
N GLU A 109 -6.70 3.00 -8.11
CA GLU A 109 -6.77 4.43 -8.45
C GLU A 109 -7.79 5.16 -7.56
N LYS A 110 -9.02 4.61 -7.50
CA LYS A 110 -10.14 5.24 -6.77
C LYS A 110 -9.87 5.24 -5.25
N ILE A 111 -9.27 4.13 -4.74
CA ILE A 111 -8.97 3.96 -3.32
C ILE A 111 -7.77 4.86 -2.90
N CYS A 112 -6.75 4.93 -3.78
CA CYS A 112 -5.54 5.76 -3.54
C CYS A 112 -5.87 7.25 -3.60
N ARG A 113 -6.84 7.60 -4.47
CA ARG A 113 -7.36 8.97 -4.59
C ARG A 113 -8.08 9.35 -3.27
N ALA A 114 -8.88 8.39 -2.79
CA ALA A 114 -9.58 8.47 -1.50
C ALA A 114 -8.59 8.60 -0.33
N LEU A 115 -7.42 7.91 -0.42
CA LEU A 115 -6.32 8.00 0.59
C LEU A 115 -5.75 9.43 0.65
N LEU A 116 -5.54 10.00 -0.54
CA LEU A 116 -5.02 11.36 -0.72
C LEU A 116 -5.93 12.40 0.00
N PHE A 117 -7.25 12.17 -0.09
CA PHE A 117 -8.26 13.03 0.59
C PHE A 117 -8.41 12.63 2.10
N ARG A 118 -8.18 11.33 2.38
CA ARG A 118 -8.34 10.72 3.74
C ARG A 118 -7.07 10.97 4.59
N CYS A 119 -6.04 11.56 3.98
CA CYS A 119 -4.77 11.96 4.64
C CYS A 119 -4.99 12.82 5.92
N GLU A 120 -6.18 13.45 6.03
CA GLU A 120 -6.56 14.28 7.20
C GLU A 120 -7.25 13.45 8.31
N GLY A 1 19.89 3.19 20.25
CA GLY A 1 18.92 2.62 21.19
C GLY A 1 17.49 2.87 20.73
N ALA A 2 17.14 2.34 19.54
CA ALA A 2 15.82 2.56 18.92
C ALA A 2 14.70 1.84 19.70
N GLY A 3 13.74 2.63 20.20
CA GLY A 3 12.62 2.11 21.00
C GLY A 3 11.27 2.41 20.36
N THR A 4 11.22 2.38 19.02
CA THR A 4 9.97 2.53 18.25
C THR A 4 9.07 1.29 18.45
N SER A 5 7.78 1.51 18.74
CA SER A 5 6.81 0.44 19.05
C SER A 5 6.28 -0.22 17.77
N ALA A 6 6.56 0.40 16.61
CA ALA A 6 6.28 -0.20 15.28
C ALA A 6 7.17 -1.43 15.05
N ALA A 7 8.36 -1.45 15.71
CA ALA A 7 9.31 -2.58 15.67
C ALA A 7 8.71 -3.84 16.30
N MET A 8 7.90 -3.65 17.37
CA MET A 8 7.12 -4.73 18.00
C MET A 8 6.17 -5.37 16.97
N ARG A 9 5.58 -4.51 16.12
CA ARG A 9 4.63 -4.95 15.09
C ARG A 9 5.36 -5.51 13.85
N GLN A 10 6.66 -5.13 13.67
CA GLN A 10 7.50 -5.62 12.55
C GLN A 10 7.72 -7.14 12.59
N ALA A 11 7.39 -7.76 13.72
CA ALA A 11 7.31 -9.23 13.87
C ALA A 11 6.39 -9.89 12.81
N THR A 12 5.41 -9.12 12.28
CA THR A 12 4.45 -9.57 11.25
C THR A 12 5.15 -9.95 9.92
N SER A 13 4.61 -11.00 9.24
CA SER A 13 5.15 -11.51 7.98
C SER A 13 4.57 -10.71 6.78
N PRO A 14 5.35 -10.55 5.65
CA PRO A 14 4.87 -9.88 4.41
C PRO A 14 3.70 -10.65 3.75
N LYS A 15 3.49 -11.91 4.19
CA LYS A 15 2.42 -12.78 3.66
C LYS A 15 1.04 -12.18 4.00
N THR A 16 0.80 -11.95 5.31
CA THR A 16 -0.50 -11.42 5.79
C THR A 16 -0.60 -9.90 5.52
N ILE A 17 0.57 -9.21 5.38
CA ILE A 17 0.61 -7.81 4.94
C ILE A 17 0.04 -7.73 3.51
N LEU A 18 0.54 -8.63 2.64
CA LEU A 18 0.08 -8.80 1.24
C LEU A 18 -1.45 -8.98 1.21
N GLU A 19 -1.91 -10.00 1.95
CA GLU A 19 -3.34 -10.36 2.06
C GLU A 19 -4.25 -9.16 2.40
N TYR A 20 -3.94 -8.43 3.49
CA TYR A 20 -4.81 -7.33 3.98
C TYR A 20 -4.75 -6.11 3.03
N ILE A 21 -3.58 -5.90 2.38
CA ILE A 21 -3.39 -4.84 1.35
C ILE A 21 -4.36 -5.08 0.17
N ILE A 22 -4.34 -6.31 -0.37
CA ILE A 22 -5.18 -6.71 -1.50
C ILE A 22 -6.66 -6.65 -1.12
N ASN A 23 -6.95 -7.15 0.10
CA ASN A 23 -8.30 -7.14 0.68
C ASN A 23 -8.80 -5.69 0.87
N PHE A 24 -7.88 -4.73 1.07
CA PHE A 24 -8.21 -3.29 1.16
C PHE A 24 -8.61 -2.72 -0.23
N PHE A 25 -7.84 -3.07 -1.27
CA PHE A 25 -8.07 -2.55 -2.63
C PHE A 25 -9.21 -3.29 -3.37
N THR A 26 -9.64 -4.46 -2.87
CA THR A 26 -10.74 -5.24 -3.49
C THR A 26 -12.02 -5.26 -2.61
N CYS A 27 -11.85 -5.04 -1.29
CA CYS A 27 -12.93 -5.13 -0.29
C CYS A 27 -12.63 -4.15 0.87
N GLY A 28 -13.33 -4.28 2.01
CA GLY A 28 -12.97 -3.54 3.23
C GLY A 28 -14.18 -3.14 4.06
N GLY A 29 -13.91 -2.58 5.24
CA GLY A 29 -14.96 -2.06 6.13
C GLY A 29 -15.28 -2.98 7.30
N ILE A 30 -14.51 -4.07 7.46
CA ILE A 30 -14.63 -4.98 8.63
C ILE A 30 -14.02 -4.27 9.86
N ARG A 31 -14.79 -3.33 10.46
CA ARG A 31 -14.28 -2.41 11.50
C ARG A 31 -14.05 -3.10 12.86
N ARG A 32 -14.03 -4.45 12.89
CA ARG A 32 -13.65 -5.24 14.07
C ARG A 32 -12.12 -5.49 14.11
N ARG A 33 -11.49 -5.66 12.91
CA ARG A 33 -10.01 -5.83 12.80
C ARG A 33 -9.38 -4.85 11.76
N ASN A 34 -10.20 -4.16 10.94
CA ASN A 34 -9.67 -3.36 9.81
C ASN A 34 -9.28 -1.95 10.26
N GLU A 35 -9.82 -1.49 11.39
CA GLU A 35 -9.71 -0.09 11.83
C GLU A 35 -8.23 0.40 11.96
N THR A 36 -7.45 -0.20 12.88
CA THR A 36 -6.04 0.20 13.10
C THR A 36 -5.13 -0.44 12.05
N GLN A 37 -5.37 -1.75 11.79
CA GLN A 37 -4.54 -2.59 10.90
C GLN A 37 -4.37 -1.95 9.51
N TYR A 38 -5.49 -1.45 8.97
CA TYR A 38 -5.52 -0.81 7.66
C TYR A 38 -5.13 0.66 7.79
N GLN A 39 -5.42 1.32 8.95
CA GLN A 39 -5.04 2.74 9.17
C GLN A 39 -3.52 2.94 8.99
N GLU A 40 -2.73 1.90 9.36
CA GLU A 40 -1.27 1.87 9.12
C GLU A 40 -0.97 2.01 7.62
N LEU A 41 -1.72 1.26 6.80
CA LEU A 41 -1.59 1.29 5.33
C LEU A 41 -2.05 2.66 4.77
N ILE A 42 -3.16 3.20 5.32
CA ILE A 42 -3.75 4.50 4.92
C ILE A 42 -2.73 5.64 5.13
N GLU A 43 -2.11 5.68 6.33
CA GLU A 43 -1.20 6.78 6.71
C GLU A 43 0.11 6.71 5.92
N THR A 44 0.69 5.50 5.79
CA THR A 44 1.98 5.30 5.10
C THR A 44 1.86 5.63 3.60
N MET A 45 0.71 5.24 2.98
CA MET A 45 0.39 5.59 1.59
C MET A 45 0.20 7.11 1.45
N ALA A 46 -0.65 7.71 2.31
CA ALA A 46 -0.97 9.16 2.27
C ALA A 46 0.29 10.04 2.32
N GLU A 47 1.28 9.60 3.13
CA GLU A 47 2.56 10.30 3.29
C GLU A 47 3.44 10.16 2.04
N THR A 48 3.69 8.91 1.59
CA THR A 48 4.56 8.64 0.42
C THR A 48 3.96 9.21 -0.88
N LEU A 49 2.62 9.37 -0.89
CA LEU A 49 1.87 9.99 -1.99
C LEU A 49 2.13 11.51 -1.98
N LYS A 50 1.81 12.18 -0.83
CA LYS A 50 1.88 13.67 -0.73
C LYS A 50 3.32 14.20 -0.93
N SER A 51 4.32 13.32 -0.69
CA SER A 51 5.74 13.60 -0.95
C SER A 51 6.01 13.93 -2.44
N THR A 52 5.32 13.21 -3.34
CA THR A 52 5.50 13.37 -4.81
C THR A 52 4.28 14.06 -5.46
N MET A 53 3.19 14.24 -4.70
CA MET A 53 2.01 15.02 -5.14
C MET A 53 2.35 16.53 -5.05
N PRO A 54 2.22 17.31 -6.18
CA PRO A 54 2.45 18.79 -6.16
C PRO A 54 1.59 19.48 -5.10
N ASP A 55 0.28 19.15 -5.08
CA ASP A 55 -0.63 19.48 -3.97
C ASP A 55 -1.63 18.32 -3.75
N ARG A 56 -2.65 18.24 -4.63
CA ARG A 56 -3.86 17.37 -4.46
C ARG A 56 -4.47 17.10 -5.85
N GLY A 57 -5.07 15.90 -6.03
CA GLY A 57 -5.87 15.58 -7.23
C GLY A 57 -5.06 15.23 -8.49
N ALA A 58 -3.74 15.53 -8.48
CA ALA A 58 -2.82 15.23 -9.60
C ALA A 58 -2.66 13.70 -9.81
N PRO A 59 -2.22 13.25 -11.04
CA PRO A 59 -1.95 11.81 -11.29
C PRO A 59 -0.88 11.25 -10.33
N LEU A 60 -1.28 10.24 -9.55
CA LEU A 60 -0.41 9.49 -8.62
C LEU A 60 0.78 8.80 -9.37
N PRO A 61 1.96 8.58 -8.69
CA PRO A 61 3.18 7.99 -9.33
C PRO A 61 2.94 6.52 -9.74
N GLU A 62 3.76 6.02 -10.66
CA GLU A 62 3.65 4.64 -11.17
C GLU A 62 4.25 3.65 -10.16
N ASN A 63 5.07 4.17 -9.22
CA ASN A 63 5.67 3.36 -8.15
C ASN A 63 5.42 4.05 -6.81
N ILE A 64 4.72 3.36 -5.91
CA ILE A 64 4.37 3.86 -4.57
C ILE A 64 5.18 3.07 -3.51
N ILE A 65 6.09 3.76 -2.80
CA ILE A 65 7.10 3.11 -1.92
C ILE A 65 6.66 3.11 -0.45
N LEU A 66 6.46 1.89 0.09
CA LEU A 66 6.18 1.65 1.51
C LEU A 66 7.23 0.67 2.09
N ASP A 67 8.49 1.15 2.18
CA ASP A 67 9.64 0.39 2.68
C ASP A 67 9.47 -0.15 4.13
N ASP A 68 8.76 0.61 4.97
CA ASP A 68 8.76 0.41 6.45
C ASP A 68 7.46 -0.29 6.94
N MET A 69 6.80 -1.06 6.06
CA MET A 69 5.51 -1.71 6.40
C MET A 69 5.76 -3.05 7.11
N ASP A 70 5.92 -2.99 8.44
CA ASP A 70 6.19 -4.17 9.29
C ASP A 70 7.52 -4.84 8.89
N GLY A 71 8.48 -3.98 8.47
CA GLY A 71 9.80 -4.43 8.01
C GLY A 71 9.81 -4.88 6.55
N CYS A 72 8.65 -4.75 5.87
CA CYS A 72 8.46 -5.18 4.48
C CYS A 72 8.47 -3.96 3.55
N ARG A 73 9.32 -4.01 2.51
CA ARG A 73 9.31 -3.07 1.40
C ARG A 73 8.22 -3.48 0.40
N VAL A 74 7.06 -2.82 0.49
CA VAL A 74 5.95 -3.01 -0.47
C VAL A 74 5.92 -1.85 -1.48
N GLU A 75 6.26 -2.18 -2.73
CA GLU A 75 6.31 -1.27 -3.86
C GLU A 75 5.13 -1.57 -4.79
N PHE A 76 4.20 -0.62 -4.91
CA PHE A 76 3.04 -0.73 -5.79
C PHE A 76 3.46 -0.30 -7.21
N ASN A 77 3.45 -1.25 -8.15
CA ASN A 77 3.84 -1.04 -9.55
C ASN A 77 2.59 -0.88 -10.41
N LEU A 78 2.50 0.24 -11.15
CA LEU A 78 1.36 0.53 -12.01
C LEU A 78 1.76 0.26 -13.47
N PRO A 79 0.81 -0.21 -14.31
CA PRO A 79 1.05 -0.44 -15.75
C PRO A 79 0.94 0.88 -16.56
N GLY A 80 0.87 0.74 -17.88
CA GLY A 80 0.67 1.86 -18.78
C GLY A 80 -0.13 1.44 -20.01
N GLU A 81 -0.04 2.27 -21.05
CA GLU A 81 -0.64 2.00 -22.37
C GLU A 81 -0.02 0.74 -23.04
N ASN A 82 1.21 0.42 -22.61
CA ASN A 82 1.96 -0.77 -23.07
C ASN A 82 1.40 -2.08 -22.43
N ASN A 83 0.46 -1.93 -21.47
CA ASN A 83 -0.25 -3.05 -20.82
C ASN A 83 -1.76 -2.78 -20.85
N GLU A 84 -2.45 -3.37 -21.86
CA GLU A 84 -3.91 -3.20 -22.04
C GLU A 84 -4.71 -3.88 -20.90
N ALA A 85 -4.06 -4.80 -20.16
CA ALA A 85 -4.64 -5.49 -18.99
C ALA A 85 -5.04 -4.49 -17.90
N GLY A 86 -4.17 -3.48 -17.68
CA GLY A 86 -4.45 -2.39 -16.74
C GLY A 86 -4.62 -2.86 -15.30
N GLN A 87 -3.62 -3.58 -14.78
CA GLN A 87 -3.64 -4.10 -13.39
C GLN A 87 -2.36 -3.69 -12.64
N VAL A 88 -2.54 -3.35 -11.37
CA VAL A 88 -1.47 -3.00 -10.44
C VAL A 88 -0.80 -4.27 -9.88
N ILE A 89 0.53 -4.34 -9.99
CA ILE A 89 1.33 -5.45 -9.45
C ILE A 89 2.00 -4.97 -8.16
N VAL A 90 1.56 -5.50 -7.01
CA VAL A 90 2.12 -5.13 -5.70
C VAL A 90 3.25 -6.12 -5.34
N ARG A 91 4.36 -5.56 -4.82
CA ARG A 91 5.57 -6.33 -4.49
C ARG A 91 5.94 -6.12 -3.02
N VAL A 92 5.48 -7.03 -2.12
CA VAL A 92 5.76 -6.94 -0.68
C VAL A 92 6.91 -7.92 -0.34
N SER A 93 8.14 -7.39 -0.18
CA SER A 93 9.36 -8.20 0.00
C SER A 93 10.01 -7.89 1.36
N LYS A 94 10.54 -8.94 2.01
CA LYS A 94 11.16 -8.85 3.34
C LYS A 94 12.14 -10.01 3.55
N GLY A 95 13.45 -9.71 3.48
CA GLY A 95 14.51 -10.70 3.69
C GLY A 95 14.49 -11.79 2.62
N ASP A 96 14.10 -13.01 3.01
CA ASP A 96 14.00 -14.18 2.11
C ASP A 96 12.66 -14.18 1.35
N HIS A 97 11.64 -13.49 1.92
CA HIS A 97 10.28 -13.46 1.38
C HIS A 97 10.15 -12.42 0.26
N SER A 98 9.24 -12.73 -0.67
CA SER A 98 8.83 -11.85 -1.76
C SER A 98 7.41 -12.28 -2.18
N GLU A 99 6.42 -11.56 -1.67
CA GLU A 99 4.99 -11.83 -1.88
C GLU A 99 4.46 -10.85 -2.93
N THR A 100 4.10 -11.38 -4.11
CA THR A 100 3.66 -10.58 -5.25
C THR A 100 2.21 -10.94 -5.60
N ARG A 101 1.36 -9.92 -5.83
CA ARG A 101 -0.07 -10.12 -6.17
C ARG A 101 -0.50 -9.09 -7.23
N GLU A 102 -1.66 -9.31 -7.85
CA GLU A 102 -2.21 -8.39 -8.87
C GLU A 102 -3.65 -7.99 -8.49
N ILE A 103 -3.95 -6.70 -8.66
CA ILE A 103 -5.26 -6.07 -8.43
C ILE A 103 -5.59 -5.17 -9.64
N PRO A 104 -6.90 -4.91 -9.94
CA PRO A 104 -7.30 -3.93 -11.00
C PRO A 104 -6.72 -2.51 -10.74
N LEU A 105 -6.41 -1.76 -11.84
CA LEU A 105 -5.89 -0.39 -11.75
C LEU A 105 -6.96 0.54 -11.17
N ALA A 106 -8.21 0.38 -11.68
CA ALA A 106 -9.37 1.21 -11.33
C ALA A 106 -9.58 1.27 -9.82
N SER A 107 -9.59 0.07 -9.18
CA SER A 107 -9.82 -0.06 -7.72
C SER A 107 -8.73 0.67 -6.93
N PHE A 108 -7.45 0.29 -7.20
CA PHE A 108 -6.28 0.87 -6.53
C PHE A 108 -6.27 2.40 -6.63
N GLU A 109 -6.55 2.91 -7.84
CA GLU A 109 -6.41 4.34 -8.13
C GLU A 109 -7.48 5.13 -7.37
N LYS A 110 -8.77 4.73 -7.51
CA LYS A 110 -9.90 5.46 -6.87
C LYS A 110 -9.81 5.41 -5.34
N ILE A 111 -9.24 4.31 -4.80
CA ILE A 111 -8.94 4.17 -3.37
C ILE A 111 -7.89 5.22 -2.96
N CYS A 112 -6.80 5.29 -3.74
CA CYS A 112 -5.67 6.20 -3.47
C CYS A 112 -6.10 7.68 -3.65
N ARG A 113 -7.06 7.91 -4.57
CA ARG A 113 -7.67 9.24 -4.80
C ARG A 113 -8.48 9.62 -3.55
N ALA A 114 -9.26 8.64 -3.04
CA ALA A 114 -10.08 8.79 -1.84
C ALA A 114 -9.20 9.08 -0.61
N LEU A 115 -7.99 8.49 -0.56
CA LEU A 115 -7.02 8.77 0.52
C LEU A 115 -6.53 10.23 0.43
N LEU A 116 -6.17 10.63 -0.81
CA LEU A 116 -5.68 11.99 -1.12
C LEU A 116 -6.74 13.07 -0.82
N PHE A 117 -8.03 12.71 -0.94
CA PHE A 117 -9.14 13.66 -0.71
C PHE A 117 -9.59 13.68 0.77
N ARG A 118 -9.69 12.48 1.37
CA ARG A 118 -10.22 12.28 2.75
C ARG A 118 -9.14 12.45 3.83
N CYS A 119 -7.87 12.64 3.40
CA CYS A 119 -6.71 12.88 4.32
C CYS A 119 -6.91 14.10 5.26
N GLU A 120 -7.94 14.92 4.96
CA GLU A 120 -8.39 16.04 5.81
C GLU A 120 -8.76 15.55 7.22
N GLY A 1 24.22 1.92 14.29
CA GLY A 1 23.37 0.70 14.39
C GLY A 1 21.89 1.02 14.22
N ALA A 2 21.02 0.09 14.66
CA ALA A 2 19.57 0.26 14.61
C ALA A 2 19.10 1.11 15.80
N GLY A 3 18.88 2.41 15.54
CA GLY A 3 18.37 3.35 16.54
C GLY A 3 16.87 3.20 16.75
N THR A 4 16.15 2.93 15.65
CA THR A 4 14.68 2.76 15.65
C THR A 4 14.29 1.35 16.14
N SER A 5 13.01 1.19 16.55
CA SER A 5 12.45 -0.12 16.98
C SER A 5 11.84 -0.86 15.77
N ALA A 6 12.57 -0.85 14.64
CA ALA A 6 12.11 -1.40 13.34
C ALA A 6 11.97 -2.94 13.38
N ALA A 7 12.70 -3.61 14.29
CA ALA A 7 12.68 -5.08 14.45
C ALA A 7 11.27 -5.60 14.82
N MET A 8 10.56 -4.80 15.66
CA MET A 8 9.17 -5.07 16.07
C MET A 8 8.21 -5.04 14.87
N ARG A 9 8.51 -4.12 13.94
CA ARG A 9 7.70 -3.89 12.74
C ARG A 9 7.95 -5.00 11.70
N GLN A 10 9.23 -5.41 11.56
CA GLN A 10 9.67 -6.46 10.62
C GLN A 10 9.20 -7.86 11.04
N ALA A 11 8.78 -7.98 12.33
CA ALA A 11 8.23 -9.23 12.90
C ALA A 11 6.99 -9.77 12.11
N THR A 12 6.33 -8.88 11.34
CA THR A 12 5.21 -9.23 10.46
C THR A 12 5.65 -10.17 9.31
N SER A 13 4.69 -10.88 8.72
CA SER A 13 4.94 -11.80 7.61
C SER A 13 4.34 -11.21 6.31
N PRO A 14 5.15 -11.05 5.19
CA PRO A 14 4.69 -10.45 3.89
C PRO A 14 3.44 -11.15 3.29
N LYS A 15 3.19 -12.40 3.72
CA LYS A 15 2.03 -13.18 3.30
C LYS A 15 0.72 -12.56 3.89
N THR A 16 0.67 -12.42 5.24
CA THR A 16 -0.51 -11.84 5.95
C THR A 16 -0.71 -10.35 5.57
N ILE A 17 0.41 -9.68 5.24
CA ILE A 17 0.40 -8.28 4.81
C ILE A 17 -0.31 -8.19 3.46
N LEU A 18 0.08 -9.06 2.51
CA LEU A 18 -0.59 -9.20 1.20
C LEU A 18 -2.09 -9.50 1.37
N GLU A 19 -2.44 -10.35 2.36
CA GLU A 19 -3.85 -10.70 2.64
C GLU A 19 -4.68 -9.44 2.91
N TYR A 20 -4.27 -8.62 3.91
CA TYR A 20 -5.08 -7.43 4.32
C TYR A 20 -5.02 -6.30 3.25
N ILE A 21 -3.91 -6.25 2.45
CA ILE A 21 -3.78 -5.32 1.30
C ILE A 21 -4.94 -5.56 0.32
N ILE A 22 -5.02 -6.80 -0.20
CA ILE A 22 -5.99 -7.18 -1.25
C ILE A 22 -7.43 -7.08 -0.70
N ASN A 23 -7.62 -7.47 0.59
CA ASN A 23 -8.91 -7.35 1.31
C ASN A 23 -9.46 -5.92 1.22
N PHE A 24 -8.59 -4.94 1.55
CA PHE A 24 -8.95 -3.51 1.54
C PHE A 24 -9.26 -3.00 0.11
N PHE A 25 -8.34 -3.27 -0.83
CA PHE A 25 -8.43 -2.74 -2.21
C PHE A 25 -9.65 -3.33 -2.97
N THR A 26 -10.16 -4.50 -2.53
CA THR A 26 -11.39 -5.07 -3.10
C THR A 26 -12.64 -4.57 -2.35
N CYS A 27 -12.59 -4.52 -1.00
CA CYS A 27 -13.77 -4.25 -0.15
C CYS A 27 -13.39 -3.55 1.18
N GLY A 28 -14.34 -2.79 1.75
CA GLY A 28 -14.15 -2.14 3.06
C GLY A 28 -14.67 -3.04 4.18
N GLY A 29 -15.79 -2.64 4.84
CA GLY A 29 -16.48 -3.46 5.84
C GLY A 29 -15.90 -3.39 7.25
N ILE A 30 -14.55 -3.41 7.36
CA ILE A 30 -13.84 -3.42 8.64
C ILE A 30 -13.61 -1.99 9.17
N ARG A 31 -14.42 -1.58 10.19
CA ARG A 31 -14.28 -0.27 10.86
C ARG A 31 -14.55 -0.37 12.39
N ARG A 32 -14.34 -1.56 12.98
CA ARG A 32 -14.51 -1.76 14.46
C ARG A 32 -13.17 -2.10 15.16
N ARG A 33 -12.75 -3.38 15.10
CA ARG A 33 -11.58 -3.88 15.89
C ARG A 33 -10.31 -3.97 15.01
N ASN A 34 -10.43 -4.61 13.83
CA ASN A 34 -9.28 -4.94 12.94
C ASN A 34 -8.96 -3.75 12.00
N GLU A 35 -9.75 -2.66 12.14
CA GLU A 35 -9.66 -1.43 11.32
C GLU A 35 -8.27 -0.75 11.41
N THR A 36 -7.57 -0.98 12.53
CA THR A 36 -6.33 -0.31 12.89
C THR A 36 -5.21 -0.55 11.86
N GLN A 37 -4.98 -1.84 11.53
CA GLN A 37 -3.92 -2.25 10.59
C GLN A 37 -4.21 -1.74 9.17
N TYR A 38 -5.50 -1.71 8.82
CA TYR A 38 -5.97 -1.16 7.55
C TYR A 38 -5.69 0.35 7.51
N GLN A 39 -6.01 1.06 8.61
CA GLN A 39 -5.86 2.53 8.71
C GLN A 39 -4.40 2.94 8.51
N GLU A 40 -3.46 2.12 9.03
CA GLU A 40 -2.01 2.28 8.80
C GLU A 40 -1.71 2.38 7.29
N LEU A 41 -2.29 1.45 6.51
CA LEU A 41 -2.14 1.41 5.04
C LEU A 41 -2.70 2.71 4.42
N ILE A 42 -3.94 3.12 4.84
CA ILE A 42 -4.60 4.34 4.31
C ILE A 42 -3.68 5.57 4.42
N GLU A 43 -3.29 5.90 5.66
CA GLU A 43 -2.57 7.15 5.95
C GLU A 43 -1.10 7.10 5.51
N THR A 44 -0.42 5.93 5.64
CA THR A 44 1.01 5.79 5.25
C THR A 44 1.17 5.98 3.73
N MET A 45 0.25 5.36 2.97
CA MET A 45 0.17 5.56 1.51
C MET A 45 -0.17 7.02 1.21
N ALA A 46 -1.17 7.57 1.91
CA ALA A 46 -1.62 8.97 1.74
C ALA A 46 -0.46 9.99 1.91
N GLU A 47 0.43 9.69 2.88
CA GLU A 47 1.62 10.50 3.17
C GLU A 47 2.60 10.45 1.99
N THR A 48 3.00 9.22 1.58
CA THR A 48 4.05 9.01 0.55
C THR A 48 3.58 9.45 -0.86
N LEU A 49 2.25 9.36 -1.11
CA LEU A 49 1.62 9.82 -2.35
C LEU A 49 1.69 11.37 -2.41
N LYS A 50 1.13 12.04 -1.39
CA LYS A 50 1.10 13.52 -1.34
C LYS A 50 2.51 14.12 -1.13
N SER A 51 3.48 13.28 -0.67
CA SER A 51 4.89 13.67 -0.52
C SER A 51 5.54 13.97 -1.88
N THR A 52 5.10 13.26 -2.93
CA THR A 52 5.65 13.42 -4.29
C THR A 52 4.68 14.27 -5.16
N MET A 53 3.45 14.48 -4.64
CA MET A 53 2.49 15.47 -5.19
C MET A 53 2.73 16.85 -4.52
N PRO A 54 2.40 17.99 -5.20
CA PRO A 54 2.38 19.33 -4.56
C PRO A 54 1.41 19.38 -3.36
N ASP A 55 0.10 19.13 -3.62
CA ASP A 55 -0.91 18.96 -2.55
C ASP A 55 -2.06 18.05 -3.04
N ARG A 56 -2.96 18.61 -3.89
CA ARG A 56 -4.18 17.92 -4.37
C ARG A 56 -4.46 18.30 -5.83
N GLY A 57 -5.14 17.40 -6.56
CA GLY A 57 -5.51 17.60 -7.97
C GLY A 57 -4.45 17.06 -8.92
N ALA A 58 -3.20 17.02 -8.45
CA ALA A 58 -2.04 16.52 -9.21
C ALA A 58 -2.13 14.99 -9.40
N PRO A 59 -1.84 14.45 -10.63
CA PRO A 59 -1.86 12.98 -10.88
C PRO A 59 -0.89 12.22 -9.94
N LEU A 60 -1.34 11.04 -9.46
CA LEU A 60 -0.55 10.17 -8.58
C LEU A 60 0.58 9.44 -9.38
N PRO A 61 1.76 9.14 -8.74
CA PRO A 61 2.88 8.42 -9.40
C PRO A 61 2.52 6.97 -9.76
N GLU A 62 3.24 6.39 -10.75
CA GLU A 62 3.03 5.01 -11.20
C GLU A 62 3.74 4.00 -10.30
N ASN A 63 4.67 4.48 -9.46
CA ASN A 63 5.46 3.63 -8.55
C ASN A 63 5.41 4.22 -7.15
N ILE A 64 4.89 3.42 -6.19
CA ILE A 64 4.77 3.81 -4.78
C ILE A 64 5.72 2.91 -3.95
N ILE A 65 6.81 3.49 -3.43
CA ILE A 65 7.81 2.77 -2.63
C ILE A 65 7.45 2.87 -1.15
N LEU A 66 7.12 1.72 -0.55
CA LEU A 66 6.96 1.56 0.90
C LEU A 66 8.01 0.56 1.40
N ASP A 67 9.22 1.09 1.62
CA ASP A 67 10.39 0.29 2.06
C ASP A 67 10.18 -0.27 3.48
N ASP A 68 9.40 0.46 4.30
CA ASP A 68 9.23 0.17 5.74
C ASP A 68 7.75 -0.11 6.06
N MET A 69 6.99 -0.64 5.07
CA MET A 69 5.57 -0.99 5.32
C MET A 69 5.53 -2.34 6.01
N ASP A 70 5.25 -2.32 7.33
CA ASP A 70 5.34 -3.50 8.19
C ASP A 70 6.79 -4.05 8.18
N GLY A 71 7.74 -3.10 8.02
CA GLY A 71 9.17 -3.41 7.90
C GLY A 71 9.56 -4.04 6.56
N CYS A 72 8.55 -4.43 5.75
CA CYS A 72 8.74 -5.10 4.46
C CYS A 72 8.80 -4.05 3.34
N ARG A 73 9.62 -4.34 2.33
CA ARG A 73 9.81 -3.48 1.16
C ARG A 73 8.82 -3.90 0.07
N VAL A 74 7.75 -3.10 -0.09
CA VAL A 74 6.73 -3.30 -1.14
C VAL A 74 6.72 -2.12 -2.14
N GLU A 75 6.64 -2.47 -3.42
CA GLU A 75 6.58 -1.52 -4.54
C GLU A 75 5.28 -1.74 -5.31
N PHE A 76 4.40 -0.73 -5.29
CA PHE A 76 3.13 -0.75 -6.01
C PHE A 76 3.39 -0.26 -7.45
N ASN A 77 3.17 -1.17 -8.41
CA ASN A 77 3.48 -0.95 -9.84
C ASN A 77 2.19 -0.76 -10.65
N LEU A 78 1.87 0.50 -10.94
CA LEU A 78 0.77 0.88 -11.82
C LEU A 78 1.16 0.65 -13.29
N PRO A 79 0.28 0.00 -14.10
CA PRO A 79 0.57 -0.31 -15.51
C PRO A 79 0.40 0.92 -16.43
N GLY A 80 0.72 0.73 -17.72
CA GLY A 80 0.66 1.79 -18.71
C GLY A 80 0.48 1.25 -20.11
N GLU A 81 0.90 2.06 -21.10
CA GLU A 81 0.71 1.76 -22.54
C GLU A 81 1.34 0.42 -22.98
N ASN A 82 2.38 -0.01 -22.26
CA ASN A 82 3.09 -1.28 -22.52
C ASN A 82 2.33 -2.46 -21.90
N ASN A 83 1.81 -2.24 -20.67
CA ASN A 83 1.08 -3.27 -19.91
C ASN A 83 -0.40 -3.30 -20.34
N GLU A 84 -0.72 -4.19 -21.27
CA GLU A 84 -2.10 -4.34 -21.81
C GLU A 84 -3.03 -5.04 -20.79
N ALA A 85 -2.45 -5.68 -19.75
CA ALA A 85 -3.20 -6.33 -18.65
C ALA A 85 -4.06 -5.33 -17.88
N GLY A 86 -3.50 -4.12 -17.70
CA GLY A 86 -4.19 -3.01 -17.03
C GLY A 86 -4.48 -3.27 -15.55
N GLN A 87 -3.54 -3.93 -14.85
CA GLN A 87 -3.66 -4.26 -13.42
C GLN A 87 -2.39 -3.87 -12.65
N VAL A 88 -2.57 -3.60 -11.36
CA VAL A 88 -1.50 -3.17 -10.44
C VAL A 88 -0.78 -4.39 -9.87
N ILE A 89 0.55 -4.41 -10.01
CA ILE A 89 1.40 -5.49 -9.48
C ILE A 89 2.03 -5.01 -8.15
N VAL A 90 1.64 -5.65 -7.04
CA VAL A 90 2.21 -5.37 -5.72
C VAL A 90 3.35 -6.38 -5.41
N ARG A 91 4.59 -5.84 -5.35
CA ARG A 91 5.82 -6.64 -5.14
C ARG A 91 6.35 -6.41 -3.72
N VAL A 92 6.05 -7.34 -2.78
CA VAL A 92 6.54 -7.25 -1.39
C VAL A 92 7.77 -8.16 -1.23
N SER A 93 8.74 -7.72 -0.41
CA SER A 93 10.01 -8.46 -0.19
C SER A 93 10.50 -8.27 1.26
N LYS A 94 11.30 -9.24 1.72
CA LYS A 94 11.82 -9.32 3.09
C LYS A 94 13.02 -10.31 3.13
N GLY A 95 14.19 -9.84 2.65
CA GLY A 95 15.42 -10.63 2.61
C GLY A 95 15.34 -11.85 1.69
N ASP A 96 15.04 -13.02 2.29
CA ASP A 96 14.85 -14.30 1.57
C ASP A 96 13.43 -14.38 0.96
N HIS A 97 12.51 -13.59 1.52
CA HIS A 97 11.11 -13.50 1.08
C HIS A 97 10.99 -12.53 -0.10
N SER A 98 10.06 -12.86 -1.01
CA SER A 98 9.68 -12.04 -2.18
C SER A 98 8.37 -12.61 -2.74
N GLU A 99 7.24 -11.98 -2.34
CA GLU A 99 5.88 -12.44 -2.66
C GLU A 99 5.20 -11.38 -3.52
N THR A 100 4.65 -11.79 -4.67
CA THR A 100 4.02 -10.89 -5.64
C THR A 100 2.54 -11.27 -5.81
N ARG A 101 1.69 -10.26 -6.00
CA ARG A 101 0.24 -10.43 -6.19
C ARG A 101 -0.31 -9.25 -7.02
N GLU A 102 -1.57 -9.34 -7.50
CA GLU A 102 -2.19 -8.28 -8.34
C GLU A 102 -3.54 -7.83 -7.78
N ILE A 103 -3.94 -6.63 -8.20
CA ILE A 103 -5.25 -6.02 -7.97
C ILE A 103 -5.67 -5.23 -9.23
N PRO A 104 -7.01 -5.09 -9.53
CA PRO A 104 -7.50 -4.21 -10.62
C PRO A 104 -7.04 -2.75 -10.46
N LEU A 105 -6.72 -2.09 -11.59
CA LEU A 105 -6.23 -0.69 -11.62
C LEU A 105 -7.29 0.25 -11.03
N ALA A 106 -8.56 0.05 -11.43
CA ALA A 106 -9.71 0.88 -11.03
C ALA A 106 -9.82 0.95 -9.49
N SER A 107 -9.77 -0.24 -8.86
CA SER A 107 -9.85 -0.38 -7.40
C SER A 107 -8.72 0.40 -6.69
N PHE A 108 -7.47 0.18 -7.12
CA PHE A 108 -6.28 0.84 -6.51
C PHE A 108 -6.38 2.36 -6.65
N GLU A 109 -6.73 2.82 -7.86
CA GLU A 109 -6.70 4.25 -8.23
C GLU A 109 -7.74 5.04 -7.43
N LYS A 110 -9.00 4.56 -7.44
CA LYS A 110 -10.12 5.20 -6.71
C LYS A 110 -9.83 5.24 -5.19
N ILE A 111 -9.25 4.14 -4.68
CA ILE A 111 -8.82 4.05 -3.28
C ILE A 111 -7.71 5.07 -2.97
N CYS A 112 -6.69 5.14 -3.85
CA CYS A 112 -5.48 5.96 -3.64
C CYS A 112 -5.82 7.47 -3.63
N ARG A 113 -6.79 7.85 -4.50
CA ARG A 113 -7.38 9.21 -4.51
C ARG A 113 -8.12 9.46 -3.19
N ALA A 114 -8.90 8.45 -2.74
CA ALA A 114 -9.64 8.50 -1.46
C ALA A 114 -8.68 8.58 -0.25
N LEU A 115 -7.46 8.04 -0.39
CA LEU A 115 -6.41 8.12 0.66
C LEU A 115 -5.91 9.56 0.77
N LEU A 116 -5.68 10.19 -0.40
CA LEU A 116 -5.30 11.62 -0.50
C LEU A 116 -6.36 12.53 0.17
N PHE A 117 -7.65 12.18 -0.01
CA PHE A 117 -8.78 12.95 0.54
C PHE A 117 -8.92 12.73 2.07
N ARG A 118 -8.64 11.49 2.52
CA ARG A 118 -8.74 11.08 3.94
C ARG A 118 -7.42 11.30 4.70
N CYS A 119 -6.36 11.70 3.98
CA CYS A 119 -5.01 11.96 4.55
C CYS A 119 -5.02 12.90 5.77
N GLU A 120 -5.92 13.90 5.74
CA GLU A 120 -6.09 14.88 6.83
C GLU A 120 -6.65 14.20 8.09
N GLY A 1 22.95 2.59 14.77
CA GLY A 1 23.04 2.22 16.20
C GLY A 1 21.98 1.19 16.58
N ALA A 2 21.47 1.29 17.82
CA ALA A 2 20.50 0.33 18.39
C ALA A 2 19.09 0.55 17.80
N GLY A 3 18.74 -0.27 16.80
CA GLY A 3 17.41 -0.30 16.17
C GLY A 3 16.86 -1.71 16.12
N THR A 4 17.20 -2.50 17.16
CA THR A 4 16.83 -3.93 17.27
C THR A 4 15.32 -4.12 17.55
N SER A 5 14.64 -3.05 17.97
CA SER A 5 13.20 -3.07 18.32
C SER A 5 12.31 -3.01 17.05
N ALA A 6 12.96 -2.86 15.87
CA ALA A 6 12.30 -2.99 14.56
C ALA A 6 11.85 -4.44 14.33
N ALA A 7 12.52 -5.39 15.02
CA ALA A 7 12.23 -6.84 14.95
C ALA A 7 10.78 -7.18 15.37
N MET A 8 10.21 -6.34 16.25
CA MET A 8 8.81 -6.45 16.68
C MET A 8 7.84 -6.23 15.50
N ARG A 9 8.13 -5.23 14.67
CA ARG A 9 7.25 -4.79 13.57
C ARG A 9 7.38 -5.73 12.36
N GLN A 10 8.64 -6.07 11.99
CA GLN A 10 8.96 -6.90 10.80
C GLN A 10 8.55 -8.36 10.99
N ALA A 11 8.26 -8.76 12.25
CA ALA A 11 7.78 -10.12 12.59
C ALA A 11 6.52 -10.54 11.79
N THR A 12 5.76 -9.53 11.29
CA THR A 12 4.56 -9.74 10.46
C THR A 12 4.97 -10.26 9.05
N SER A 13 4.35 -11.37 8.62
CA SER A 13 4.65 -12.03 7.34
C SER A 13 4.15 -11.19 6.14
N PRO A 14 4.96 -11.02 5.03
CA PRO A 14 4.55 -10.27 3.81
C PRO A 14 3.40 -10.95 3.05
N LYS A 15 3.17 -12.24 3.38
CA LYS A 15 2.05 -13.04 2.86
C LYS A 15 0.73 -12.46 3.41
N THR A 16 0.65 -12.33 4.76
CA THR A 16 -0.57 -11.83 5.44
C THR A 16 -0.70 -10.30 5.28
N ILE A 17 0.45 -9.62 5.08
CA ILE A 17 0.51 -8.20 4.70
C ILE A 17 -0.23 -8.01 3.37
N LEU A 18 0.12 -8.86 2.38
CA LEU A 18 -0.58 -8.88 1.07
C LEU A 18 -2.09 -9.08 1.25
N GLU A 19 -2.48 -10.12 2.01
CA GLU A 19 -3.89 -10.48 2.25
C GLU A 19 -4.71 -9.27 2.74
N TYR A 20 -4.17 -8.50 3.72
CA TYR A 20 -4.87 -7.34 4.31
C TYR A 20 -4.89 -6.13 3.34
N ILE A 21 -3.78 -5.95 2.57
CA ILE A 21 -3.66 -4.86 1.56
C ILE A 21 -4.72 -5.04 0.45
N ILE A 22 -4.81 -6.27 -0.09
CA ILE A 22 -5.74 -6.61 -1.18
C ILE A 22 -7.18 -6.47 -0.67
N ASN A 23 -7.42 -6.98 0.57
CA ASN A 23 -8.73 -6.88 1.26
C ASN A 23 -9.15 -5.42 1.40
N PHE A 24 -8.19 -4.50 1.60
CA PHE A 24 -8.44 -3.05 1.65
C PHE A 24 -8.92 -2.50 0.29
N PHE A 25 -8.12 -2.78 -0.77
CA PHE A 25 -8.35 -2.20 -2.11
C PHE A 25 -9.59 -2.78 -2.82
N THR A 26 -10.02 -4.01 -2.44
CA THR A 26 -11.15 -4.70 -3.12
C THR A 26 -12.37 -4.92 -2.19
N CYS A 27 -12.21 -4.68 -0.86
CA CYS A 27 -13.28 -4.96 0.12
C CYS A 27 -13.14 -4.02 1.35
N GLY A 28 -13.93 -4.30 2.41
CA GLY A 28 -13.86 -3.58 3.68
C GLY A 28 -15.03 -3.96 4.57
N GLY A 29 -15.20 -3.25 5.70
CA GLY A 29 -16.38 -3.42 6.57
C GLY A 29 -16.14 -4.34 7.76
N ILE A 30 -14.98 -5.02 7.81
CA ILE A 30 -14.56 -5.83 8.99
C ILE A 30 -13.77 -4.89 9.96
N ARG A 31 -14.38 -3.73 10.25
CA ARG A 31 -13.79 -2.60 10.99
C ARG A 31 -13.13 -3.03 12.33
N ARG A 32 -13.71 -4.04 12.99
CA ARG A 32 -13.21 -4.53 14.29
C ARG A 32 -11.74 -4.99 14.24
N ARG A 33 -11.34 -5.56 13.09
CA ARG A 33 -9.98 -6.05 12.85
C ARG A 33 -9.22 -5.15 11.86
N ASN A 34 -9.98 -4.35 11.06
CA ASN A 34 -9.39 -3.53 9.98
C ASN A 34 -8.74 -2.25 10.52
N GLU A 35 -9.57 -1.40 11.15
CA GLU A 35 -9.31 0.06 11.36
C GLU A 35 -7.85 0.42 11.73
N THR A 36 -7.24 -0.31 12.67
CA THR A 36 -5.89 0.01 13.17
C THR A 36 -4.78 -0.35 12.14
N GLN A 37 -4.62 -1.66 11.82
CA GLN A 37 -3.55 -2.14 10.90
C GLN A 37 -3.70 -1.50 9.50
N TYR A 38 -4.96 -1.24 9.13
CA TYR A 38 -5.30 -0.57 7.89
C TYR A 38 -4.95 0.91 7.96
N GLN A 39 -5.22 1.60 9.09
CA GLN A 39 -4.93 3.05 9.23
C GLN A 39 -3.42 3.32 9.06
N GLU A 40 -2.57 2.34 9.47
CA GLU A 40 -1.12 2.35 9.13
C GLU A 40 -0.92 2.42 7.60
N LEU A 41 -1.60 1.53 6.84
CA LEU A 41 -1.59 1.53 5.35
C LEU A 41 -2.03 2.93 4.82
N ILE A 42 -3.22 3.41 5.26
CA ILE A 42 -3.85 4.67 4.76
C ILE A 42 -2.88 5.85 4.93
N GLU A 43 -2.34 6.03 6.16
CA GLU A 43 -1.53 7.20 6.50
C GLU A 43 -0.14 7.15 5.83
N THR A 44 0.52 5.97 5.86
CA THR A 44 1.89 5.82 5.35
C THR A 44 1.91 5.94 3.80
N MET A 45 0.85 5.41 3.15
CA MET A 45 0.63 5.61 1.70
C MET A 45 0.42 7.09 1.44
N ALA A 46 -0.52 7.71 2.17
CA ALA A 46 -0.86 9.14 2.03
C ALA A 46 0.38 10.04 2.18
N GLU A 47 1.34 9.61 3.03
CA GLU A 47 2.61 10.32 3.25
C GLU A 47 3.53 10.23 2.00
N THR A 48 3.83 8.99 1.55
CA THR A 48 4.74 8.79 0.38
C THR A 48 4.11 9.31 -0.92
N LEU A 49 2.77 9.35 -0.96
CA LEU A 49 1.99 9.92 -2.07
C LEU A 49 2.18 11.44 -2.10
N LYS A 50 1.74 12.14 -1.01
CA LYS A 50 1.78 13.62 -0.92
C LYS A 50 3.24 14.14 -1.02
N SER A 51 4.21 13.24 -0.74
CA SER A 51 5.65 13.54 -0.88
C SER A 51 6.02 13.80 -2.37
N THR A 52 5.52 12.94 -3.27
CA THR A 52 5.80 13.01 -4.73
C THR A 52 4.63 13.68 -5.49
N MET A 53 3.51 13.93 -4.78
CA MET A 53 2.33 14.64 -5.33
C MET A 53 2.43 16.12 -4.96
N PRO A 54 1.94 17.06 -5.84
CA PRO A 54 1.78 18.49 -5.48
C PRO A 54 0.88 18.62 -4.22
N ASP A 55 -0.36 18.09 -4.32
CA ASP A 55 -1.26 17.85 -3.16
C ASP A 55 -2.15 16.63 -3.45
N ARG A 56 -3.16 16.86 -4.32
CA ARG A 56 -4.24 15.90 -4.60
C ARG A 56 -5.13 16.42 -5.74
N GLY A 57 -5.71 15.49 -6.52
CA GLY A 57 -6.52 15.85 -7.71
C GLY A 57 -5.70 15.78 -9.01
N ALA A 58 -4.37 15.96 -8.87
CA ALA A 58 -3.41 15.76 -9.96
C ALA A 58 -3.18 14.24 -10.20
N PRO A 59 -2.58 13.81 -11.37
CA PRO A 59 -2.23 12.38 -11.61
C PRO A 59 -1.27 11.82 -10.53
N LEU A 60 -1.72 10.73 -9.88
CA LEU A 60 -0.94 10.00 -8.85
C LEU A 60 0.27 9.24 -9.51
N PRO A 61 1.40 8.98 -8.74
CA PRO A 61 2.59 8.29 -9.29
C PRO A 61 2.28 6.86 -9.78
N GLU A 62 2.98 6.40 -10.84
CA GLU A 62 2.81 5.05 -11.40
C GLU A 62 3.63 4.02 -10.59
N ASN A 63 4.51 4.50 -9.71
CA ASN A 63 5.26 3.65 -8.77
C ASN A 63 5.22 4.29 -7.40
N ILE A 64 4.64 3.56 -6.42
CA ILE A 64 4.50 4.00 -5.04
C ILE A 64 5.35 3.05 -4.17
N ILE A 65 6.51 3.52 -3.71
CA ILE A 65 7.40 2.75 -2.82
C ILE A 65 6.93 2.95 -1.37
N LEU A 66 6.75 1.83 -0.68
CA LEU A 66 6.24 1.80 0.69
C LEU A 66 7.12 0.81 1.48
N ASP A 67 8.38 1.20 1.64
CA ASP A 67 9.48 0.32 2.10
C ASP A 67 9.42 0.02 3.61
N ASP A 68 8.65 0.81 4.35
CA ASP A 68 8.69 0.83 5.82
C ASP A 68 7.33 0.40 6.42
N MET A 69 6.51 -0.36 5.64
CA MET A 69 5.11 -0.63 6.02
C MET A 69 5.02 -1.98 6.75
N ASP A 70 4.81 -1.90 8.08
CA ASP A 70 4.70 -3.06 9.00
C ASP A 70 5.95 -3.98 8.89
N GLY A 71 7.12 -3.32 8.69
CA GLY A 71 8.41 -4.00 8.61
C GLY A 71 8.73 -4.56 7.22
N CYS A 72 7.72 -4.58 6.34
CA CYS A 72 7.83 -5.13 4.99
C CYS A 72 8.06 -4.01 3.95
N ARG A 73 8.87 -4.33 2.94
CA ARG A 73 9.18 -3.42 1.82
C ARG A 73 8.14 -3.66 0.70
N VAL A 74 7.12 -2.81 0.65
CA VAL A 74 6.04 -2.89 -0.35
C VAL A 74 6.40 -1.99 -1.56
N GLU A 75 5.91 -2.38 -2.75
CA GLU A 75 6.10 -1.63 -4.00
C GLU A 75 4.84 -1.80 -4.89
N PHE A 76 4.07 -0.71 -5.03
CA PHE A 76 2.88 -0.69 -5.90
C PHE A 76 3.31 -0.27 -7.33
N ASN A 77 3.17 -1.19 -8.30
CA ASN A 77 3.55 -0.94 -9.72
C ASN A 77 2.29 -0.79 -10.58
N LEU A 78 1.91 0.45 -10.87
CA LEU A 78 0.81 0.73 -11.80
C LEU A 78 1.27 0.46 -13.24
N PRO A 79 0.39 -0.08 -14.13
CA PRO A 79 0.77 -0.45 -15.50
C PRO A 79 0.99 0.80 -16.38
N GLY A 80 1.81 0.58 -17.41
CA GLY A 80 2.18 1.64 -18.37
C GLY A 80 1.48 1.46 -19.71
N GLU A 81 1.87 2.29 -20.69
CA GLU A 81 1.28 2.31 -22.05
C GLU A 81 1.47 0.96 -22.79
N ASN A 82 2.57 0.24 -22.47
CA ASN A 82 2.90 -1.07 -23.09
C ASN A 82 2.13 -2.22 -22.41
N ASN A 83 1.56 -1.98 -21.22
CA ASN A 83 0.88 -3.02 -20.43
C ASN A 83 -0.61 -3.09 -20.82
N GLU A 84 -1.00 -4.23 -21.44
CA GLU A 84 -2.40 -4.50 -21.86
C GLU A 84 -3.23 -5.00 -20.65
N ALA A 85 -2.55 -5.49 -19.60
CA ALA A 85 -3.19 -6.11 -18.40
C ALA A 85 -4.12 -5.13 -17.67
N GLY A 86 -3.68 -3.86 -17.57
CA GLY A 86 -4.46 -2.80 -16.92
C GLY A 86 -4.71 -3.04 -15.43
N GLN A 87 -3.76 -3.71 -14.76
CA GLN A 87 -3.83 -4.01 -13.31
C GLN A 87 -2.52 -3.65 -12.63
N VAL A 88 -2.63 -3.44 -11.31
CA VAL A 88 -1.52 -3.07 -10.42
C VAL A 88 -0.79 -4.33 -9.93
N ILE A 89 0.56 -4.28 -9.98
CA ILE A 89 1.43 -5.37 -9.55
C ILE A 89 2.04 -4.96 -8.19
N VAL A 90 1.43 -5.44 -7.10
CA VAL A 90 1.85 -5.09 -5.73
C VAL A 90 2.84 -6.16 -5.19
N ARG A 91 4.12 -5.80 -5.14
CA ARG A 91 5.21 -6.66 -4.67
C ARG A 91 5.60 -6.29 -3.23
N VAL A 92 5.35 -7.21 -2.29
CA VAL A 92 5.73 -7.04 -0.88
C VAL A 92 6.90 -8.01 -0.55
N SER A 93 8.09 -7.44 -0.41
CA SER A 93 9.34 -8.18 -0.12
C SER A 93 9.74 -8.02 1.36
N LYS A 94 10.56 -8.97 1.84
CA LYS A 94 11.05 -8.98 3.23
C LYS A 94 12.28 -9.93 3.31
N GLY A 95 13.44 -9.46 2.84
CA GLY A 95 14.72 -10.20 2.91
C GLY A 95 14.71 -11.53 2.15
N ASP A 96 14.38 -12.61 2.87
CA ASP A 96 14.30 -13.99 2.31
C ASP A 96 12.96 -14.20 1.58
N HIS A 97 11.93 -13.47 2.03
CA HIS A 97 10.56 -13.54 1.48
C HIS A 97 10.44 -12.56 0.32
N SER A 98 9.74 -12.96 -0.72
CA SER A 98 9.45 -12.12 -1.89
C SER A 98 8.07 -12.50 -2.44
N GLU A 99 7.07 -11.68 -2.10
CA GLU A 99 5.65 -11.91 -2.40
C GLU A 99 5.18 -10.89 -3.44
N THR A 100 4.26 -11.30 -4.31
CA THR A 100 3.68 -10.44 -5.36
C THR A 100 2.19 -10.80 -5.55
N ARG A 101 1.37 -9.80 -5.89
CA ARG A 101 -0.09 -9.97 -6.11
C ARG A 101 -0.56 -8.95 -7.17
N GLU A 102 -1.82 -9.06 -7.61
CA GLU A 102 -2.46 -8.07 -8.50
C GLU A 102 -3.79 -7.60 -7.94
N ILE A 103 -4.10 -6.33 -8.20
CA ILE A 103 -5.41 -5.69 -7.96
C ILE A 103 -5.81 -4.88 -9.21
N PRO A 104 -7.12 -4.81 -9.58
CA PRO A 104 -7.58 -3.97 -10.71
C PRO A 104 -7.20 -2.48 -10.51
N LEU A 105 -6.69 -1.85 -11.58
CA LEU A 105 -6.17 -0.46 -11.55
C LEU A 105 -7.24 0.54 -11.10
N ALA A 106 -8.50 0.29 -11.47
CA ALA A 106 -9.65 1.14 -11.10
C ALA A 106 -9.83 1.23 -9.56
N SER A 107 -9.68 0.06 -8.90
CA SER A 107 -9.74 -0.04 -7.42
C SER A 107 -8.64 0.81 -6.76
N PHE A 108 -7.40 0.66 -7.26
CA PHE A 108 -6.24 1.40 -6.73
C PHE A 108 -6.41 2.90 -6.97
N GLU A 109 -6.89 3.25 -8.18
CA GLU A 109 -7.03 4.65 -8.64
C GLU A 109 -7.93 5.46 -7.69
N LYS A 110 -9.15 4.91 -7.47
CA LYS A 110 -10.17 5.55 -6.63
C LYS A 110 -9.69 5.63 -5.16
N ILE A 111 -9.08 4.52 -4.65
CA ILE A 111 -8.65 4.42 -3.25
C ILE A 111 -7.45 5.35 -2.95
N CYS A 112 -6.45 5.33 -3.83
CA CYS A 112 -5.17 6.07 -3.65
C CYS A 112 -5.42 7.59 -3.64
N ARG A 113 -6.25 8.06 -4.61
CA ARG A 113 -6.69 9.46 -4.62
C ARG A 113 -7.61 9.76 -3.43
N ALA A 114 -8.42 8.76 -3.00
CA ALA A 114 -9.29 8.89 -1.80
C ALA A 114 -8.45 9.06 -0.52
N LEU A 115 -7.25 8.45 -0.48
CA LEU A 115 -6.29 8.59 0.65
C LEU A 115 -5.70 10.00 0.67
N LEU A 116 -5.38 10.50 -0.53
CA LEU A 116 -4.94 11.89 -0.74
C LEU A 116 -5.99 12.90 -0.22
N PHE A 117 -7.27 12.65 -0.55
CA PHE A 117 -8.39 13.56 -0.17
C PHE A 117 -8.71 13.43 1.34
N ARG A 118 -8.53 12.20 1.87
CA ARG A 118 -8.78 11.89 3.29
C ARG A 118 -7.59 12.33 4.18
N CYS A 119 -6.44 12.60 3.55
CA CYS A 119 -5.21 13.05 4.25
C CYS A 119 -5.44 14.34 5.08
N GLU A 120 -6.32 15.23 4.56
CA GLU A 120 -6.71 16.48 5.28
C GLU A 120 -7.92 16.25 6.23
#